data_3A02
# 
_entry.id   3A02 
# 
_audit_conform.dict_name       mmcif_pdbx.dic 
_audit_conform.dict_version    5.380 
_audit_conform.dict_location   http://mmcif.pdb.org/dictionaries/ascii/mmcif_pdbx.dic 
# 
loop_
_database_2.database_id 
_database_2.database_code 
_database_2.pdbx_database_accession 
_database_2.pdbx_DOI 
PDB   3A02         pdb_00003a02 10.2210/pdb3a02/pdb 
RCSB  RCSB028641   ?            ?                   
WWPDB D_1000028641 ?            ?                   
# 
loop_
_pdbx_database_related.db_name 
_pdbx_database_related.db_id 
_pdbx_database_related.details 
_pdbx_database_related.content_type 
PDB 3A01 'Aristaless and Clawless homeodomains bound to DNA' unspecified 
PDB 3A03 'Hox11L1 homeodomain'                               unspecified 
# 
_pdbx_database_status.entry_id                        3A02 
_pdbx_database_status.deposit_site                    PDBJ 
_pdbx_database_status.process_site                    PDBJ 
_pdbx_database_status.recvd_initial_deposition_date   2009-02-28 
_pdbx_database_status.status_code                     REL 
_pdbx_database_status.status_code_sf                  REL 
_pdbx_database_status.status_code_mr                  ? 
_pdbx_database_status.SG_entry                        ? 
_pdbx_database_status.pdb_format_compatible           Y 
_pdbx_database_status.status_code_cs                  ? 
_pdbx_database_status.status_code_nmr_data            ? 
_pdbx_database_status.methods_development_category    ? 
# 
loop_
_audit_author.name 
_audit_author.pdbx_ordinal 
'Miyazono, K.' 1 
'Nagata, K.'   2 
'Saigo, K.'    3 
'Kojima, T.'   4 
'Tanokura, M.' 5 
# 
_citation.id                        primary 
_citation.title                     'Cooperative DNA-binding and sequence-recognition mechanism of aristaless and clawless' 
_citation.journal_abbrev            'Embo J.' 
_citation.journal_volume            29 
_citation.page_first                1613 
_citation.page_last                 1623 
_citation.year                      2010 
_citation.journal_id_ASTM           EMJODG 
_citation.country                   UK 
_citation.journal_id_ISSN           0261-4189 
_citation.journal_id_CSD            0897 
_citation.book_publisher            ? 
_citation.pdbx_database_id_PubMed   20389279 
_citation.pdbx_database_id_DOI      10.1038/emboj.2010.53 
# 
loop_
_citation_author.citation_id 
_citation_author.name 
_citation_author.ordinal 
_citation_author.identifier_ORCID 
primary 'Miyazono, K.' 1 ? 
primary 'Zhi, Y.'      2 ? 
primary 'Takamura, Y.' 3 ? 
primary 'Nagata, K.'   4 ? 
primary 'Saigo, K.'    5 ? 
primary 'Kojima, T.'   6 ? 
primary 'Tanokura, M.' 7 ? 
# 
_cell.entry_id           3A02 
_cell.length_a           45.810 
_cell.length_b           45.810 
_cell.length_c           48.980 
_cell.angle_alpha        90.00 
_cell.angle_beta         90.00 
_cell.angle_gamma        120.00 
_cell.Z_PDB              6 
_cell.pdbx_unique_axis   ? 
# 
_symmetry.entry_id                         3A02 
_symmetry.space_group_name_H-M             'P 32 2 1' 
_symmetry.pdbx_full_space_group_name_H-M   ? 
_symmetry.cell_setting                     ? 
_symmetry.Int_Tables_number                154 
# 
loop_
_entity.id 
_entity.type 
_entity.src_method 
_entity.pdbx_description 
_entity.formula_weight 
_entity.pdbx_number_of_molecules 
_entity.pdbx_ec 
_entity.pdbx_mutation 
_entity.pdbx_fragment 
_entity.details 
1 polymer     man 'Homeobox protein aristaless' 7301.347 1  ? ? 'Homeobox, residues 91-146' ? 
2 non-polymer syn 'CADMIUM ION'                 112.411  1  ? ? ?                           ? 
3 non-polymer syn 'CHLORIDE ION'                35.453   1  ? ? ?                           ? 
4 water       nat water                         18.015   99 ? ? ?                           ? 
# 
_entity_poly.entity_id                      1 
_entity_poly.type                           'polypeptide(L)' 
_entity_poly.nstd_linkage                   no 
_entity_poly.nstd_monomer                   no 
_entity_poly.pdbx_seq_one_letter_code       GSHMTFTSFQLEELEKAFSRTHYPDVFTREELAMKIGLTEARIQVWFQNRRAKWRKQEKV 
_entity_poly.pdbx_seq_one_letter_code_can   GSHMTFTSFQLEELEKAFSRTHYPDVFTREELAMKIGLTEARIQVWFQNRRAKWRKQEKV 
_entity_poly.pdbx_strand_id                 A 
_entity_poly.pdbx_target_identifier         ? 
# 
loop_
_entity_poly_seq.entity_id 
_entity_poly_seq.num 
_entity_poly_seq.mon_id 
_entity_poly_seq.hetero 
1 1  GLY n 
1 2  SER n 
1 3  HIS n 
1 4  MET n 
1 5  THR n 
1 6  PHE n 
1 7  THR n 
1 8  SER n 
1 9  PHE n 
1 10 GLN n 
1 11 LEU n 
1 12 GLU n 
1 13 GLU n 
1 14 LEU n 
1 15 GLU n 
1 16 LYS n 
1 17 ALA n 
1 18 PHE n 
1 19 SER n 
1 20 ARG n 
1 21 THR n 
1 22 HIS n 
1 23 TYR n 
1 24 PRO n 
1 25 ASP n 
1 26 VAL n 
1 27 PHE n 
1 28 THR n 
1 29 ARG n 
1 30 GLU n 
1 31 GLU n 
1 32 LEU n 
1 33 ALA n 
1 34 MET n 
1 35 LYS n 
1 36 ILE n 
1 37 GLY n 
1 38 LEU n 
1 39 THR n 
1 40 GLU n 
1 41 ALA n 
1 42 ARG n 
1 43 ILE n 
1 44 GLN n 
1 45 VAL n 
1 46 TRP n 
1 47 PHE n 
1 48 GLN n 
1 49 ASN n 
1 50 ARG n 
1 51 ARG n 
1 52 ALA n 
1 53 LYS n 
1 54 TRP n 
1 55 ARG n 
1 56 LYS n 
1 57 GLN n 
1 58 GLU n 
1 59 LYS n 
1 60 VAL n 
# 
_entity_src_gen.entity_id                          1 
_entity_src_gen.pdbx_src_id                        1 
_entity_src_gen.pdbx_alt_source_flag               sample 
_entity_src_gen.pdbx_seq_type                      ? 
_entity_src_gen.pdbx_beg_seq_num                   ? 
_entity_src_gen.pdbx_end_seq_num                   ? 
_entity_src_gen.gene_src_common_name               'Fruit fly' 
_entity_src_gen.gene_src_genus                     ? 
_entity_src_gen.pdbx_gene_src_gene                 'al, CG3935' 
_entity_src_gen.gene_src_species                   ? 
_entity_src_gen.gene_src_strain                    ? 
_entity_src_gen.gene_src_tissue                    ? 
_entity_src_gen.gene_src_tissue_fraction           ? 
_entity_src_gen.gene_src_details                   ? 
_entity_src_gen.pdbx_gene_src_fragment             ? 
_entity_src_gen.pdbx_gene_src_scientific_name      'Drosophila melanogaster' 
_entity_src_gen.pdbx_gene_src_ncbi_taxonomy_id     7227 
_entity_src_gen.pdbx_gene_src_variant              ? 
_entity_src_gen.pdbx_gene_src_cell_line            ? 
_entity_src_gen.pdbx_gene_src_atcc                 ? 
_entity_src_gen.pdbx_gene_src_organ                ? 
_entity_src_gen.pdbx_gene_src_organelle            ? 
_entity_src_gen.pdbx_gene_src_cell                 ? 
_entity_src_gen.pdbx_gene_src_cellular_location    ? 
_entity_src_gen.host_org_common_name               ? 
_entity_src_gen.pdbx_host_org_scientific_name      'Escherichia coli' 
_entity_src_gen.pdbx_host_org_ncbi_taxonomy_id     562 
_entity_src_gen.host_org_genus                     ? 
_entity_src_gen.pdbx_host_org_gene                 ? 
_entity_src_gen.pdbx_host_org_organ                ? 
_entity_src_gen.host_org_species                   ? 
_entity_src_gen.pdbx_host_org_tissue               ? 
_entity_src_gen.pdbx_host_org_tissue_fraction      ? 
_entity_src_gen.pdbx_host_org_strain               ? 
_entity_src_gen.pdbx_host_org_variant              ? 
_entity_src_gen.pdbx_host_org_cell_line            ? 
_entity_src_gen.pdbx_host_org_atcc                 ? 
_entity_src_gen.pdbx_host_org_culture_collection   ? 
_entity_src_gen.pdbx_host_org_cell                 ? 
_entity_src_gen.pdbx_host_org_organelle            ? 
_entity_src_gen.pdbx_host_org_cellular_location    ? 
_entity_src_gen.pdbx_host_org_vector_type          ? 
_entity_src_gen.pdbx_host_org_vector               ? 
_entity_src_gen.host_org_details                   ? 
_entity_src_gen.expression_system_id               ? 
_entity_src_gen.plasmid_name                       ? 
_entity_src_gen.plasmid_details                    ? 
_entity_src_gen.pdbx_description                   ? 
# 
_struct_ref.id                         1 
_struct_ref.db_name                    UNP 
_struct_ref.db_code                    AL_DROME 
_struct_ref.pdbx_db_accession          Q06453 
_struct_ref.entity_id                  1 
_struct_ref.pdbx_seq_one_letter_code   TFTSFQLEELEKAFSRTHYPDVFTREELAMKIGLTEARIQVWFQNRRAKWRKQEKV 
_struct_ref.pdbx_align_begin           91 
_struct_ref.pdbx_db_isoform            ? 
# 
_struct_ref_seq.align_id                      1 
_struct_ref_seq.ref_id                        1 
_struct_ref_seq.pdbx_PDB_id_code              3A02 
_struct_ref_seq.pdbx_strand_id                A 
_struct_ref_seq.seq_align_beg                 5 
_struct_ref_seq.pdbx_seq_align_beg_ins_code   ? 
_struct_ref_seq.seq_align_end                 60 
_struct_ref_seq.pdbx_seq_align_end_ins_code   ? 
_struct_ref_seq.pdbx_db_accession             Q06453 
_struct_ref_seq.db_align_beg                  91 
_struct_ref_seq.pdbx_db_align_beg_ins_code    ? 
_struct_ref_seq.db_align_end                  146 
_struct_ref_seq.pdbx_db_align_end_ins_code    ? 
_struct_ref_seq.pdbx_auth_seq_align_beg       91 
_struct_ref_seq.pdbx_auth_seq_align_end       146 
# 
loop_
_struct_ref_seq_dif.align_id 
_struct_ref_seq_dif.pdbx_pdb_id_code 
_struct_ref_seq_dif.mon_id 
_struct_ref_seq_dif.pdbx_pdb_strand_id 
_struct_ref_seq_dif.seq_num 
_struct_ref_seq_dif.pdbx_pdb_ins_code 
_struct_ref_seq_dif.pdbx_seq_db_name 
_struct_ref_seq_dif.pdbx_seq_db_accession_code 
_struct_ref_seq_dif.db_mon_id 
_struct_ref_seq_dif.pdbx_seq_db_seq_num 
_struct_ref_seq_dif.details 
_struct_ref_seq_dif.pdbx_auth_seq_num 
_struct_ref_seq_dif.pdbx_ordinal 
1 3A02 GLY A 1 ? UNP Q06453 ? ? 'expression tag' 87 1 
1 3A02 SER A 2 ? UNP Q06453 ? ? 'expression tag' 88 2 
1 3A02 HIS A 3 ? UNP Q06453 ? ? 'expression tag' 89 3 
1 3A02 MET A 4 ? UNP Q06453 ? ? 'expression tag' 90 4 
# 
loop_
_chem_comp.id 
_chem_comp.type 
_chem_comp.mon_nstd_flag 
_chem_comp.name 
_chem_comp.pdbx_synonyms 
_chem_comp.formula 
_chem_comp.formula_weight 
ALA 'L-peptide linking' y ALANINE         ? 'C3 H7 N O2'     89.093  
ARG 'L-peptide linking' y ARGININE        ? 'C6 H15 N4 O2 1' 175.209 
ASN 'L-peptide linking' y ASPARAGINE      ? 'C4 H8 N2 O3'    132.118 
ASP 'L-peptide linking' y 'ASPARTIC ACID' ? 'C4 H7 N O4'     133.103 
CD  non-polymer         . 'CADMIUM ION'   ? 'Cd 2'           112.411 
CL  non-polymer         . 'CHLORIDE ION'  ? 'Cl -1'          35.453  
GLN 'L-peptide linking' y GLUTAMINE       ? 'C5 H10 N2 O3'   146.144 
GLU 'L-peptide linking' y 'GLUTAMIC ACID' ? 'C5 H9 N O4'     147.129 
GLY 'peptide linking'   y GLYCINE         ? 'C2 H5 N O2'     75.067  
HIS 'L-peptide linking' y HISTIDINE       ? 'C6 H10 N3 O2 1' 156.162 
HOH non-polymer         . WATER           ? 'H2 O'           18.015  
ILE 'L-peptide linking' y ISOLEUCINE      ? 'C6 H13 N O2'    131.173 
LEU 'L-peptide linking' y LEUCINE         ? 'C6 H13 N O2'    131.173 
LYS 'L-peptide linking' y LYSINE          ? 'C6 H15 N2 O2 1' 147.195 
MET 'L-peptide linking' y METHIONINE      ? 'C5 H11 N O2 S'  149.211 
PHE 'L-peptide linking' y PHENYLALANINE   ? 'C9 H11 N O2'    165.189 
PRO 'L-peptide linking' y PROLINE         ? 'C5 H9 N O2'     115.130 
SER 'L-peptide linking' y SERINE          ? 'C3 H7 N O3'     105.093 
THR 'L-peptide linking' y THREONINE       ? 'C4 H9 N O3'     119.119 
TRP 'L-peptide linking' y TRYPTOPHAN      ? 'C11 H12 N2 O2'  204.225 
TYR 'L-peptide linking' y TYROSINE        ? 'C9 H11 N O3'    181.189 
VAL 'L-peptide linking' y VALINE          ? 'C5 H11 N O2'    117.146 
# 
_exptl.crystals_number   1 
_exptl.entry_id          3A02 
_exptl.method            'X-RAY DIFFRACTION' 
# 
_exptl_crystal.id                    1 
_exptl_crystal.pdbx_mosaicity        ? 
_exptl_crystal.pdbx_mosaicity_esd    ? 
_exptl_crystal.density_Matthews      2.03 
_exptl_crystal.density_diffrn        ? 
_exptl_crystal.density_meas          ? 
_exptl_crystal.density_meas_temp     ? 
_exptl_crystal.density_percent_sol   39.47 
_exptl_crystal.size_max              ? 
_exptl_crystal.size_mid              ? 
_exptl_crystal.size_min              ? 
_exptl_crystal.size_rad              ? 
_exptl_crystal.description           ? 
_exptl_crystal.F_000                 ? 
_exptl_crystal.preparation           ? 
# 
_exptl_crystal_grow.crystal_id      1 
_exptl_crystal_grow.method          'VAPOR DIFFUSION, SITTING DROP' 
_exptl_crystal_grow.pH              4.8 
_exptl_crystal_grow.temp            293 
_exptl_crystal_grow.temp_details    ? 
_exptl_crystal_grow.pdbx_details    
'30% PEG 400, 0.1M Cadmium chloride, 0.1M Acetate, pH 4.8, VAPOR DIFFUSION, SITTING DROP, temperature 293K' 
_exptl_crystal_grow.pdbx_pH_range   ? 
# 
_diffrn.id                     1 
_diffrn.ambient_temp           100 
_diffrn.ambient_temp_details   ? 
_diffrn.crystal_id             1 
# 
_diffrn_detector.diffrn_id              1 
_diffrn_detector.detector               CCD 
_diffrn_detector.type                   'ADSC QUANTUM 210' 
_diffrn_detector.pdbx_collection_date   ? 
_diffrn_detector.details                ? 
# 
_diffrn_radiation.diffrn_id                        1 
_diffrn_radiation.wavelength_id                    1 
_diffrn_radiation.pdbx_diffrn_protocol             'SINGLE WAVELENGTH' 
_diffrn_radiation.monochromator                    ? 
_diffrn_radiation.pdbx_monochromatic_or_laue_m_l   M 
_diffrn_radiation.pdbx_scattering_type             x-ray 
# 
_diffrn_radiation_wavelength.id           1 
_diffrn_radiation_wavelength.wavelength   . 
_diffrn_radiation_wavelength.wt           1.0 
# 
_diffrn_source.diffrn_id                   1 
_diffrn_source.source                      SYNCHROTRON 
_diffrn_source.type                        'PHOTON FACTORY BEAMLINE AR-NW12A' 
_diffrn_source.pdbx_wavelength             ? 
_diffrn_source.pdbx_wavelength_list        ? 
_diffrn_source.pdbx_synchrotron_site       'Photon Factory' 
_diffrn_source.pdbx_synchrotron_beamline   AR-NW12A 
# 
_reflns.entry_id                     3A02 
_reflns.d_resolution_high            1.000 
_reflns.pdbx_number_measured_all     327246 
_reflns.number_obs                   32230 
_reflns.pdbx_Rmerge_I_obs            0.083 
_reflns.pdbx_netI_over_sigmaI        18.230 
_reflns.percent_possible_obs         99.000 
_reflns.B_iso_Wilson_estimate        9.186 
_reflns.Rmerge_F_obs                 0.057 
_reflns.observed_criterion_sigma_I   -3.00 
_reflns.pdbx_Rrim_I_all              0.087 
_reflns.number_all                   ? 
_reflns.observed_criterion_sigma_F   ? 
_reflns.d_resolution_low             39.670 
_reflns.pdbx_Rsym_value              ? 
_reflns.pdbx_redundancy              ? 
_reflns.R_free_details               ? 
_reflns.limit_h_max                  ? 
_reflns.limit_h_min                  ? 
_reflns.limit_k_max                  ? 
_reflns.limit_k_min                  ? 
_reflns.limit_l_max                  ? 
_reflns.limit_l_min                  ? 
_reflns.observed_criterion_F_max     ? 
_reflns.observed_criterion_F_min     ? 
_reflns.pdbx_chi_squared             ? 
_reflns.pdbx_scaling_rejects         ? 
_reflns.pdbx_diffrn_id               1 
_reflns.pdbx_ordinal                 1 
# 
loop_
_reflns_shell.d_res_high 
_reflns_shell.d_res_low 
_reflns_shell.number_measured_obs 
_reflns_shell.number_measured_all 
_reflns_shell.number_unique_obs 
_reflns_shell.pdbx_rejects 
_reflns_shell.Rmerge_I_obs 
_reflns_shell.meanI_over_sigI_obs 
_reflns_shell.pdbx_Rsym_value 
_reflns_shell.pdbx_chi_squared 
_reflns_shell.pdbx_redundancy 
_reflns_shell.percent_possible_obs 
_reflns_shell.pdbx_netI_over_sigmaI_obs 
_reflns_shell.number_possible 
_reflns_shell.number_unique_all 
_reflns_shell.Rmerge_F_all 
_reflns_shell.Rmerge_F_obs 
_reflns_shell.Rmerge_I_all 
_reflns_shell.meanI_over_sigI_all 
_reflns_shell.percent_possible_all 
_reflns_shell.pdbx_Rrim_I_all 
_reflns_shell.pdbx_Rpim_I_all 
_reflns_shell.pdbx_diffrn_id 
_reflns_shell.pdbx_ordinal 
1.00 1.03 23071 ? 2340 ? 0.450 5.8  ? ? ? ? ? 2344 ? ? 0.269 ? ? 99.80  0.48 ? ? 1  
1.03 1.05 23104 ? 2331 ? 0.345 7.2  ? ? ? ? ? 2331 ? ? 0.205 ? ? 100.00 0.36 ? ? 2  
1.05 1.08 22458 ? 2258 ? 0.272 8.7  ? ? ? ? ? 2258 ? ? 0.161 ? ? 100.00 0.29 ? ? 3  
1.08 1.12 22352 ? 2214 ? 0.212 10.6 ? ? ? ? ? 2214 ? ? 0.124 ? ? 100.00 0.22 ? ? 4  
1.12 1.15 21392 ? 2105 ? 0.165 12.9 ? ? ? ? ? 2105 ? ? 0.096 ? ? 100.00 0.17 ? ? 5  
1.15 1.20 20935 ? 2050 ? 0.145 14.4 ? ? ? ? ? 2050 ? ? 0.079 ? ? 100.00 0.15 ? ? 6  
1.20 1.24 20641 ? 2004 ? 0.132 15.4 ? ? ? ? ? 2004 ? ? 0.074 ? ? 100.00 0.14 ? ? 7  
1.24 1.29 19793 ? 1914 ? 0.123 16.7 ? ? ? ? ? 1914 ? ? 0.065 ? ? 100.00 0.13 ? ? 8  
1.29 1.35 19225 ? 1844 ? 0.108 19.0 ? ? ? ? ? 1844 ? ? 0.051 ? ? 100.00 0.11 ? ? 9  
1.35 1.41 18213 ? 1748 ? 0.096 21.0 ? ? ? ? ? 1748 ? ? 0.045 ? ? 100.00 0.10 ? ? 10 
1.41 1.49 17733 ? 1691 ? 0.085 23.1 ? ? ? ? ? 1691 ? ? 0.040 ? ? 100.00 0.09 ? ? 11 
1.49 1.58 16876 ? 1604 ? 0.078 25.3 ? ? ? ? ? 1604 ? ? 0.035 ? ? 100.00 0.08 ? ? 12 
1.58 1.69 15823 ? 1499 ? 0.071 27.5 ? ? ? ? ? 1499 ? ? 0.029 ? ? 100.00 0.07 ? ? 13 
1.69 1.83 14774 ? 1403 ? 0.068 28.9 ? ? ? ? ? 1404 ? ? 0.026 ? ? 99.90  0.07 ? ? 14 
1.83 2.00 13715 ? 1301 ? 0.064 30.5 ? ? ? ? ? 1301 ? ? 0.024 ? ? 100.00 0.07 ? ? 15 
2.00 2.24 12270 ? 1180 ? 0.062 32.0 ? ? ? ? ? 1180 ? ? 0.024 ? ? 100.00 0.06 ? ? 16 
2.24 2.58 10557 ? 1041 ? 0.062 32.6 ? ? ? ? ? 1052 ? ? 0.024 ? ? 99.00  0.07 ? ? 17 
2.58 3.16 8247  ? 869  ? 0.064 31.6 ? ? ? ? ? 892  ? ? 0.024 ? ? 97.40  0.07 ? ? 18 
3.16 4.47 4279  ? 573  ? 0.063 28.1 ? ? ? ? ? 717  ? ? 0.028 ? ? 79.90  0.07 ? ? 19 
4.47 ?    1788  ? 261  ? 0.066 26.2 ? ? ? ? ? 419  ? ? 0.028 ? ? 62.30  0.07 ? ? 20 
# 
_refine.entry_id                                 3A02 
_refine.pdbx_refine_id                           'X-RAY DIFFRACTION' 
_refine.ls_d_res_high                            1.000 
_refine.ls_d_res_low                             13.23 
_refine.pdbx_ls_sigma_F                          0.00 
_refine.pdbx_data_cutoff_high_absF               ? 
_refine.pdbx_data_cutoff_low_absF                ? 
_refine.ls_percent_reflns_obs                    98.950 
_refine.ls_number_reflns_obs                     32228 
_refine.ls_number_reflns_all                     ? 
_refine.pdbx_ls_cross_valid_method               THROUGHOUT 
_refine.ls_matrix_type                           ? 
_refine.pdbx_R_Free_selection_details            RANDOM 
_refine.details                                  ? 
_refine.ls_R_factor_obs                          0.17279 
_refine.ls_R_factor_all                          ? 
_refine.ls_R_factor_R_work                       0.17219 
_refine.ls_R_factor_R_free                       0.18436 
_refine.ls_percent_reflns_R_free                 5.100 
_refine.ls_number_reflns_R_free                  1633 
_refine.ls_number_reflns_R_work                  30595 
_refine.ls_R_factor_R_free_error                 ? 
_refine.B_iso_mean                               10.254 
_refine.solvent_model_param_bsol                 ? 
_refine.solvent_model_param_ksol                 ? 
_refine.pdbx_isotropic_thermal_model             ? 
_refine.aniso_B[1][1]                            0.190 
_refine.aniso_B[2][2]                            0.190 
_refine.aniso_B[3][3]                            -0.290 
_refine.aniso_B[1][2]                            0.100 
_refine.aniso_B[1][3]                            0.000 
_refine.aniso_B[2][3]                            0.000 
_refine.correlation_coeff_Fo_to_Fc               0.950 
_refine.correlation_coeff_Fo_to_Fc_free          0.936 
_refine.overall_SU_R_Cruickshank_DPI             ? 
_refine.overall_SU_R_free                        ? 
_refine.pdbx_overall_ESU_R                       0.024 
_refine.pdbx_overall_ESU_R_Free                  0.025 
_refine.overall_SU_ML                            0.015 
_refine.overall_SU_B                             0.357 
_refine.solvent_model_details                    MASK 
_refine.pdbx_solvent_vdw_probe_radii             1.400 
_refine.pdbx_solvent_ion_probe_radii             0.800 
_refine.pdbx_solvent_shrinkage_radii             0.800 
_refine.ls_number_parameters                     ? 
_refine.ls_number_restraints                     ? 
_refine.pdbx_starting_model                      'PDB ENTRY 1FJL' 
_refine.pdbx_method_to_determine_struct          'MOLECULAR REPLACEMENT' 
_refine.pdbx_stereochemistry_target_values       'MAXIMUM LIKELIHOOD' 
_refine.pdbx_stereochem_target_val_spec_case     ? 
_refine.overall_FOM_work_R_set                   ? 
_refine.B_iso_max                                64.85 
_refine.B_iso_min                                2.00 
_refine.pdbx_overall_phase_error                 ? 
_refine.occupancy_max                            1.00 
_refine.occupancy_min                            0.50 
_refine.pdbx_ls_sigma_I                          ? 
_refine.ls_redundancy_reflns_obs                 ? 
_refine.ls_R_factor_R_free_error_details         ? 
_refine.pdbx_data_cutoff_high_rms_absF           ? 
_refine.overall_FOM_free_R_set                   ? 
_refine.pdbx_diffrn_id                           1 
_refine.pdbx_TLS_residual_ADP_flag               ? 
_refine.pdbx_overall_SU_R_free_Cruickshank_DPI   ? 
_refine.pdbx_overall_SU_R_Blow_DPI               ? 
_refine.pdbx_overall_SU_R_free_Blow_DPI          ? 
# 
_refine_hist.pdbx_refine_id                   'X-RAY DIFFRACTION' 
_refine_hist.cycle_id                         LAST 
_refine_hist.pdbx_number_atoms_protein        431 
_refine_hist.pdbx_number_atoms_nucleic_acid   0 
_refine_hist.pdbx_number_atoms_ligand         2 
_refine_hist.number_atoms_solvent             99 
_refine_hist.number_atoms_total               532 
_refine_hist.d_res_high                       1.000 
_refine_hist.d_res_low                        13.23 
# 
loop_
_refine_ls_restr.pdbx_refine_id 
_refine_ls_restr.type 
_refine_ls_restr.number 
_refine_ls_restr.dev_ideal 
_refine_ls_restr.dev_ideal_target 
_refine_ls_restr.weight 
_refine_ls_restr.pdbx_restraint_function 
'X-RAY DIFFRACTION' r_bond_refined_d       444 0.024  0.022  ? ? 
'X-RAY DIFFRACTION' r_angle_refined_deg    597 1.943  1.920  ? ? 
'X-RAY DIFFRACTION' r_dihedral_angle_1_deg 50  4.300  5.000  ? ? 
'X-RAY DIFFRACTION' r_dihedral_angle_2_deg 23  27.393 22.174 ? ? 
'X-RAY DIFFRACTION' r_dihedral_angle_3_deg 83  13.198 15.000 ? ? 
'X-RAY DIFFRACTION' r_dihedral_angle_4_deg 5   17.137 15.000 ? ? 
'X-RAY DIFFRACTION' r_chiral_restr         64  0.145  0.200  ? ? 
'X-RAY DIFFRACTION' r_gen_planes_refined   331 0.015  0.020  ? ? 
'X-RAY DIFFRACTION' r_mcbond_it            254 0.770  1.500  ? ? 
'X-RAY DIFFRACTION' r_mcangle_it           411 1.595  2.000  ? ? 
'X-RAY DIFFRACTION' r_scbond_it            190 2.941  3.000  ? ? 
'X-RAY DIFFRACTION' r_scangle_it           186 3.961  4.500  ? ? 
# 
_refine_ls_shell.d_res_high                       1.000 
_refine_ls_shell.d_res_low                        1.026 
_refine_ls_shell.pdbx_total_number_of_bins_used   20 
_refine_ls_shell.percent_reflns_obs               99.830 
_refine_ls_shell.number_reflns_R_work             2213 
_refine_ls_shell.R_factor_all                     ? 
_refine_ls_shell.R_factor_R_work                  0.194 
_refine_ls_shell.R_factor_R_free                  0.193 
_refine_ls_shell.percent_reflns_R_free            ? 
_refine_ls_shell.number_reflns_R_free             125 
_refine_ls_shell.R_factor_R_free_error            ? 
_refine_ls_shell.number_reflns_all                2338 
_refine_ls_shell.number_reflns_obs                ? 
_refine_ls_shell.pdbx_refine_id                   'X-RAY DIFFRACTION' 
_refine_ls_shell.redundancy_reflns_obs            ? 
# 
_struct.entry_id                  3A02 
_struct.title                     'Crystal structure of Aristaless homeodomain' 
_struct.pdbx_model_details        ? 
_struct.pdbx_CASP_flag            ? 
_struct.pdbx_model_type_details   ? 
# 
_struct_keywords.entry_id        3A02 
_struct_keywords.pdbx_keywords   'GENE REGULATION' 
_struct_keywords.text            'HOMEODOMAIN, Developmental protein, DNA-binding, Homeobox, Nucleus, Gene Regulation' 
# 
loop_
_struct_asym.id 
_struct_asym.pdbx_blank_PDB_chainid_flag 
_struct_asym.pdbx_modified 
_struct_asym.entity_id 
_struct_asym.details 
A N N 1 ? 
B N N 2 ? 
C N N 3 ? 
D N N 4 ? 
# 
_struct_biol.id        1 
_struct_biol.details   ? 
# 
loop_
_struct_conf.conf_type_id 
_struct_conf.id 
_struct_conf.pdbx_PDB_helix_id 
_struct_conf.beg_label_comp_id 
_struct_conf.beg_label_asym_id 
_struct_conf.beg_label_seq_id 
_struct_conf.pdbx_beg_PDB_ins_code 
_struct_conf.end_label_comp_id 
_struct_conf.end_label_asym_id 
_struct_conf.end_label_seq_id 
_struct_conf.pdbx_end_PDB_ins_code 
_struct_conf.beg_auth_comp_id 
_struct_conf.beg_auth_asym_id 
_struct_conf.beg_auth_seq_id 
_struct_conf.end_auth_comp_id 
_struct_conf.end_auth_asym_id 
_struct_conf.end_auth_seq_id 
_struct_conf.pdbx_PDB_helix_class 
_struct_conf.details 
_struct_conf.pdbx_PDB_helix_length 
HELX_P HELX_P1 1 THR A 7  ? THR A 21 ? THR A 93  THR A 107 1 ? 15 
HELX_P HELX_P2 2 ASP A 25 ? GLY A 37 ? ASP A 111 GLY A 123 1 ? 13 
HELX_P HELX_P3 3 THR A 39 ? ARG A 55 ? THR A 125 ARG A 141 1 ? 17 
# 
_struct_conf_type.id          HELX_P 
_struct_conf_type.criteria    ? 
_struct_conf_type.reference   ? 
# 
loop_
_struct_conn.id 
_struct_conn.conn_type_id 
_struct_conn.pdbx_leaving_atom_flag 
_struct_conn.pdbx_PDB_id 
_struct_conn.ptnr1_label_asym_id 
_struct_conn.ptnr1_label_comp_id 
_struct_conn.ptnr1_label_seq_id 
_struct_conn.ptnr1_label_atom_id 
_struct_conn.pdbx_ptnr1_label_alt_id 
_struct_conn.pdbx_ptnr1_PDB_ins_code 
_struct_conn.pdbx_ptnr1_standard_comp_id 
_struct_conn.ptnr1_symmetry 
_struct_conn.ptnr2_label_asym_id 
_struct_conn.ptnr2_label_comp_id 
_struct_conn.ptnr2_label_seq_id 
_struct_conn.ptnr2_label_atom_id 
_struct_conn.pdbx_ptnr2_label_alt_id 
_struct_conn.pdbx_ptnr2_PDB_ins_code 
_struct_conn.ptnr1_auth_asym_id 
_struct_conn.ptnr1_auth_comp_id 
_struct_conn.ptnr1_auth_seq_id 
_struct_conn.ptnr2_auth_asym_id 
_struct_conn.ptnr2_auth_comp_id 
_struct_conn.ptnr2_auth_seq_id 
_struct_conn.ptnr2_symmetry 
_struct_conn.pdbx_ptnr3_label_atom_id 
_struct_conn.pdbx_ptnr3_label_seq_id 
_struct_conn.pdbx_ptnr3_label_comp_id 
_struct_conn.pdbx_ptnr3_label_asym_id 
_struct_conn.pdbx_ptnr3_label_alt_id 
_struct_conn.pdbx_ptnr3_PDB_ins_code 
_struct_conn.details 
_struct_conn.pdbx_dist_value 
_struct_conn.pdbx_value_order 
_struct_conn.pdbx_role 
metalc1 metalc ? ? B CD . CD ? ? ? 1_555 A GLU 40 OE1 ? ? A CD 1 A GLU 126 1_555 ? ? ? ? ? ? ? 2.269 ? ? 
metalc2 metalc ? ? B CD . CD ? ? ? 1_555 A GLU 40 OE2 ? ? A CD 1 A GLU 126 1_555 ? ? ? ? ? ? ? 2.546 ? ? 
metalc3 metalc ? ? B CD . CD ? ? ? 1_555 A GLN 44 OE1 ? ? A CD 1 A GLN 130 1_555 ? ? ? ? ? ? ? 2.270 ? ? 
# 
_struct_conn_type.id          metalc 
_struct_conn_type.criteria    ? 
_struct_conn_type.reference   ? 
# 
loop_
_struct_site.id 
_struct_site.pdbx_evidence_code 
_struct_site.pdbx_auth_asym_id 
_struct_site.pdbx_auth_comp_id 
_struct_site.pdbx_auth_seq_id 
_struct_site.pdbx_auth_ins_code 
_struct_site.pdbx_num_residues 
_struct_site.details 
AC1 Software A CD 1   ? 4 'BINDING SITE FOR RESIDUE CD A 1'   
AC2 Software A CL 147 ? 4 'BINDING SITE FOR RESIDUE CL A 147' 
# 
loop_
_struct_site_gen.id 
_struct_site_gen.site_id 
_struct_site_gen.pdbx_num_res 
_struct_site_gen.label_comp_id 
_struct_site_gen.label_asym_id 
_struct_site_gen.label_seq_id 
_struct_site_gen.pdbx_auth_ins_code 
_struct_site_gen.auth_comp_id 
_struct_site_gen.auth_asym_id 
_struct_site_gen.auth_seq_id 
_struct_site_gen.label_atom_id 
_struct_site_gen.label_alt_id 
_struct_site_gen.symmetry 
_struct_site_gen.details 
1 AC1 4 GLU A 30 ? GLU A 116 . ? 6_765 ? 
2 AC1 4 GLU A 40 ? GLU A 126 . ? 1_555 ? 
3 AC1 4 GLN A 44 ? GLN A 130 . ? 1_555 ? 
4 AC1 4 CL  C .  ? CL  A 147 . ? 1_555 ? 
5 AC2 4 CD  B .  ? CD  A 1   . ? 1_555 ? 
6 AC2 4 GLU A 40 ? GLU A 126 . ? 6_765 ? 
7 AC2 4 GLU A 40 ? GLU A 126 . ? 1_555 ? 
8 AC2 4 GLN A 44 ? GLN A 130 . ? 1_555 ? 
# 
_atom_sites.entry_id                    3A02 
_atom_sites.fract_transf_matrix[1][1]   -0.01578579 
_atom_sites.fract_transf_matrix[1][2]   0.01762353 
_atom_sites.fract_transf_matrix[1][3]   -0.00869259 
_atom_sites.fract_transf_matrix[2][1]   -0.02370697 
_atom_sites.fract_transf_matrix[2][2]   0.00098595 
_atom_sites.fract_transf_matrix[2][3]   0.00850587 
_atom_sites.fract_transf_matrix[3][1]   0.00588018 
_atom_sites.fract_transf_matrix[3][2]   0.01262858 
_atom_sites.fract_transf_matrix[3][3]   0.01492500 
_atom_sites.fract_transf_vector[1]      0.868722 
_atom_sites.fract_transf_vector[2]      0.387503 
_atom_sites.fract_transf_vector[3]      0.126158 
# 
loop_
_atom_type.symbol 
C  
CD 
CL 
N  
O  
S  
# 
loop_
_atom_site.group_PDB 
_atom_site.id 
_atom_site.type_symbol 
_atom_site.label_atom_id 
_atom_site.label_alt_id 
_atom_site.label_comp_id 
_atom_site.label_asym_id 
_atom_site.label_entity_id 
_atom_site.label_seq_id 
_atom_site.pdbx_PDB_ins_code 
_atom_site.Cartn_x 
_atom_site.Cartn_y 
_atom_site.Cartn_z 
_atom_site.occupancy 
_atom_site.B_iso_or_equiv 
_atom_site.pdbx_formal_charge 
_atom_site.auth_seq_id 
_atom_site.auth_comp_id 
_atom_site.auth_asym_id 
_atom_site.auth_atom_id 
_atom_site.pdbx_PDB_model_num 
ATOM   1   N  N   . THR A 1 5  ? -12.013 -4.064  6.040   1.00 30.19 ? 91  THR A N   1 
ATOM   2   C  CA  . THR A 1 5  ? -11.344 -4.984  5.101   1.00 26.95 ? 91  THR A CA  1 
ATOM   3   C  C   . THR A 1 5  ? -11.206 -4.260  3.807   1.00 21.13 ? 91  THR A C   1 
ATOM   4   O  O   . THR A 1 5  ? -12.139 -3.533  3.365   1.00 21.88 ? 91  THR A O   1 
ATOM   5   C  CB  . THR A 1 5  ? -12.249 -6.234  4.891   1.00 32.60 ? 91  THR A CB  1 
ATOM   6   O  OG1 . THR A 1 5  ? -11.599 -7.214  4.082   1.00 38.20 ? 91  THR A OG1 1 
ATOM   7   C  CG2 . THR A 1 5  ? -13.585 -5.834  4.217   1.00 38.93 ? 91  THR A CG2 1 
ATOM   8   N  N   . PHE A 1 6  ? -10.068 -4.444  3.193   1.00 18.16 ? 92  PHE A N   1 
ATOM   9   C  CA  . PHE A 1 6  ? -9.751  -3.858  1.876   1.00 14.24 ? 92  PHE A CA  1 
ATOM   10  C  C   . PHE A 1 6  ? -10.646 -4.351  0.810   1.00 13.21 ? 92  PHE A C   1 
ATOM   11  O  O   . PHE A 1 6  ? -10.897 -5.534  0.746   1.00 17.94 ? 92  PHE A O   1 
ATOM   12  C  CB  . PHE A 1 6  ? -8.302  -4.227  1.540   1.00 15.19 ? 92  PHE A CB  1 
ATOM   13  C  CG  . PHE A 1 6  ? -7.320  -3.711  2.549   1.00 16.94 ? 92  PHE A CG  1 
ATOM   14  C  CD1 . PHE A 1 6  ? -6.850  -2.435  2.495   1.00 15.53 ? 92  PHE A CD1 1 
ATOM   15  C  CD2 . PHE A 1 6  ? -6.839  -4.534  3.599   1.00 19.52 ? 92  PHE A CD2 1 
ATOM   16  C  CE1 . PHE A 1 6  ? -5.859  -1.913  3.419   1.00 21.23 ? 92  PHE A CE1 1 
ATOM   17  C  CE2 . PHE A 1 6  ? -5.897  -4.013  4.587   1.00 21.72 ? 92  PHE A CE2 1 
ATOM   18  C  CZ  . PHE A 1 6  ? -5.435  -2.723  4.493   1.00 21.24 ? 92  PHE A CZ  1 
ATOM   19  N  N   . THR A 1 7  ? -11.050 -3.472  -0.066  1.00 11.01 ? 93  THR A N   1 
ATOM   20  C  CA  . THR A 1 7  ? -11.757 -3.929  -1.268  1.00 12.07 ? 93  THR A CA  1 
ATOM   21  C  C   . THR A 1 7  ? -10.785 -4.620  -2.266  1.00 11.94 ? 93  THR A C   1 
ATOM   22  O  O   . THR A 1 7  ? -9.538  -4.459  -2.148  1.00 11.33 ? 93  THR A O   1 
ATOM   23  C  CB  . THR A 1 7  ? -12.414 -2.747  -2.032  1.00 12.01 ? 93  THR A CB  1 
ATOM   24  O  OG1 . THR A 1 7  ? -11.329 -1.914  -2.466  1.00 9.84  ? 93  THR A OG1 1 
ATOM   25  C  CG2 . THR A 1 7  ? -13.335 -1.964  -1.030  1.00 12.47 ? 93  THR A CG2 1 
ATOM   26  N  N   . SER A 1 8  ? -11.280 -5.333  -3.261  1.00 12.86 ? 94  SER A N   1 
ATOM   27  C  CA  . SER A 1 8  ? -10.430 -5.943  -4.234  1.00 13.14 ? 94  SER A CA  1 
ATOM   28  C  C   . SER A 1 8  ? -9.602  -4.880  -4.983  1.00 10.91 ? 94  SER A C   1 
ATOM   29  O  O   . SER A 1 8  ? -8.442  -5.102  -5.228  1.00 11.54 ? 94  SER A O   1 
ATOM   30  C  CB  . SER A 1 8  ? -11.225 -6.809  -5.236  1.00 16.08 ? 94  SER A CB  1 
ATOM   31  O  OG  . SER A 1 8  ? -11.785 -7.861  -4.557  1.00 21.13 ? 94  SER A OG  1 
ATOM   32  N  N   . PHE A 1 9  ? -10.210 -3.738  -5.366  1.00 10.42 ? 95  PHE A N   1 
ATOM   33  C  CA  . PHE A 1 9  ? -9.495  -2.759  -6.107  1.00 9.47  ? 95  PHE A CA  1 
ATOM   34  C  C   . PHE A 1 9  ? -8.383  -2.147  -5.217  1.00 8.31  ? 95  PHE A C   1 
ATOM   35  O  O   . PHE A 1 9  ? -7.365  -1.735  -5.750  1.00 8.90  ? 95  PHE A O   1 
ATOM   36  C  CB  . PHE A 1 9  ? -10.383 -1.698  -6.765  1.00 10.34 ? 95  PHE A CB  1 
ATOM   37  C  CG  . PHE A 1 9  ? -11.112 -0.744  -5.808  1.00 10.10 ? 95  PHE A CG  1 
ATOM   38  C  CD1 . PHE A 1 9  ? -12.428 -0.970  -5.447  1.00 11.63 ? 95  PHE A CD1 1 
ATOM   39  C  CD2 . PHE A 1 9  ? -10.430 0.404   -5.316  1.00 9.41  ? 95  PHE A CD2 1 
ATOM   40  C  CE1 . PHE A 1 9  ? -13.084 -0.070  -4.586  1.00 12.33 ? 95  PHE A CE1 1 
ATOM   41  C  CE2 . PHE A 1 9  ? -11.118 1.278   -4.463  1.00 10.14 ? 95  PHE A CE2 1 
ATOM   42  C  CZ  . PHE A 1 9  ? -12.472 1.005   -4.107  1.00 10.76 ? 95  PHE A CZ  1 
ATOM   43  N  N   . GLN A 1 10 ? -8.636  -2.008  -3.904  1.00 5.71  ? 96  GLN A N   1 
ATOM   44  C  CA  . GLN A 1 10 ? -7.612  -1.483  -3.013  1.00 6.04  ? 96  GLN A CA  1 
ATOM   45  C  C   . GLN A 1 10 ? -6.432  -2.490  -2.909  1.00 5.53  ? 96  GLN A C   1 
ATOM   46  O  O   . GLN A 1 10 ? -5.280  -2.126  -3.073  1.00 6.13  ? 96  GLN A O   1 
ATOM   47  C  CB  . GLN A 1 10 ? -8.195  -1.232  -1.624  1.00 6.25  ? 96  GLN A CB  1 
ATOM   48  C  CG  . GLN A 1 10 ? -9.018  0.057   -1.628  1.00 6.78  ? 96  GLN A CG  1 
ATOM   49  C  CD  . GLN A 1 10 ? -9.979  0.184   -0.476  1.00 7.54  ? 96  GLN A CD  1 
ATOM   50  O  OE1 . GLN A 1 10 ? -10.181 -0.767  0.354   1.00 7.85  ? 96  GLN A OE1 1 
ATOM   51  N  NE2 . GLN A 1 10 ? -10.687 1.309   -0.473  1.00 8.35  ? 96  GLN A NE2 1 
ATOM   52  N  N   . LEU A 1 11 ? -6.745  -3.778  -2.677  1.00 6.08  ? 97  LEU A N   1 
ATOM   53  C  CA  . LEU A 1 11 ? -5.694  -4.771  -2.566  1.00 6.42  ? 97  LEU A CA  1 
ATOM   54  C  C   . LEU A 1 11 ? -4.921  -4.870  -3.867  1.00 6.21  ? 97  LEU A C   1 
ATOM   55  O  O   . LEU A 1 11 ? -3.683  -5.013  -3.882  1.00 6.51  ? 97  LEU A O   1 
ATOM   56  C  CB  . LEU A 1 11 ? -6.280  -6.133  -2.158  1.00 6.73  ? 97  LEU A CB  1 
ATOM   57  C  CG  . LEU A 1 11 ? -5.287  -7.237  -1.841  1.00 11.98 ? 97  LEU A CG  1 
ATOM   58  C  CD1 . LEU A 1 11 ? -4.160  -6.912  -0.915  1.00 12.74 ? 97  LEU A CD1 1 
ATOM   59  C  CD2 . LEU A 1 11 ? -6.114  -8.495  -1.363  1.00 13.64 ? 97  LEU A CD2 1 
ATOM   60  N  N   . GLU A 1 12 ? -5.626  -4.811  -5.016  1.00 6.50  ? 98  GLU A N   1 
ATOM   61  C  CA  . GLU A 1 12 ? -4.929  -4.842  -6.302  1.00 7.16  ? 98  GLU A CA  1 
ATOM   62  C  C   . GLU A 1 12 ? -3.951  -3.725  -6.461  1.00 6.08  ? 98  GLU A C   1 
ATOM   63  O  O   . GLU A 1 12 ? -2.801  -3.931  -6.866  1.00 7.11  ? 98  GLU A O   1 
ATOM   64  C  CB  . GLU A 1 12 ? -5.969  -4.827  -7.411  1.00 8.71  ? 98  GLU A CB  1 
ATOM   65  C  CG  . GLU A 1 12 ? -5.325  -4.787  -8.781  1.00 11.35 ? 98  GLU A CG  1 
ATOM   66  C  CD  . GLU A 1 12 ? -6.265  -5.297  -9.880  1.00 22.45 ? 98  GLU A CD  1 
ATOM   67  O  OE1 . GLU A 1 12 ? -7.013  -6.233  -9.662  1.00 22.98 ? 98  GLU A OE1 1 
ATOM   68  O  OE2 . GLU A 1 12 ? -6.270  -4.723  -10.991 1.00 31.23 ? 98  GLU A OE2 1 
ATOM   69  N  N   . GLU A 1 13 ? -4.365  -2.494  -6.137  1.00 6.48  ? 99  GLU A N   1 
ATOM   70  C  CA  . GLU A 1 13 ? -3.434  -1.364  -6.270  1.00 6.19  ? 99  GLU A CA  1 
ATOM   71  C  C   . GLU A 1 13 ? -2.244  -1.451  -5.284  1.00 5.76  ? 99  GLU A C   1 
ATOM   72  O  O   . GLU A 1 13 ? -1.134  -1.072  -5.638  1.00 6.13  ? 99  GLU A O   1 
ATOM   73  C  CB  . GLU A 1 13 ? -4.186  -0.033  -6.122  1.00 7.11  ? 99  GLU A CB  1 
ATOM   74  C  CG  . GLU A 1 13 ? -5.127  0.270   -7.185  1.00 9.81  ? 99  GLU A CG  1 
ATOM   75  C  CD  . GLU A 1 13 ? -4.564  0.353   -8.562  1.00 13.74 ? 99  GLU A CD  1 
ATOM   76  O  OE1 . GLU A 1 13 ? -3.571  1.083   -8.664  1.00 20.74 ? 99  GLU A OE1 1 
ATOM   77  O  OE2 . GLU A 1 13 ? -4.968  -0.433  -9.457  1.00 21.83 ? 99  GLU A OE2 1 
ATOM   78  N  N   . LEU A 1 14 ? -2.537  -1.935  -4.089  1.00 5.67  ? 100 LEU A N   1 
ATOM   79  C  CA  . LEU A 1 14 ? -1.484  -2.081  -3.081  1.00 5.81  ? 100 LEU A CA  1 
ATOM   80  C  C   . LEU A 1 14 ? -0.439  -3.133  -3.547  1.00 6.02  ? 100 LEU A C   1 
ATOM   81  O  O   . LEU A 1 14 ? 0.771   -2.907  -3.456  1.00 6.28  ? 100 LEU A O   1 
ATOM   82  C  CB  . LEU A 1 14 ? -2.076  -2.483  -1.738  1.00 5.95  ? 100 LEU A CB  1 
ATOM   83  C  CG  . LEU A 1 14 ? -2.825  -1.359  -1.032  1.00 6.90  ? 100 LEU A CG  1 
ATOM   84  C  CD1 . LEU A 1 14 ? -3.738  -1.994  0.083   1.00 8.36  ? 100 LEU A CD1 1 
ATOM   85  C  CD2 . LEU A 1 14 ? -1.815  -0.418  -0.443  1.00 9.27  ? 100 LEU A CD2 1 
ATOM   86  N  N   . GLU A 1 15 ? -0.935  -4.268  -4.086  1.00 5.41  ? 101 GLU A N   1 
ATOM   87  C  CA  . GLU A 1 15 ? -0.018  -5.292  -4.595  1.00 5.30  ? 101 GLU A CA  1 
ATOM   88  C  C   . GLU A 1 15 ? 0.732   -4.829  -5.826  1.00 5.26  ? 101 GLU A C   1 
ATOM   89  O  O   . GLU A 1 15 ? 1.919   -5.158  -5.966  1.00 5.75  ? 101 GLU A O   1 
ATOM   90  C  CB  . GLU A 1 15 ? -0.751  -6.593  -4.853  1.00 5.62  ? 101 GLU A CB  1 
ATOM   91  C  CG  . GLU A 1 15 ? -1.216  -7.277  -3.547  1.00 5.80  ? 101 GLU A CG  1 
ATOM   92  C  CD  . GLU A 1 15 ? -1.767  -8.642  -3.737  1.00 6.30  ? 101 GLU A CD  1 
ATOM   93  O  OE1 . GLU A 1 15 ? -1.782  -9.398  -2.725  1.00 7.10  ? 101 GLU A OE1 1 
ATOM   94  O  OE2 . GLU A 1 15 ? -2.226  -8.977  -4.881  1.00 6.80  ? 101 GLU A OE2 1 
ATOM   95  N  N   . LYS A 1 16 ? 0.078   -4.098  -6.720  1.00 5.62  ? 102 LYS A N   1 
ATOM   96  C  CA  . LYS A 1 16 ? 0.816   -3.552  -7.866  1.00 5.74  ? 102 LYS A CA  1 
ATOM   97  C  C   . LYS A 1 16 ? 1.946   -2.620  -7.394  1.00 5.62  ? 102 LYS A C   1 
ATOM   98  O  O   . LYS A 1 16 ? 3.050   -2.668  -7.925  1.00 6.73  ? 102 LYS A O   1 
ATOM   99  C  CB  . LYS A 1 16 ? -0.105  -2.796  -8.808  1.00 7.63  ? 102 LYS A CB  1 
ATOM   100 C  CG  . LYS A 1 16 ? -1.008  -3.740  -9.635  1.00 8.58  ? 102 LYS A CG  1 
ATOM   101 C  CD  . LYS A 1 16 ? -2.091  -2.909  -10.450 1.00 14.15 ? 102 LYS A CD  1 
ATOM   102 C  CE  . LYS A 1 16 ? -2.784  -3.803  -11.437 1.00 20.37 ? 102 LYS A CE  1 
ATOM   103 N  NZ  . LYS A 1 16 ? -1.713  -4.202  -12.470 1.00 33.34 ? 102 LYS A NZ  1 
ATOM   104 N  N   . ALA A 1 17 ? 1.663   -1.793  -6.377  1.00 5.77  ? 103 ALA A N   1 
ATOM   105 C  CA  . ALA A 1 17 ? 2.708   -0.929  -5.858  1.00 5.82  ? 103 ALA A CA  1 
ATOM   106 C  C   . ALA A 1 17 ? 3.852   -1.746  -5.217  1.00 5.50  ? 103 ALA A C   1 
ATOM   107 O  O   . ALA A 1 17 ? 5.030   -1.439  -5.422  1.00 6.56  ? 103 ALA A O   1 
ATOM   108 C  CB  . ALA A 1 17 ? 2.123   0.052   -4.839  1.00 6.60  ? 103 ALA A CB  1 
ATOM   109 N  N   . PHE A 1 18 ? 3.473   -2.755  -4.429  1.00 5.23  ? 104 PHE A N   1 
ATOM   110 C  CA  . PHE A 1 18 ? 4.462   -3.604  -3.732  1.00 5.45  ? 104 PHE A CA  1 
ATOM   111 C  C   . PHE A 1 18 ? 5.342   -4.366  -4.739  1.00 5.77  ? 104 PHE A C   1 
ATOM   112 O  O   . PHE A 1 18 ? 6.484   -4.608  -4.486  1.00 6.99  ? 104 PHE A O   1 
ATOM   113 C  CB  . PHE A 1 18 ? 3.727   -4.509  -2.792  1.00 5.38  ? 104 PHE A CB  1 
ATOM   114 C  CG  . PHE A 1 18 ? 4.582   -5.048  -1.608  1.00 5.77  ? 104 PHE A CG  1 
ATOM   115 C  CD1 . PHE A 1 18 ? 5.204   -4.158  -0.741  1.00 6.32  ? 104 PHE A CD1 1 
ATOM   116 C  CD2 . PHE A 1 18 ? 4.665   -6.387  -1.340  1.00 7.31  ? 104 PHE A CD2 1 
ATOM   117 C  CE1 . PHE A 1 18 ? 5.907   -4.621  0.382   1.00 6.55  ? 104 PHE A CE1 1 
ATOM   118 C  CE2 . PHE A 1 18 ? 5.404   -6.839  -0.203  1.00 7.69  ? 104 PHE A CE2 1 
ATOM   119 C  CZ  . PHE A 1 18 ? 5.990   -5.892  0.611   1.00 7.84  ? 104 PHE A CZ  1 
ATOM   120 N  N   . SER A 1 19 ? 4.746   -4.711  -5.890  1.00 5.87  ? 105 SER A N   1 
ATOM   121 C  CA  . SER A 1 19 ? 5.493   -5.435  -6.909  1.00 6.88  ? 105 SER A CA  1 
ATOM   122 C  C   . SER A 1 19 ? 6.491   -4.549  -7.629  1.00 6.51  ? 105 SER A C   1 
ATOM   123 O  O   . SER A 1 19 ? 7.372   -5.061  -8.291  1.00 9.20  ? 105 SER A O   1 
ATOM   124 C  CB  . SER A 1 19 ? 4.566   -6.125  -7.889  1.00 8.29  ? 105 SER A CB  1 
ATOM   125 O  OG  . SER A 1 19 ? 3.928   -7.260  -7.244  1.00 8.74  ? 105 SER A OG  1 
ATOM   126 N  N   . ARG A 1 20 ? 6.355   -3.230  -7.527  1.00 11.08 ? 106 ARG A N   1 
ATOM   127 C  CA  . ARG A 1 20 ? 7.352   -2.303  -8.029  1.00 11.49 ? 106 ARG A CA  1 
ATOM   128 C  C   . ARG A 1 20 ? 8.485   -2.057  -7.024  1.00 10.92 ? 106 ARG A C   1 
ATOM   129 O  O   . ARG A 1 20 ? 9.637   -1.946  -7.401  1.00 11.70 ? 106 ARG A O   1 
ATOM   130 C  CB  . ARG A 1 20 ? 6.670   -0.966  -8.396  1.00 13.32 ? 106 ARG A CB  1 
ATOM   131 C  CG  . ARG A 1 20 ? 5.667   -1.017  -9.523  1.00 16.86 ? 106 ARG A CG  1 
ATOM   132 C  CD  . ARG A 1 20 ? 4.868   0.345   -9.624  1.00 22.45 ? 106 ARG A CD  1 
ATOM   133 N  NE  . ARG A 1 20 ? 3.709   0.077   -10.492 1.00 24.06 ? 106 ARG A NE  1 
ATOM   134 C  CZ  . ARG A 1 20 ? 2.420   0.238   -10.165 1.00 23.85 ? 106 ARG A CZ  1 
ATOM   135 N  NH1 . ARG A 1 20 ? 1.541   -0.125  -11.073 1.00 26.89 ? 106 ARG A NH1 1 
ATOM   136 N  NH2 . ARG A 1 20 ? 1.985   0.730   -8.992  1.00 21.05 ? 106 ARG A NH2 1 
ATOM   137 N  N   . THR A 1 21 ? 8.133   -1.968  -5.764  1.00 9.94  ? 107 THR A N   1 
ATOM   138 C  CA  . THR A 1 21 ? 9.128   -1.755  -4.679  1.00 9.85  ? 107 THR A CA  1 
ATOM   139 C  C   . THR A 1 21 ? 8.487   -2.151  -3.384  1.00 9.30  ? 107 THR A C   1 
ATOM   140 O  O   . THR A 1 21 ? 7.304   -1.831  -3.103  1.00 9.51  ? 107 THR A O   1 
ATOM   141 C  CB  . THR A 1 21 ? 9.672   -0.348  -4.558  1.00 11.32 ? 107 THR A CB  1 
ATOM   142 O  OG1 . THR A 1 21 ? 10.504  -0.256  -3.358  1.00 12.90 ? 107 THR A OG1 1 
ATOM   143 C  CG2 . THR A 1 21 ? 8.587   0.756   -4.412  1.00 13.56 ? 107 THR A CG2 1 
ATOM   144 N  N   . HIS A 1 22 ? 9.214   -2.851  -2.557  1.00 9.61  ? 108 HIS A N   1 
ATOM   145 C  CA  . HIS A 1 22 ? 8.797   -3.133  -1.226  1.00 9.28  ? 108 HIS A CA  1 
ATOM   146 C  C   . HIS A 1 22 ? 8.858   -1.987  -0.267  1.00 9.36  ? 108 HIS A C   1 
ATOM   147 O  O   . HIS A 1 22 ? 8.309   -2.076  0.849   1.00 9.58  ? 108 HIS A O   1 
ATOM   148 C  CB  . HIS A 1 22 ? 9.501   -4.334  -0.602  1.00 10.73 ? 108 HIS A CB  1 
ATOM   149 C  CG  . HIS A 1 22 ? 9.078   -5.642  -1.263  1.00 9.94  ? 108 HIS A CG  1 
ATOM   150 N  ND1 . HIS A 1 22 ? 9.615   -6.876  -0.909  1.00 12.18 ? 108 HIS A ND1 1 
ATOM   151 C  CD2 . HIS A 1 22 ? 8.112   -5.904  -2.177  1.00 9.84  ? 108 HIS A CD2 1 
ATOM   152 C  CE1 . HIS A 1 22 ? 9.029   -7.824  -1.594  1.00 13.21 ? 108 HIS A CE1 1 
ATOM   153 N  NE2 . HIS A 1 22 ? 8.118   -7.272  -2.365  1.00 11.18 ? 108 HIS A NE2 1 
ATOM   154 N  N   . TYR A 1 23 ? 9.415   -0.828  -0.669  1.00 9.19  ? 109 TYR A N   1 
ATOM   155 C  CA  . TYR A 1 23 ? 9.617   0.325   0.176   1.00 9.11  ? 109 TYR A CA  1 
ATOM   156 C  C   . TYR A 1 23 ? 9.040   1.556   -0.529  1.00 9.71  ? 109 TYR A C   1 
ATOM   157 O  O   . TYR A 1 23 ? 9.780   2.529   -0.730  1.00 12.98 ? 109 TYR A O   1 
ATOM   158 C  CB  . TYR A 1 23 ? 11.100  0.502   0.550   1.00 11.38 ? 109 TYR A CB  1 
ATOM   159 C  CG  . TYR A 1 23 ? 11.675  -0.719  1.351   1.00 12.00 ? 109 TYR A CG  1 
ATOM   160 C  CD1 . TYR A 1 23 ? 11.617  -0.702  2.785   1.00 13.39 ? 109 TYR A CD1 1 
ATOM   161 C  CD2 . TYR A 1 23 ? 12.084  -1.876  0.757   1.00 13.33 ? 109 TYR A CD2 1 
ATOM   162 C  CE1 . TYR A 1 23 ? 12.000  -1.766  3.621   1.00 13.88 ? 109 TYR A CE1 1 
ATOM   163 C  CE2 . TYR A 1 23 ? 12.552  -2.937  1.603   1.00 14.02 ? 109 TYR A CE2 1 
ATOM   164 C  CZ  . TYR A 1 23 ? 12.435  -2.841  2.985   1.00 14.20 ? 109 TYR A CZ  1 
ATOM   165 O  OH  . TYR A 1 23 ? 12.833  -3.926  3.726   1.00 18.59 ? 109 TYR A OH  1 
ATOM   166 N  N   . PRO A 1 24 ? 7.777   1.650   -0.804  1.00 9.35  ? 110 PRO A N   1 
ATOM   167 C  CA  . PRO A 1 24 ? 7.271   2.864   -1.450  1.00 9.36  ? 110 PRO A CA  1 
ATOM   168 C  C   . PRO A 1 24 ? 7.426   4.065   -0.531  1.00 10.63 ? 110 PRO A C   1 
ATOM   169 O  O   . PRO A 1 24 ? 7.154   3.968   0.696   1.00 11.35 ? 110 PRO A O   1 
ATOM   170 C  CB  . PRO A 1 24 ? 5.779   2.564   -1.653  1.00 11.12 ? 110 PRO A CB  1 
ATOM   171 C  CG  . PRO A 1 24 ? 5.479   1.573   -0.610  1.00 15.06 ? 110 PRO A CG  1 
ATOM   172 C  CD  . PRO A 1 24 ? 6.724   0.616   -0.609  1.00 10.27 ? 110 PRO A CD  1 
ATOM   173 N  N   . ASP A 1 25 ? 7.812   5.168   -1.121  1.00 9.46  ? 111 ASP A N   1 
ATOM   174 C  CA  . ASP A 1 25 ? 8.002   6.383   -0.350  1.00 9.55  ? 111 ASP A CA  1 
ATOM   175 C  C   . ASP A 1 25 ? 6.722   7.135   -0.012  1.00 7.65  ? 111 ASP A C   1 
ATOM   176 O  O   . ASP A 1 25 ? 5.644   6.731   -0.477  1.00 7.42  ? 111 ASP A O   1 
ATOM   177 C  CB  . ASP A 1 25 ? 9.033   7.280   -1.009  1.00 11.85 ? 111 ASP A CB  1 
ATOM   178 C  CG  . ASP A 1 25 ? 8.635   7.798   -2.346  1.00 12.54 ? 111 ASP A CG  1 
ATOM   179 O  OD1 . ASP A 1 25 ? 9.497   8.262   -3.182  1.00 18.83 ? 111 ASP A OD1 1 
ATOM   180 O  OD2 . ASP A 1 25 ? 7.414   7.906   -2.662  1.00 14.07 ? 111 ASP A OD2 1 
ATOM   181 N  N   . VAL A 1 26 ? 6.844   8.203   0.764   1.00 7.98  ? 112 VAL A N   1 
ATOM   182 C  CA  . VAL A 1 26 ? 5.590   8.795   1.229   1.00 7.77  ? 112 VAL A CA  1 
ATOM   183 C  C   . VAL A 1 26 ? 4.804   9.421   0.112   1.00 6.75  ? 112 VAL A C   1 
ATOM   184 O  O   . VAL A 1 26 ? 3.556   9.439   0.142   1.00 6.98  ? 112 VAL A O   1 
ATOM   185 C  CB  . VAL A 1 26 ? 5.819   9.808   2.371   1.00 9.33  ? 112 VAL A CB  1 
ATOM   186 C  CG1 . VAL A 1 26 ? 6.642   11.079  1.912   1.00 12.66 ? 112 VAL A CG1 1 
ATOM   187 C  CG2 . VAL A 1 26 ? 4.494   10.168  3.033   1.00 10.55 ? 112 VAL A CG2 1 
ATOM   188 N  N   . PHE A 1 27 ? 5.465   9.959   -0.912  1.00 8.02  ? 113 PHE A N   1 
ATOM   189 C  CA  . PHE A 1 27 ? 4.731   10.577  -2.032  1.00 8.84  ? 113 PHE A CA  1 
ATOM   190 C  C   . PHE A 1 27 ? 3.926   9.486   -2.717  1.00 7.90  ? 113 PHE A C   1 
ATOM   191 O  O   . PHE A 1 27 ? 2.747   9.699   -3.055  1.00 8.10  ? 113 PHE A O   1 
ATOM   192 C  CB  . PHE A 1 27 ? 5.719   11.238  -3.008  1.00 10.91 ? 113 PHE A CB  1 
ATOM   193 C  CG  . PHE A 1 27 ? 6.485   12.461  -2.399  1.00 21.98 ? 113 PHE A CG  1 
ATOM   194 N  N   . THR A 1 28 ? 4.551   8.302   -2.956  1.00 7.42  ? 114 THR A N   1 
ATOM   195 C  CA  . THR A 1 28 ? 3.826   7.210   -3.605  1.00 8.06  ? 114 THR A CA  1 
ATOM   196 C  C   . THR A 1 28 ? 2.658   6.779   -2.756  1.00 6.59  ? 114 THR A C   1 
ATOM   197 O  O   . THR A 1 28 ? 1.553   6.487   -3.219  1.00 7.23  ? 114 THR A O   1 
ATOM   198 C  CB  . THR A 1 28 ? 4.786   6.054   -3.855  1.00 8.89  ? 114 THR A CB  1 
ATOM   199 O  OG1 . THR A 1 28 ? 5.812   6.537   -4.747  1.00 11.46 ? 114 THR A OG1 1 
ATOM   200 C  CG2 . THR A 1 28 ? 4.105   4.835   -4.482  1.00 10.71 ? 114 THR A CG2 1 
ATOM   201 N  N   . ARG A 1 29 ? 2.903   6.646   -1.426  1.00 6.28  ? 115 ARG A N   1 
ATOM   202 C  CA  . ARG A 1 29 ? 1.839   6.211   -0.525  1.00 5.75  ? 115 ARG A CA  1 
ATOM   203 C  C   . ARG A 1 29 ? 0.657   7.194   -0.514  1.00 5.13  ? 115 ARG A C   1 
ATOM   204 O  O   . ARG A 1 29 ? -0.489  6.784   -0.461  1.00 5.78  ? 115 ARG A O   1 
ATOM   205 C  CB  . ARG A 1 29 ? 2.315   5.993   0.887   1.00 5.72  ? 115 ARG A CB  1 
ATOM   206 C  CG  . ARG A 1 29 ? 3.390   4.910   1.053   1.00 6.44  ? 115 ARG A CG  1 
ATOM   207 C  CD  . ARG A 1 29 ? 3.627   4.569   2.515   1.00 6.79  ? 115 ARG A CD  1 
ATOM   208 N  NE  . ARG A 1 29 ? 4.045   5.736   3.338   1.00 6.13  ? 115 ARG A NE  1 
ATOM   209 C  CZ  . ARG A 1 29 ? 5.299   6.034   3.644   1.00 6.30  ? 115 ARG A CZ  1 
ATOM   210 N  NH1 . ARG A 1 29 ? 6.314   5.412   3.052   1.00 7.82  ? 115 ARG A NH1 1 
ATOM   211 N  NH2 . ARG A 1 29 ? 5.531   6.991   4.517   1.00 7.51  ? 115 ARG A NH2 1 
ATOM   212 N  N   . GLU A 1 30 ? 0.969   8.497   -0.532  1.00 5.22  ? 116 GLU A N   1 
ATOM   213 C  CA  . GLU A 1 30 ? -0.072  9.524   -0.499  1.00 5.92  ? 116 GLU A CA  1 
ATOM   214 C  C   . GLU A 1 30 ? -0.859  9.519   -1.807  1.00 6.13  ? 116 GLU A C   1 
ATOM   215 O  O   . GLU A 1 30 ? -2.103  9.678   -1.790  1.00 6.50  ? 116 GLU A O   1 
ATOM   216 C  CB  . GLU A 1 30 ? 0.556   10.879  -0.220  1.00 6.95  ? 116 GLU A CB  1 
ATOM   217 C  CG  . GLU A 1 30 ? -0.447  12.009  -0.084  1.00 6.85  ? 116 GLU A CG  1 
ATOM   218 C  CD  . GLU A 1 30 ? -1.227  11.979  1.191   1.00 5.78  ? 116 GLU A CD  1 
ATOM   219 O  OE1 . GLU A 1 30 ? -2.037  12.908  1.470   1.00 7.36  ? 116 GLU A OE1 1 
ATOM   220 O  OE2 . GLU A 1 30 ? -1.098  11.062  2.024   1.00 6.89  ? 116 GLU A OE2 1 
ATOM   221 N  N   . GLU A 1 31 ? -0.208  9.361   -2.927  1.00 6.77  ? 117 GLU A N   1 
ATOM   222 C  CA  . GLU A 1 31 ? -0.907  9.242   -4.195  1.00 7.84  ? 117 GLU A CA  1 
ATOM   223 C  C   . GLU A 1 31 ? -1.817  8.035   -4.221  1.00 6.57  ? 117 GLU A C   1 
ATOM   224 O  O   . GLU A 1 31 ? -3.000  8.127   -4.646  1.00 7.01  ? 117 GLU A O   1 
ATOM   225 C  CB  . GLU A 1 31 ? 0.048   9.172   -5.391  1.00 10.98 ? 117 GLU A CB  1 
ATOM   226 C  CG  . GLU A 1 31 ? 0.884   10.411  -5.588  1.00 15.08 ? 117 GLU A CG  1 
ATOM   227 C  CD  . GLU A 1 31 ? 0.112   11.619  -6.050  1.00 29.90 ? 117 GLU A CD  1 
ATOM   228 N  N   . LEU A 1 32 ? -1.356  6.918   -3.685  1.00 6.77  ? 118 LEU A N   1 
ATOM   229 C  CA  . LEU A 1 32 ? -2.201  5.726   -3.549  1.00 6.95  ? 118 LEU A CA  1 
ATOM   230 C  C   . LEU A 1 32 ? -3.387  5.999   -2.657  1.00 6.37  ? 118 LEU A C   1 
ATOM   231 O  O   . LEU A 1 32 ? -4.521  5.619   -3.001  1.00 7.24  ? 118 LEU A O   1 
ATOM   232 C  CB  . LEU A 1 32 ? -1.373  4.575   -3.001  1.00 8.93  ? 118 LEU A CB  1 
ATOM   233 C  CG  A LEU A 1 32 ? -1.818  3.267   -3.349  0.50 10.40 ? 118 LEU A CG  1 
ATOM   234 C  CG  B LEU A 1 32 ? -0.594  3.706   -3.857  0.50 8.75  ? 118 LEU A CG  1 
ATOM   235 C  CD1 A LEU A 1 32 ? -2.112  2.967   -4.764  0.50 9.42  ? 118 LEU A CD1 1 
ATOM   236 C  CD1 B LEU A 1 32 ? 0.429   2.881   -2.990  0.50 9.28  ? 118 LEU A CD1 1 
ATOM   237 C  CD2 A LEU A 1 32 ? -0.828  2.248   -2.876  0.50 11.65 ? 118 LEU A CD2 1 
ATOM   238 C  CD2 B LEU A 1 32 ? -1.397  2.754   -4.675  0.50 9.98  ? 118 LEU A CD2 1 
ATOM   239 N  N   . ALA A 1 33 ? -3.134  6.639   -1.505  1.00 6.08  ? 119 ALA A N   1 
ATOM   240 C  CA  . ALA A 1 33 ? -4.247  6.945   -0.552  1.00 6.53  ? 119 ALA A CA  1 
ATOM   241 C  C   . ALA A 1 33 ? -5.333  7.719   -1.222  1.00 6.56  ? 119 ALA A C   1 
ATOM   242 O  O   . ALA A 1 33 ? -6.534  7.429   -1.093  1.00 6.92  ? 119 ALA A O   1 
ATOM   243 C  CB  . ALA A 1 33 ? -3.682  7.734   0.611   1.00 7.74  ? 119 ALA A CB  1 
ATOM   244 N  N   . MET A 1 34 ? -4.927  8.748   -1.966  1.00 7.55  ? 120 MET A N   1 
ATOM   245 C  CA  . MET A 1 34 ? -5.942  9.559   -2.674  1.00 7.93  ? 120 MET A CA  1 
ATOM   246 C  C   . MET A 1 34 ? -6.712  8.745   -3.685  1.00 7.24  ? 120 MET A C   1 
ATOM   247 O  O   . MET A 1 34 ? -7.954  8.776   -3.712  1.00 6.92  ? 120 MET A O   1 
ATOM   248 C  CB  . MET A 1 34 ? -5.296  10.733  -3.334  1.00 9.85  ? 120 MET A CB  1 
ATOM   249 C  CG  . MET A 1 34 ? -4.987  11.819  -2.363  1.00 14.11 ? 120 MET A CG  1 
ATOM   250 S  SD  . MET A 1 34 ? -6.565  12.622  -1.857  1.00 20.63 ? 120 MET A SD  1 
ATOM   251 C  CE  . MET A 1 34 ? -7.927  11.853  -2.670  1.00 35.05 ? 120 MET A CE  1 
ATOM   252 N  N   . LYS A 1 35 ? -5.988  7.930   -4.494  1.00 6.05  ? 121 LYS A N   1 
ATOM   253 C  CA  . LYS A 1 35 ? -6.598  7.217   -5.555  1.00 7.00  ? 121 LYS A CA  1 
ATOM   254 C  C   . LYS A 1 35 ? -7.601  6.173   -5.019  1.00 6.74  ? 121 LYS A C   1 
ATOM   255 O  O   . LYS A 1 35 ? -8.703  6.016   -5.610  1.00 7.27  ? 121 LYS A O   1 
ATOM   256 C  CB  . LYS A 1 35 ? -5.526  6.525   -6.369  1.00 8.13  ? 121 LYS A CB  1 
ATOM   257 C  CG  . LYS A 1 35 ? -6.100  5.682   -7.508  1.00 10.60 ? 121 LYS A CG  1 
ATOM   258 C  CD  . LYS A 1 35 ? -5.019  4.988   -8.343  1.00 14.63 ? 121 LYS A CD  1 
ATOM   259 C  CE  . LYS A 1 35 ? -5.518  4.132   -9.442  1.00 18.81 ? 121 LYS A CE  1 
ATOM   260 N  NZ  . LYS A 1 35 ? -4.412  3.547   -10.313 1.00 23.16 ? 121 LYS A NZ  1 
ATOM   261 N  N   . ILE A 1 36 ? -7.227  5.422   -3.988  1.00 5.89  ? 122 ILE A N   1 
ATOM   262 C  CA  . ILE A 1 36 ? -7.955  4.249   -3.576  1.00 5.77  ? 122 ILE A CA  1 
ATOM   263 C  C   . ILE A 1 36 ? -8.864  4.463   -2.409  1.00 5.87  ? 122 ILE A C   1 
ATOM   264 O  O   . ILE A 1 36 ? -9.595  3.522   -2.022  1.00 7.36  ? 122 ILE A O   1 
ATOM   265 C  CB  . ILE A 1 36 ? -7.063  2.986   -3.411  1.00 5.81  ? 122 ILE A CB  1 
ATOM   266 C  CG1 . ILE A 1 36 ? -6.287  3.048   -2.087  1.00 6.28  ? 122 ILE A CG1 1 
ATOM   267 C  CG2 . ILE A 1 36 ? -6.172  2.841   -4.632  1.00 7.89  ? 122 ILE A CG2 1 
ATOM   268 C  CD1 . ILE A 1 36 ? -5.314  1.794   -1.923  1.00 8.18  ? 122 ILE A CD1 1 
ATOM   269 N  N   . GLY A 1 37 ? -8.896  5.651   -1.814  1.00 5.84  ? 123 GLY A N   1 
ATOM   270 C  CA  . GLY A 1 37 ? -9.867  5.951   -0.785  1.00 6.51  ? 123 GLY A CA  1 
ATOM   271 C  C   . GLY A 1 37 ? -9.535  5.420   0.582   1.00 6.65  ? 123 GLY A C   1 
ATOM   272 O  O   . GLY A 1 37 ? -10.485 5.210   1.366   1.00 9.91  ? 123 GLY A O   1 
ATOM   273 N  N   . LEU A 1 38 ? -8.265  5.255   0.903   1.00 6.03  ? 124 LEU A N   1 
ATOM   274 C  CA  . LEU A 1 38 ? -7.774  4.843   2.229   1.00 6.29  ? 124 LEU A CA  1 
ATOM   275 C  C   . LEU A 1 38 ? -6.839  5.914   2.723   1.00 5.51  ? 124 LEU A C   1 
ATOM   276 O  O   . LEU A 1 38 ? -6.295  6.681   1.941   1.00 6.91  ? 124 LEU A O   1 
ATOM   277 C  CB  . LEU A 1 38 ? -7.028  3.490   2.142   1.00 7.39  ? 124 LEU A CB  1 
ATOM   278 C  CG  . LEU A 1 38 ? -7.875  2.323   1.704   1.00 8.72  ? 124 LEU A CG  1 
ATOM   279 C  CD1 . LEU A 1 38 ? -7.025  1.105   1.569   1.00 10.16 ? 124 LEU A CD1 1 
ATOM   280 C  CD2 . LEU A 1 38 ? -8.986  2.062   2.754   1.00 12.62 ? 124 LEU A CD2 1 
ATOM   281 N  N   . THR A 1 39 ? -6.559  5.949   4.034   1.00 5.64  ? 125 THR A N   1 
ATOM   282 C  CA  . THR A 1 39 ? -5.569  6.866   4.526   1.00 5.45  ? 125 THR A CA  1 
ATOM   283 C  C   . THR A 1 39 ? -4.173  6.367   4.193   1.00 5.24  ? 125 THR A C   1 
ATOM   284 O  O   . THR A 1 39 ? -3.883  5.159   4.076   1.00 5.36  ? 125 THR A O   1 
ATOM   285 C  CB  . THR A 1 39 ? -5.628  7.108   6.033   1.00 5.70  ? 125 THR A CB  1 
ATOM   286 O  OG1 . THR A 1 39 ? -5.349  5.871   6.695   1.00 7.28  ? 125 THR A OG1 1 
ATOM   287 C  CG2 . THR A 1 39 ? -7.004  7.661   6.427   1.00 7.98  ? 125 THR A CG2 1 
ATOM   288 N  N   . GLU A 1 40 ? -3.238  7.318   4.076   1.00 5.16  ? 126 GLU A N   1 
ATOM   289 C  CA  . GLU A 1 40 ? -1.849  6.954   3.905   1.00 5.19  ? 126 GLU A CA  1 
ATOM   290 C  C   . GLU A 1 40 ? -1.344  6.139   5.075   1.00 5.29  ? 126 GLU A C   1 
ATOM   291 O  O   . GLU A 1 40 ? -0.481  5.281   4.869   1.00 5.50  ? 126 GLU A O   1 
ATOM   292 C  CB  . GLU A 1 40 ? -1.006  8.248   3.649   1.00 5.34  ? 126 GLU A CB  1 
ATOM   293 C  CG  . GLU A 1 40 ? 0.496   8.004   3.557   1.00 5.98  ? 126 GLU A CG  1 
ATOM   294 C  CD  . GLU A 1 40 ? 1.218   7.859   4.877   1.00 5.65  ? 126 GLU A CD  1 
ATOM   295 O  OE1 . GLU A 1 40 ? 0.660   8.223   5.957   1.00 5.70  ? 126 GLU A OE1 1 
ATOM   296 O  OE2 . GLU A 1 40 ? 2.413   7.406   4.867   1.00 6.27  ? 126 GLU A OE2 1 
ATOM   297 N  N   . ALA A 1 41 ? -1.874  6.349   6.279   1.00 5.32  ? 127 ALA A N   1 
ATOM   298 C  CA  . ALA A 1 41 ? -1.407  5.620   7.441   1.00 5.65  ? 127 ALA A CA  1 
ATOM   299 C  C   . ALA A 1 41 ? -1.813  4.155   7.329   1.00 5.89  ? 127 ALA A C   1 
ATOM   300 O  O   . ALA A 1 41 ? -1.025  3.264   7.666   1.00 6.50  ? 127 ALA A O   1 
ATOM   301 C  CB  . ALA A 1 41 ? -1.951  6.205   8.717   1.00 6.53  ? 127 ALA A CB  1 
ATOM   302 N  N   . ARG A 1 42 ? -3.042  3.884   6.913   1.00 5.91  ? 128 ARG A N   1 
ATOM   303 C  CA  . ARG A 1 42 ? -3.506  2.508   6.753   1.00 6.12  ? 128 ARG A CA  1 
ATOM   304 C  C   . ARG A 1 42 ? -2.660  1.800   5.710   1.00 5.60  ? 128 ARG A C   1 
ATOM   305 O  O   . ARG A 1 42 ? -2.274  0.622   5.849   1.00 6.18  ? 128 ARG A O   1 
ATOM   306 C  CB  . ARG A 1 42 ? -4.989  2.445   6.445   1.00 8.28  ? 128 ARG A CB  1 
ATOM   307 C  CG  . ARG A 1 42 ? -5.799  2.672   7.717   1.00 16.09 ? 128 ARG A CG  1 
ATOM   308 N  N   . ILE A 1 43 ? -2.377  2.502   4.615   1.00 5.60  ? 129 ILE A N   1 
ATOM   309 C  CA  . ILE A 1 43 ? -1.552  1.965   3.515   1.00 5.64  ? 129 ILE A CA  1 
ATOM   310 C  C   . ILE A 1 43 ? -0.104  1.715   3.992   1.00 5.27  ? 129 ILE A C   1 
ATOM   311 O  O   . ILE A 1 43 ? 0.487   0.655   3.687   1.00 5.22  ? 129 ILE A O   1 
ATOM   312 C  CB  . ILE A 1 43 ? -1.576  2.991   2.330   1.00 6.90  ? 129 ILE A CB  1 
ATOM   313 C  CG1 . ILE A 1 43 ? -2.984  2.895   1.687   1.00 7.04  ? 129 ILE A CG1 1 
ATOM   314 C  CG2 . ILE A 1 43 ? -0.446  2.757   1.335   1.00 7.54  ? 129 ILE A CG2 1 
ATOM   315 C  CD1 . ILE A 1 43 ? -3.329  4.015   0.749   1.00 9.34  ? 129 ILE A CD1 1 
ATOM   316 N  N   . GLN A 1 44 ? 0.444   2.659   4.745   1.00 5.17  ? 130 GLN A N   1 
ATOM   317 C  CA  . GLN A 1 44 ? 1.792   2.523   5.285   1.00 5.05  ? 130 GLN A CA  1 
ATOM   318 C  C   . GLN A 1 44 ? 1.897   1.278   6.154   1.00 4.94  ? 130 GLN A C   1 
ATOM   319 O  O   . GLN A 1 44 ? 2.894   0.514   6.033   1.00 4.91  ? 130 GLN A O   1 
ATOM   320 C  CB  . GLN A 1 44 ? 2.110   3.796   6.053   1.00 5.13  ? 130 GLN A CB  1 
ATOM   321 C  CG  . GLN A 1 44 ? 3.499   3.740   6.679   1.00 5.35  ? 130 GLN A CG  1 
ATOM   322 C  CD  . GLN A 1 44 ? 3.875   5.061   7.303   1.00 5.42  ? 130 GLN A CD  1 
ATOM   323 O  OE1 . GLN A 1 44 ? 2.968   5.830   7.678   1.00 6.32  ? 130 GLN A OE1 1 
ATOM   324 N  NE2 . GLN A 1 44 ? 5.151   5.323   7.455   1.00 7.57  ? 130 GLN A NE2 1 
ATOM   325 N  N   . VAL A 1 45 ? 0.933   1.055   7.052   1.00 5.03  ? 131 VAL A N   1 
ATOM   326 C  CA  . VAL A 1 45 ? 0.951   -0.115  7.882   1.00 5.11  ? 131 VAL A CA  1 
ATOM   327 C  C   . VAL A 1 45 ? 0.804   -1.364  7.082   1.00 5.08  ? 131 VAL A C   1 
ATOM   328 O  O   . VAL A 1 45 ? 1.433   -2.396  7.362   1.00 5.10  ? 131 VAL A O   1 
ATOM   329 C  CB  . VAL A 1 45 ? -0.033  0.024   9.045   1.00 6.44  ? 131 VAL A CB  1 
ATOM   330 C  CG1 . VAL A 1 45 ? -0.187  -1.285  9.815   1.00 8.29  ? 131 VAL A CG1 1 
ATOM   331 C  CG2 . VAL A 1 45 ? 0.335   1.154   9.962   1.00 7.35  ? 131 VAL A CG2 1 
ATOM   332 N  N   . TRP A 1 46 ? -0.018  -1.348  6.015   1.00 5.13  ? 132 TRP A N   1 
ATOM   333 C  CA  . TRP A 1 46 ? -0.152  -2.506  5.149   1.00 5.24  ? 132 TRP A CA  1 
ATOM   334 C  C   . TRP A 1 46 ? 1.217   -2.885  4.571   1.00 5.13  ? 132 TRP A C   1 
ATOM   335 O  O   . TRP A 1 46 ? 1.607   -4.065  4.554   1.00 5.19  ? 132 TRP A O   1 
ATOM   336 C  CB  . TRP A 1 46 ? -1.188  -2.260  4.037   1.00 5.59  ? 132 TRP A CB  1 
ATOM   337 C  CG  . TRP A 1 46 ? -1.467  -3.403  3.178   1.00 5.86  ? 132 TRP A CG  1 
ATOM   338 C  CD1 . TRP A 1 46 ? -2.523  -4.296  3.318   1.00 7.85  ? 132 TRP A CD1 1 
ATOM   339 C  CD2 . TRP A 1 46 ? -0.792  -3.820  1.968   1.00 5.96  ? 132 TRP A CD2 1 
ATOM   340 N  NE1 . TRP A 1 46 ? -2.525  -5.222  2.331   1.00 8.80  ? 132 TRP A NE1 1 
ATOM   341 C  CE2 . TRP A 1 46 ? -1.476  -4.986  1.504   1.00 7.28  ? 132 TRP A CE2 1 
ATOM   342 C  CE3 . TRP A 1 46 ? 0.342   -3.372  1.287   1.00 6.34  ? 132 TRP A CE3 1 
ATOM   343 C  CZ2 . TRP A 1 46 ? -1.088  -5.636  0.356   1.00 8.11  ? 132 TRP A CZ2 1 
ATOM   344 C  CZ3 . TRP A 1 46 ? 0.731   -4.073  0.135   1.00 9.13  ? 132 TRP A CZ3 1 
ATOM   345 C  CH2 . TRP A 1 46 ? -0.028  -5.185  -0.336  1.00 8.19  ? 132 TRP A CH2 1 
ATOM   346 N  N   . PHE A 1 47 ? 1.954   -1.891  4.059   1.00 5.07  ? 133 PHE A N   1 
ATOM   347 C  CA  . PHE A 1 47 ? 3.290   -2.179  3.515   1.00 5.15  ? 133 PHE A CA  1 
ATOM   348 C  C   . PHE A 1 47 ? 4.232   -2.727  4.606   1.00 5.04  ? 133 PHE A C   1 
ATOM   349 O  O   . PHE A 1 47 ? 4.976   -3.688  4.352   1.00 5.16  ? 133 PHE A O   1 
ATOM   350 C  CB  . PHE A 1 47 ? 3.922   -0.968  2.860   1.00 5.30  ? 133 PHE A CB  1 
ATOM   351 C  CG  . PHE A 1 47 ? 3.294   -0.602  1.521   1.00 5.66  ? 133 PHE A CG  1 
ATOM   352 C  CD1 . PHE A 1 47 ? 2.729   0.670   1.339   1.00 7.31  ? 133 PHE A CD1 1 
ATOM   353 C  CD2 . PHE A 1 47 ? 3.066   -1.479  0.508   1.00 7.18  ? 133 PHE A CD2 1 
ATOM   354 C  CE1 . PHE A 1 47 ? 2.089   1.032   0.134   1.00 7.72  ? 133 PHE A CE1 1 
ATOM   355 C  CE2 . PHE A 1 47 ? 2.480   -1.120  -0.683  1.00 8.91  ? 133 PHE A CE2 1 
ATOM   356 C  CZ  . PHE A 1 47 ? 2.033   0.128   -0.840  1.00 7.96  ? 133 PHE A CZ  1 
ATOM   357 N  N   . GLN A 1 48 ? 4.222   -2.123  5.806   1.00 4.95  ? 134 GLN A N   1 
ATOM   358 C  CA  . GLN A 1 48 ? 5.062   -2.650  6.897   1.00 5.05  ? 134 GLN A CA  1 
ATOM   359 C  C   . GLN A 1 48 ? 4.726   -4.114  7.172   1.00 5.14  ? 134 GLN A C   1 
ATOM   360 O  O   . GLN A 1 48 ? 5.596   -4.972  7.312   1.00 5.28  ? 134 GLN A O   1 
ATOM   361 C  CB  . GLN A 1 48 ? 4.824   -1.843  8.181   1.00 5.14  ? 134 GLN A CB  1 
ATOM   362 C  CG  . GLN A 1 48 ? 5.352   -0.426  8.108   1.00 5.27  ? 134 GLN A CG  1 
ATOM   363 C  CD  . GLN A 1 48 ? 4.826   0.477   9.193   1.00 5.33  ? 134 GLN A CD  1 
ATOM   364 O  OE1 . GLN A 1 48 ? 4.123   0.054   10.118  1.00 6.38  ? 134 GLN A OE1 1 
ATOM   365 N  NE2 . GLN A 1 48 ? 5.190   1.761   9.096   1.00 6.23  ? 134 GLN A NE2 1 
ATOM   366 N  N   . ASN A 1 49 ? 3.422   -4.390  7.242   1.00 5.15  ? 135 ASN A N   1 
ATOM   367 C  CA  . ASN A 1 49 ? 2.939   -5.731  7.604   1.00 5.38  ? 135 ASN A CA  1 
ATOM   368 C  C   . ASN A 1 49 ? 3.282   -6.723  6.505   1.00 5.41  ? 135 ASN A C   1 
ATOM   369 O  O   . ASN A 1 49 ? 3.660   -7.886  6.804   1.00 5.67  ? 135 ASN A O   1 
ATOM   370 C  CB  . ASN A 1 49 ? 1.447   -5.710  7.880   1.00 5.57  ? 135 ASN A CB  1 
ATOM   371 C  CG  . ASN A 1 49 ? 1.013   -4.964  9.096   1.00 5.77  ? 135 ASN A CG  1 
ATOM   372 O  OD1 . ASN A 1 49 ? 1.858   -4.558  9.942   1.00 7.08  ? 135 ASN A OD1 1 
ATOM   373 N  ND2 . ASN A 1 49 ? -0.256  -4.753  9.216   1.00 6.00  ? 135 ASN A ND2 1 
ATOM   374 N  N   . ARG A 1 50 ? 3.161   -6.328  5.238   1.00 5.10  ? 136 ARG A N   1 
ATOM   375 C  CA  . ARG A 1 50 ? 3.506   -7.208  4.124   1.00 5.24  ? 136 ARG A CA  1 
ATOM   376 C  C   . ARG A 1 50 ? 5.034   -7.453  4.080   1.00 4.97  ? 136 ARG A C   1 
ATOM   377 O  O   . ARG A 1 50 ? 5.469   -8.566  3.751   1.00 5.78  ? 136 ARG A O   1 
ATOM   378 C  CB  . ARG A 1 50 ? 3.005   -6.649  2.795   1.00 5.96  ? 136 ARG A CB  1 
ATOM   379 C  CG  . ARG A 1 50 ? 1.515   -6.874  2.581   1.00 7.94  ? 136 ARG A CG  1 
ATOM   380 C  CD  . ARG A 1 50 ? 1.063   -8.300  2.299   1.00 9.77  ? 136 ARG A CD  1 
ATOM   381 N  NE  . ARG A 1 50 ? 1.575   -8.757  1.000   1.00 9.87  ? 136 ARG A NE  1 
ATOM   382 C  CZ  . ARG A 1 50 ? 0.874   -8.956  -0.155  1.00 7.72  ? 136 ARG A CZ  1 
ATOM   383 N  NH1 . ARG A 1 50 ? 1.555   -9.244  -1.218  1.00 8.99  ? 136 ARG A NH1 1 
ATOM   384 N  NH2 . ARG A 1 50 ? -0.399  -8.876  -0.237  1.00 7.28  ? 136 ARG A NH2 1 
ATOM   385 N  N   . ARG A 1 51 ? 5.822   -6.451  4.421   1.00 5.38  ? 137 ARG A N   1 
ATOM   386 C  CA  . ARG A 1 51 ? 7.274   -6.663  4.542   1.00 5.87  ? 137 ARG A CA  1 
ATOM   387 C  C   . ARG A 1 51 ? 7.571   -7.660  5.681   1.00 5.68  ? 137 ARG A C   1 
ATOM   388 O  O   . ARG A 1 51 ? 8.454   -8.522  5.489   1.00 7.01  ? 137 ARG A O   1 
ATOM   389 C  CB  . ARG A 1 51 ? 8.028   -5.349  4.759   1.00 5.56  ? 137 ARG A CB  1 
ATOM   390 C  CG  . ARG A 1 51 ? 8.106   -4.434  3.561   1.00 5.72  ? 137 ARG A CG  1 
ATOM   391 C  CD  . ARG A 1 51 ? 9.110   -3.321  3.773   1.00 5.79  ? 137 ARG A CD  1 
ATOM   392 N  NE  . ARG A 1 51 ? 8.712   -2.330  4.783   1.00 5.45  ? 137 ARG A NE  1 
ATOM   393 C  CZ  . ARG A 1 51 ? 8.039   -1.225  4.559   1.00 5.51  ? 137 ARG A CZ  1 
ATOM   394 N  NH1 . ARG A 1 51 ? 7.598   -0.909  3.336   1.00 6.01  ? 137 ARG A NH1 1 
ATOM   395 N  NH2 . ARG A 1 51 ? 7.835   -0.406  5.570   1.00 6.55  ? 137 ARG A NH2 1 
ATOM   396 N  N   . ALA A 1 52 ? 6.896   -7.588  6.802   1.00 5.64  ? 138 ALA A N   1 
ATOM   397 C  CA  . ALA A 1 52 ? 7.136   -8.509  7.862   1.00 6.24  ? 138 ALA A CA  1 
ATOM   398 C  C   . ALA A 1 52 ? 6.768   -9.945  7.432   1.00 6.68  ? 138 ALA A C   1 
ATOM   399 O  O   . ALA A 1 52 ? 7.474   -10.898 7.821   1.00 8.19  ? 138 ALA A O   1 
ATOM   400 C  CB  . ALA A 1 52 ? 6.413   -8.092  9.113   1.00 7.36  ? 138 ALA A CB  1 
ATOM   401 N  N   . LYS A 1 53 ? 5.691   -10.120 6.714   1.00 6.44  ? 139 LYS A N   1 
ATOM   402 C  CA  . LYS A 1 53 ? 5.261   -11.422 6.231   1.00 7.32  ? 139 LYS A CA  1 
ATOM   403 C  C   . LYS A 1 53 ? 6.344   -11.962 5.257   1.00 7.21  ? 139 LYS A C   1 
ATOM   404 O  O   . LYS A 1 53 ? 6.720   -13.163 5.360   1.00 9.88  ? 139 LYS A O   1 
ATOM   405 C  CB  . LYS A 1 53 ? 3.915   -11.328 5.456   1.00 6.46  ? 139 LYS A CB  1 
ATOM   406 C  CG  . LYS A 1 53 ? 2.718   -11.171 6.359   1.00 6.80  ? 139 LYS A CG  1 
ATOM   407 C  CD  . LYS A 1 53 ? 2.198   -12.454 6.953   1.00 8.01  ? 139 LYS A CD  1 
ATOM   408 C  CE  . LYS A 1 53 ? 1.342   -12.251 8.194   1.00 10.20 ? 139 LYS A CE  1 
ATOM   409 N  NZ  . LYS A 1 53 ? 2.144   -11.818 9.344   1.00 7.63  ? 139 LYS A NZ  1 
ATOM   410 N  N   . TRP A 1 54 ? 6.872   -11.111 4.380   1.00 7.34  ? 140 TRP A N   1 
ATOM   411 C  CA  . TRP A 1 54 ? 7.875   -11.481 3.413   1.00 8.54  ? 140 TRP A CA  1 
ATOM   412 C  C   . TRP A 1 54 ? 9.147   -11.953 4.107   1.00 8.42  ? 140 TRP A C   1 
ATOM   413 O  O   . TRP A 1 54 ? 9.702   -13.010 3.732   1.00 11.62 ? 140 TRP A O   1 
ATOM   414 C  CB  . TRP A 1 54 ? 8.226   -10.249 2.568   1.00 9.38  ? 140 TRP A CB  1 
ATOM   415 C  CG  . TRP A 1 54 ? 9.290   -10.461 1.550   1.00 8.53  ? 140 TRP A CG  1 
ATOM   416 C  CD1 . TRP A 1 54 ? 10.645  -10.198 1.689   1.00 12.68 ? 140 TRP A CD1 1 
ATOM   417 C  CD2 . TRP A 1 54 ? 9.105   -10.886 0.185   1.00 7.07  ? 140 TRP A CD2 1 
ATOM   418 N  NE1 . TRP A 1 54 ? 11.298  -10.503 0.519   1.00 12.28 ? 140 TRP A NE1 1 
ATOM   419 C  CE2 . TRP A 1 54 ? 10.388  -10.896 -0.412  1.00 9.29  ? 140 TRP A CE2 1 
ATOM   420 C  CE3 . TRP A 1 54 ? 7.971   -11.199 -0.581  1.00 9.23  ? 140 TRP A CE3 1 
ATOM   421 C  CZ2 . TRP A 1 54 ? 10.549  -11.196 -1.769  1.00 10.50 ? 140 TRP A CZ2 1 
ATOM   422 C  CZ3 . TRP A 1 54 ? 8.106   -11.501 -1.871  1.00 9.23  ? 140 TRP A CZ3 1 
ATOM   423 C  CH2 . TRP A 1 54 ? 9.412   -11.474 -2.495  1.00 10.69 ? 140 TRP A CH2 1 
ATOM   424 N  N   . ARG A 1 55 ? 9.599   -11.233 5.122   1.00 8.53  ? 141 ARG A N   1 
ATOM   425 C  CA  . ARG A 1 55 ? 10.828  -11.577 5.823   1.00 10.69 ? 141 ARG A CA  1 
ATOM   426 C  C   . ARG A 1 55 ? 10.655  -12.863 6.595   1.00 11.58 ? 141 ARG A C   1 
ATOM   427 O  O   . ARG A 1 55 ? 11.655  -13.592 6.788   1.00 13.89 ? 141 ARG A O   1 
ATOM   428 C  CB  . ARG A 1 55 ? 11.241  -10.503 6.766   1.00 11.73 ? 141 ARG A CB  1 
ATOM   429 C  CG  . ARG A 1 55 ? 11.654  -9.236  6.120   1.00 9.65  ? 141 ARG A CG  1 
ATOM   430 C  CD  . ARG A 1 55 ? 12.310  -8.296  7.166   1.00 12.67 ? 141 ARG A CD  1 
ATOM   431 N  NE  . ARG A 1 55 ? 12.266  -6.968  6.691   1.00 12.21 ? 141 ARG A NE  1 
ATOM   432 C  CZ  . ARG A 1 55 ? 11.375  -6.009  7.004   1.00 10.80 ? 141 ARG A CZ  1 
ATOM   433 N  NH1 . ARG A 1 55 ? 10.523  -6.255  7.978   1.00 11.47 ? 141 ARG A NH1 1 
ATOM   434 N  NH2 . ARG A 1 55 ? 11.425  -4.857  6.389   1.00 9.55  ? 141 ARG A NH2 1 
HETATM 435 CD CD  . CD  B 2 .  ? 2.448   8.014   7.338   1.00 5.44  ? 1   CD  A CD  1 
HETATM 436 CL CL  . CL  C 3 .  ? 1.218   8.165   9.478   1.00 6.37  ? 147 CL  A CL  1 
HETATM 437 O  O   . HOH D 4 .  ? 8.180   -4.595  8.306   1.00 4.67  ? 2   HOH A O   1 
HETATM 438 O  O   . HOH D 4 .  ? -1.856  9.159   6.867   0.50 2.48  ? 3   HOH A O   1 
HETATM 439 O  O   . HOH D 4 .  ? -8.364  3.937   5.821   1.00 7.29  ? 4   HOH A O   1 
HETATM 440 O  O   . HOH D 4 .  ? -9.188  7.794   -7.926  1.00 4.98  ? 5   HOH A O   1 
HETATM 441 O  O   . HOH D 4 .  ? -9.404  9.283   -1.398  1.00 2.12  ? 6   HOH A O   1 
HETATM 442 O  O   . HOH D 4 .  ? 4.866   -4.751  10.708  1.00 4.18  ? 7   HOH A O   1 
HETATM 443 O  O   . HOH D 4 .  ? 3.914   -2.218  11.722  1.00 4.23  ? 8   HOH A O   1 
HETATM 444 O  O   . HOH D 4 .  ? 4.520   -9.932  -1.264  1.00 3.55  ? 9   HOH A O   1 
HETATM 445 O  O   . HOH D 4 .  ? 3.541   1.595   12.392  1.00 3.34  ? 10  HOH A O   1 
HETATM 446 O  O   . HOH D 4 .  ? 6.068   1.979   3.837   1.00 6.71  ? 11  HOH A O   1 
HETATM 447 O  O   . HOH D 4 .  ? -0.624  0.835   -7.597  1.00 9.35  ? 12  HOH A O   1 
HETATM 448 O  O   . HOH D 4 .  ? 3.562   -7.722  -4.439  1.00 6.22  ? 13  HOH A O   1 
HETATM 449 O  O   . HOH D 4 .  ? -6.350  -7.045  -12.063 1.00 2.00  ? 14  HOH A O   1 
HETATM 450 O  O   . HOH D 4 .  ? 12.317  -3.413  -3.167  1.00 2.37  ? 15  HOH A O   1 
HETATM 451 O  O   . HOH D 4 .  ? -0.408  3.923   12.090  1.00 8.31  ? 16  HOH A O   1 
HETATM 452 O  O   . HOH D 4 .  ? 9.128   -10.471 10.136  1.00 7.76  ? 17  HOH A O   1 
HETATM 453 O  O   . HOH D 4 .  ? -1.948  -3.976  11.269  1.00 5.44  ? 18  HOH A O   1 
HETATM 454 O  O   . HOH D 4 .  ? 4.434   -13.555 9.407   1.00 5.44  ? 19  HOH A O   1 
HETATM 455 O  O   . HOH D 4 .  ? 5.907   -9.217  -7.380  1.00 4.76  ? 20  HOH A O   1 
HETATM 456 O  O   . HOH D 4 .  ? 4.779   -14.088 2.895   1.00 8.53  ? 21  HOH A O   1 
HETATM 457 O  O   . HOH D 4 .  ? -5.001  -3.714  -13.835 0.50 33.33 ? 22  HOH A O   1 
HETATM 458 O  O   . HOH D 4 .  ? 6.001   -8.911  -3.428  1.00 4.40  ? 23  HOH A O   1 
HETATM 459 O  O   . HOH D 4 .  ? 5.024   -14.939 7.008   1.00 6.55  ? 24  HOH A O   1 
HETATM 460 O  O   . HOH D 4 .  ? -5.899  5.963   9.450   1.00 9.59  ? 25  HOH A O   1 
HETATM 461 O  O   . HOH D 4 .  ? -12.874 4.511   0.132   1.00 4.99  ? 26  HOH A O   1 
HETATM 462 O  O   . HOH D 4 .  ? -3.276  -1.336  7.594   1.00 12.50 ? 27  HOH A O   1 
HETATM 463 O  O   . HOH D 4 .  ? -1.489  5.805   -7.084  1.00 11.54 ? 28  HOH A O   1 
HETATM 464 O  O   . HOH D 4 .  ? -2.261  -4.042  7.354   1.00 12.38 ? 29  HOH A O   1 
HETATM 465 O  O   . HOH D 4 .  ? 12.506  -2.067  -6.567  1.00 9.46  ? 30  HOH A O   1 
HETATM 466 O  O   . HOH D 4 .  ? 1.203   3.073   -6.608  1.00 15.73 ? 31  HOH A O   1 
HETATM 467 O  O   . HOH D 4 .  ? -7.462  -1.503  -8.707  1.00 8.14  ? 32  HOH A O   1 
HETATM 468 O  O   . HOH D 4 .  ? 2.010   -7.780  -9.257  1.00 11.63 ? 33  HOH A O   1 
HETATM 469 O  O   . HOH D 4 .  ? 10.377  4.127   1.848   1.00 13.32 ? 34  HOH A O   1 
HETATM 470 O  O   . HOH D 4 .  ? 1.076   5.813   -6.025  1.00 10.13 ? 35  HOH A O   1 
HETATM 471 O  O   . HOH D 4 .  ? 4.335   -9.892  1.526   1.00 3.31  ? 36  HOH A O   1 
HETATM 472 O  O   . HOH D 4 .  ? -11.382 5.559   -4.827  1.00 5.01  ? 37  HOH A O   1 
HETATM 473 O  O   . HOH D 4 .  ? 1.840   -9.822  -4.058  1.00 6.77  ? 38  HOH A O   1 
HETATM 474 O  O   . HOH D 4 .  ? 1.256   4.744   10.017  1.00 8.57  ? 39  HOH A O   1 
HETATM 475 O  O   . HOH D 4 .  ? 3.828   3.836   10.777  1.00 5.94  ? 40  HOH A O   1 
HETATM 476 O  O   . HOH D 4 .  ? 5.303   1.469   -5.446  1.00 6.76  ? 41  HOH A O   1 
HETATM 477 O  O   . HOH D 4 .  ? 9.225   8.713   2.297   1.00 11.48 ? 42  HOH A O   1 
HETATM 478 O  O   . HOH D 4 .  ? 3.594   2.373   -7.372  1.00 12.08 ? 43  HOH A O   1 
HETATM 479 O  O   . HOH D 4 .  ? -4.337  -7.467  2.953   1.00 4.75  ? 44  HOH A O   1 
HETATM 480 O  O   . HOH D 4 .  ? 8.256   4.849   -4.179  1.00 6.49  ? 45  HOH A O   1 
HETATM 481 O  O   . HOH D 4 .  ? -2.357  -1.779  12.666  1.00 12.28 ? 46  HOH A O   1 
HETATM 482 O  O   . HOH D 4 .  ? 0.007   -1.134  13.731  1.00 11.64 ? 47  HOH A O   1 
HETATM 483 O  O   . HOH D 4 .  ? -13.007 1.964   1.398   1.00 15.22 ? 48  HOH A O   1 
HETATM 484 O  O   . HOH D 4 .  ? -2.396  -9.140  2.005   1.00 10.94 ? 49  HOH A O   1 
HETATM 485 O  O   . HOH D 4 .  ? -11.671 -0.752  2.721   1.00 8.82  ? 50  HOH A O   1 
HETATM 486 O  O   . HOH D 4 .  ? 3.337   -3.513  -10.491 1.00 12.88 ? 51  HOH A O   1 
HETATM 487 O  O   . HOH D 4 .  ? 7.256   3.215   -6.291  1.00 9.89  ? 52  HOH A O   1 
HETATM 488 O  O   . HOH D 4 .  ? 5.718   -17.734 7.290   1.00 26.52 ? 53  HOH A O   1 
HETATM 489 O  O   . HOH D 4 .  ? -8.405  4.671   8.705   1.00 19.17 ? 54  HOH A O   1 
HETATM 490 O  O   . HOH D 4 .  ? -4.431  -2.214  14.383  1.00 22.33 ? 55  HOH A O   1 
HETATM 491 O  O   . HOH D 4 .  ? 8.871   -2.795  -11.950 1.00 20.17 ? 56  HOH A O   1 
HETATM 492 O  O   . HOH D 4 .  ? 13.785  -9.903  2.793   1.00 6.63  ? 57  HOH A O   1 
HETATM 493 O  O   . HOH D 4 .  ? 0.726   -4.899  -13.177 1.00 28.08 ? 58  HOH A O   1 
HETATM 494 O  O   . HOH D 4 .  ? -8.716  -7.622  0.774   1.00 49.80 ? 59  HOH A O   1 
HETATM 495 O  O   . HOH D 4 .  ? 10.026  -1.194  -10.000 1.00 15.75 ? 60  HOH A O   1 
HETATM 496 O  O   . HOH D 4 .  ? 8.775   4.682   4.300   1.00 10.31 ? 61  HOH A O   1 
HETATM 497 O  O   . HOH D 4 .  ? -6.659  13.779  0.524   1.00 9.82  ? 62  HOH A O   1 
HETATM 498 O  O   . HOH D 4 .  ? -2.460  2.868   10.552  1.00 14.14 ? 63  HOH A O   1 
HETATM 499 O  O   . HOH D 4 .  ? -0.908  13.165  -8.025  1.00 8.69  ? 64  HOH A O   1 
HETATM 500 O  O   . HOH D 4 .  ? 11.990  -6.912  0.439   1.00 11.07 ? 65  HOH A O   1 
HETATM 501 O  O   . HOH D 4 .  ? 8.136   8.136   5.206   1.00 12.13 ? 66  HOH A O   1 
HETATM 502 O  O   . HOH D 4 .  ? -4.439  -6.371  -10.679 1.00 22.05 ? 67  HOH A O   1 
HETATM 503 O  O   . HOH D 4 .  ? -3.505  14.211  -0.427  1.00 19.31 ? 68  HOH A O   1 
HETATM 504 O  O   . HOH D 4 .  ? -3.407  0.288   10.466  1.00 18.94 ? 69  HOH A O   1 
HETATM 505 O  O   . HOH D 4 .  ? 11.396  -12.226 10.617  1.00 17.89 ? 70  HOH A O   1 
HETATM 506 O  O   . HOH D 4 .  ? -8.937  -3.407  -9.936  1.00 13.40 ? 71  HOH A O   1 
HETATM 507 O  O   . HOH D 4 .  ? 7.693   -5.028  -10.862 1.00 13.34 ? 72  HOH A O   1 
HETATM 508 O  O   . HOH D 4 .  ? 12.077  -13.750 2.474   1.00 17.46 ? 73  HOH A O   1 
HETATM 509 O  O   . HOH D 4 .  ? 1.533   12.599  -3.036  1.00 18.45 ? 74  HOH A O   1 
HETATM 510 O  O   . HOH D 4 .  ? -9.292  -7.497  3.308   1.00 11.16 ? 75  HOH A O   1 
HETATM 511 O  O   . HOH D 4 .  ? -6.994  -8.424  2.763   1.00 12.88 ? 76  HOH A O   1 
HETATM 512 O  O   . HOH D 4 .  ? 9.517   1.340   -10.340 1.00 21.32 ? 77  HOH A O   1 
HETATM 513 O  O   . HOH D 4 .  ? -6.134  -8.728  -10.686 1.00 17.66 ? 78  HOH A O   1 
HETATM 514 O  O   . HOH D 4 .  ? -3.393  14.995  -3.451  1.00 19.66 ? 79  HOH A O   1 
HETATM 515 O  O   . HOH D 4 .  ? 11.080  6.728   1.827   1.00 13.10 ? 80  HOH A O   1 
HETATM 516 O  O   . HOH D 4 .  ? 0.993   14.996  -2.078  1.00 25.34 ? 81  HOH A O   1 
HETATM 517 O  O   . HOH D 4 .  ? 8.852   2.732   2.366   1.00 16.05 ? 82  HOH A O   1 
HETATM 518 O  O   . HOH D 4 .  ? -3.813  -1.905  9.913   1.00 27.12 ? 83  HOH A O   1 
HETATM 519 O  O   . HOH D 4 .  ? 9.528   9.148   -5.046  1.00 4.48  ? 84  HOH A O   1 
HETATM 520 O  O   . HOH D 4 .  ? -1.638  13.952  -5.544  1.00 13.20 ? 85  HOH A O   1 
HETATM 521 O  O   . HOH D 4 .  ? -12.288 -8.473  -2.375  1.00 21.98 ? 86  HOH A O   1 
HETATM 522 O  O   . HOH D 4 .  ? 7.055   2.800   6.450   1.00 2.00  ? 148 HOH A O   1 
HETATM 523 O  O   . HOH D 4 .  ? -12.737 -9.222  -6.914  1.00 13.73 ? 149 HOH A O   1 
HETATM 524 O  O   . HOH D 4 .  ? 12.672  -9.774  10.510  1.00 16.64 ? 150 HOH A O   1 
HETATM 525 O  O   . HOH D 4 .  ? 5.020   -5.110  -11.631 1.00 36.86 ? 151 HOH A O   1 
HETATM 526 O  O   . HOH D 4 .  ? -11.089 -4.644  -8.821  1.00 24.85 ? 152 HOH A O   1 
HETATM 527 O  O   . HOH D 4 .  ? 2.526   7.595   -7.490  1.00 19.81 ? 153 HOH A O   1 
HETATM 528 O  O   . HOH D 4 .  ? -9.809  -7.881  -1.379  1.00 25.47 ? 154 HOH A O   1 
HETATM 529 O  O   . HOH D 4 .  ? -1.661  3.456   -8.653  1.00 25.11 ? 155 HOH A O   1 
HETATM 530 O  O   . HOH D 4 .  ? 12.717  -16.050 4.449   1.00 48.02 ? 156 HOH A O   1 
HETATM 531 O  O   . HOH D 4 .  ? -1.735  -5.683  -14.510 1.00 39.92 ? 157 HOH A O   1 
HETATM 532 O  O   . HOH D 4 .  ? -1.654  0.488   -11.241 1.00 34.66 ? 158 HOH A O   1 
HETATM 533 O  O   . HOH D 4 .  ? 10.527  -7.695  3.539   1.00 64.85 ? 159 HOH A O   1 
HETATM 534 O  O   . HOH D 4 .  ? -0.438  -6.249  4.928   1.00 23.21 ? 160 HOH A O   1 
HETATM 535 O  O   . HOH D 4 .  ? -13.780 -6.643  -0.541  1.00 22.10 ? 161 HOH A O   1 
# 
loop_
_atom_site_anisotrop.id 
_atom_site_anisotrop.type_symbol 
_atom_site_anisotrop.pdbx_label_atom_id 
_atom_site_anisotrop.pdbx_label_alt_id 
_atom_site_anisotrop.pdbx_label_comp_id 
_atom_site_anisotrop.pdbx_label_asym_id 
_atom_site_anisotrop.pdbx_label_seq_id 
_atom_site_anisotrop.pdbx_PDB_ins_code 
_atom_site_anisotrop.U[1][1] 
_atom_site_anisotrop.U[2][2] 
_atom_site_anisotrop.U[3][3] 
_atom_site_anisotrop.U[1][2] 
_atom_site_anisotrop.U[1][3] 
_atom_site_anisotrop.U[2][3] 
_atom_site_anisotrop.pdbx_auth_seq_id 
_atom_site_anisotrop.pdbx_auth_comp_id 
_atom_site_anisotrop.pdbx_auth_asym_id 
_atom_site_anisotrop.pdbx_auth_atom_id 
1   N N   . THR A 5  ? 0.4342 0.2771 0.4360 -0.0072 0.1485  0.1063  91  THR A N   
2   C CA  . THR A 5  ? 0.3761 0.2194 0.4286 -0.0142 0.1189  0.0996  91  THR A CA  
3   C C   . THR A 5  ? 0.2736 0.1635 0.3657 -0.0076 0.0946  0.0686  91  THR A C   
4   O O   . THR A 5  ? 0.2618 0.1886 0.3810 -0.0042 0.1044  0.0522  91  THR A O   
5   C CB  . THR A 5  ? 0.4257 0.2688 0.5440 -0.0389 0.1414  0.1062  91  THR A CB  
6   O OG1 . THR A 5  ? 0.4916 0.3158 0.6441 -0.0401 0.1115  0.0974  91  THR A OG1 
7   C CG2 . THR A 5  ? 0.4559 0.3700 0.6533 -0.0487 0.1602  0.0833  91  THR A CG2 
8   N N   . PHE A 6  ? 0.2356 0.1256 0.3289 -0.0028 0.0637  0.0601  92  PHE A N   
9   C CA  . PHE A 6  ? 0.1653 0.0931 0.2828 -0.0004 0.0431  0.0341  92  PHE A CA  
10  C C   . PHE A 6  ? 0.1214 0.0767 0.3038 -0.0050 0.0445  0.0145  92  PHE A C   
11  O O   . PHE A 6  ? 0.1714 0.1162 0.3941 -0.0127 0.0478  0.0152  92  PHE A O   
12  C CB  . PHE A 6  ? 0.1758 0.1106 0.2908 0.0047  0.0188  0.0297  92  PHE A CB  
13  C CG  . PHE A 6  ? 0.2215 0.1409 0.2815 0.0075  0.0069  0.0443  92  PHE A CG  
14  C CD1 . PHE A 6  ? 0.2127 0.1416 0.2356 -0.0011 -0.0030 0.0391  92  PHE A CD1 
15  C CD2 . PHE A 6  ? 0.2729 0.1583 0.3105 0.0181  0.0002  0.0639  92  PHE A CD2 
16  C CE1 . PHE A 6  ? 0.3047 0.2222 0.2796 -0.0041 -0.0222 0.0476  92  PHE A CE1 
17  C CE2 . PHE A 6  ? 0.3236 0.1966 0.3050 0.0231  -0.0207 0.0743  92  PHE A CE2 
18  C CZ  . PHE A 6  ? 0.3190 0.2126 0.2752 0.0102  -0.0323 0.0639  92  PHE A CZ  
19  N N   . THR A 7  ? 0.0842 0.0647 0.2693 -0.0002 0.0358  -0.0036 93  THR A N   
20  C CA  . THR A 7  ? 0.0697 0.0784 0.3106 -0.0011 0.0247  -0.0281 93  THR A CA  
21  C C   . THR A 7  ? 0.0662 0.0756 0.3118 0.0004  0.0058  -0.0439 93  THR A C   
22  O O   . THR A 7  ? 0.0713 0.0768 0.2823 0.0039  0.0021  -0.0376 93  THR A O   
23  C CB  . THR A 7  ? 0.0676 0.0944 0.2944 0.0120  0.0121  -0.0436 93  THR A CB  
24  O OG1 . THR A 7  ? 0.0688 0.0756 0.2295 0.0137  -0.0005 -0.0414 93  THR A OG1 
25  C CG2 . THR A 7  ? 0.0747 0.1048 0.2943 0.0221  0.0316  -0.0339 93  THR A CG2 
26  N N   . SER A 8  ? 0.0601 0.0808 0.3476 -0.0003 -0.0072 -0.0684 94  SER A N   
27  C CA  . SER A 8  ? 0.0654 0.0857 0.3481 0.0082  -0.0219 -0.0892 94  SER A CA  
28  C C   . SER A 8  ? 0.0495 0.0886 0.2764 0.0150  -0.0260 -0.0937 94  SER A C   
29  O O   . SER A 8  ? 0.0581 0.1092 0.2711 0.0203  -0.0237 -0.0979 94  SER A O   
30  C CB  . SER A 8  ? 0.0884 0.1088 0.4136 0.0066  -0.0403 -0.1205 94  SER A CB  
31  O OG  . SER A 8  ? 0.1450 0.1396 0.5185 -0.0094 -0.0344 -0.1139 94  SER A OG  
32  N N   . PHE A 9  ? 0.0535 0.0942 0.2482 0.0149  -0.0317 -0.0929 95  PHE A N   
33  C CA  . PHE A 9  ? 0.0633 0.1031 0.1933 0.0133  -0.0340 -0.0923 95  PHE A CA  
34  C C   . PHE A 9  ? 0.0588 0.0971 0.1599 -0.0005 -0.0197 -0.0687 95  PHE A C   
35  O O   . PHE A 9  ? 0.0723 0.1258 0.1401 -0.0116 -0.0147 -0.0687 95  PHE A O   
36  C CB  . PHE A 9  ? 0.0953 0.1156 0.1819 0.0210  -0.0504 -0.0952 95  PHE A CB  
37  C CG  . PHE A 9  ? 0.1028 0.1020 0.1788 0.0261  -0.0490 -0.0780 95  PHE A CG  
38  C CD1 . PHE A 9  ? 0.0973 0.1147 0.2299 0.0399  -0.0535 -0.0862 95  PHE A CD1 
39  C CD2 . PHE A 9  ? 0.1288 0.0916 0.1370 0.0160  -0.0426 -0.0571 95  PHE A CD2 
40  C CE1 . PHE A 9  ? 0.1144 0.1193 0.2348 0.0530  -0.0477 -0.0755 95  PHE A CE1 
41  C CE2 . PHE A 9  ? 0.1550 0.0877 0.1425 0.0283  -0.0431 -0.0476 95  PHE A CE2 
42  C CZ  . PHE A 9  ? 0.1351 0.0934 0.1805 0.0515  -0.0437 -0.0582 95  PHE A CZ  
43  N N   . GLN A 10 ? 0.0487 0.0777 0.0905 0.0165  -0.0158 -0.0267 96  GLN A N   
44  C CA  . GLN A 10 ? 0.0538 0.0830 0.0926 0.0162  -0.0137 -0.0275 96  GLN A CA  
45  C C   . GLN A 10 ? 0.0483 0.0779 0.0838 0.0159  -0.0140 -0.0274 96  GLN A C   
46  O O   . GLN A 10 ? 0.0560 0.0856 0.0910 0.0157  -0.0141 -0.0275 96  GLN A O   
47  C CB  . GLN A 10 ? 0.0564 0.0848 0.0962 0.0156  -0.0108 -0.0285 96  GLN A CB  
48  C CG  . GLN A 10 ? 0.0615 0.0894 0.1067 0.0160  -0.0093 -0.0290 96  GLN A CG  
49  C CD  . GLN A 10 ? 0.0707 0.0965 0.1192 0.0151  -0.0043 -0.0307 96  GLN A CD  
50  O OE1 . GLN A 10 ? 0.0766 0.1001 0.1215 0.0138  -0.0018 -0.0314 96  GLN A OE1 
51  N NE2 . GLN A 10 ? 0.0787 0.1041 0.1345 0.0156  -0.0023 -0.0314 96  GLN A NE2 
52  N N   . LEU A 11 ? 0.0553 0.0852 0.0906 0.0158  -0.0143 -0.0272 97  LEU A N   
53  C CA  . LEU A 11 ? 0.0597 0.0898 0.0945 0.0158  -0.0151 -0.0270 97  LEU A CA  
54  C C   . LEU A 11 ? 0.0570 0.0867 0.0924 0.0159  -0.0143 -0.0271 97  LEU A C   
55  O O   . LEU A 11 ? 0.0596 0.0897 0.0982 0.0159  -0.0138 -0.0275 97  LEU A O   
56  C CB  . LEU A 11 ? 0.0640 0.0938 0.0978 0.0157  -0.0153 -0.0267 97  LEU A CB  
57  C CG  . LEU A 11 ? 0.1307 0.1598 0.1648 0.0156  -0.0169 -0.0264 97  LEU A CG  
58  C CD1 . LEU A 11 ? 0.1405 0.1683 0.1752 0.0150  -0.0193 -0.0261 97  LEU A CD1 
59  C CD2 . LEU A 11 ? 0.1530 0.1809 0.1844 0.0152  -0.0170 -0.0262 97  LEU A CD2 
60  N N   . GLU A 12 ? 0.0623 0.0898 0.0951 0.0156  -0.0143 -0.0268 98  GLU A N   
61  C CA  . GLU A 12 ? 0.0732 0.0964 0.1026 0.0145  -0.0125 -0.0273 98  GLU A CA  
62  C C   . GLU A 12 ? 0.0594 0.0820 0.0895 0.0140  -0.0105 -0.0281 98  GLU A C   
63  O O   . GLU A 12 ? 0.0724 0.0934 0.1044 0.0135  -0.0071 -0.0292 98  GLU A O   
64  C CB  . GLU A 12 ? 0.0967 0.1145 0.1198 0.0133  -0.0145 -0.0264 98  GLU A CB  
65  C CG  . GLU A 12 ? 0.1359 0.1450 0.1505 0.0109  -0.0120 -0.0270 98  GLU A CG  
66  C CD  . GLU A 12 ? 0.2823 0.2829 0.2876 0.0089  -0.0152 -0.0258 98  GLU A CD  
67  O OE1 . GLU A 12 ? 0.2877 0.2903 0.2950 0.0094  -0.0175 -0.0251 98  GLU A OE1 
68  O OE2 . GLU A 12 ? 0.4007 0.3908 0.3952 0.0060  -0.0159 -0.0255 98  GLU A OE2 
69  N N   . GLU A 13 ? 0.0644 0.0876 0.0941 0.0144  -0.0120 -0.0277 99  GLU A N   
70  C CA  . GLU A 13 ? 0.0610 0.0833 0.0911 0.0138  -0.0103 -0.0285 99  GLU A CA  
71  C C   . GLU A 13 ? 0.0517 0.0782 0.0891 0.0142  -0.0096 -0.0291 99  GLU A C   
72  O O   . GLU A 13 ? 0.0554 0.0813 0.0962 0.0135  -0.0070 -0.0301 99  GLU A O   
73  C CB  . GLU A 13 ? 0.0734 0.0950 0.1018 0.0139  -0.0121 -0.0280 99  GLU A CB  
74  C CG  . GLU A 13 ? 0.1112 0.1274 0.1342 0.0131  -0.0145 -0.0270 99  GLU A CG  
75  C CD  . GLU A 13 ? 0.1669 0.1743 0.1808 0.0107  -0.0128 -0.0274 99  GLU A CD  
76  O OE1 . GLU A 13 ? 0.2561 0.2624 0.2693 0.0099  -0.0096 -0.0285 99  GLU A OE1 
77  O OE2 . GLU A 13 ? 0.2737 0.2749 0.2810 0.0092  -0.0138 -0.0268 99  GLU A OE2 
78  N N   . LEU A 14 ? 0.0490 0.0783 0.0883 0.0150  -0.0122 -0.0285 100 LEU A N   
79  C CA  . LEU A 14 ? 0.0482 0.0793 0.0932 0.0149  -0.0142 -0.0284 100 LEU A CA  
80  C C   . LEU A 14 ? 0.0479 0.0798 0.1009 0.0151  -0.0130 -0.0289 100 LEU A C   
81  O O   . LEU A 14 ? 0.0480 0.0810 0.1097 0.0148  -0.0130 -0.0294 100 LEU A O   
82  C CB  . LEU A 14 ? 0.0514 0.0817 0.0928 0.0146  -0.0173 -0.0275 100 LEU A CB  
83  C CG  . LEU A 14 ? 0.0661 0.0943 0.1017 0.0140  -0.0170 -0.0275 100 LEU A CG  
84  C CD1 . LEU A 14 ? 0.0876 0.1124 0.1174 0.0131  -0.0174 -0.0274 100 LEU A CD1 
85  C CD2 . LEU A 14 ? 0.0963 0.1232 0.1326 0.0129  -0.0189 -0.0275 100 LEU A CD2 
86  N N   . GLU A 15 ? 0.0548 0.0646 0.0860 0.0169  0.0032  -0.0003 101 GLU A N   
87  C CA  . GLU A 15 ? 0.0591 0.0611 0.0812 0.0163  0.0026  -0.0008 101 GLU A CA  
88  C C   . GLU A 15 ? 0.0588 0.0604 0.0805 0.0173  0.0019  -0.0004 101 GLU A C   
89  O O   . GLU A 15 ? 0.0666 0.0664 0.0853 0.0198  0.0034  -0.0016 101 GLU A O   
90  C CB  . GLU A 15 ? 0.0683 0.0643 0.0808 0.0108  0.0021  -0.0007 101 GLU A CB  
91  C CG  . GLU A 15 ? 0.0736 0.0659 0.0808 0.0078  0.0033  -0.0016 101 GLU A CG  
92  C CD  . GLU A 15 ? 0.0896 0.0696 0.0800 0.0000  0.0032  -0.0017 101 GLU A CD  
93  O OE1 . GLU A 15 ? 0.1071 0.0762 0.0863 -0.0026 0.0041  -0.0024 101 GLU A OE1 
94  O OE2 . GLU A 15 ? 0.0984 0.0770 0.0829 -0.0059 0.0022  -0.0010 101 GLU A OE2 
95  N N   . LYS A 16 ? 0.0615 0.0663 0.0860 0.0154  -0.0003 0.0017  102 LYS A N   
96  C CA  . LYS A 16 ? 0.0652 0.0672 0.0859 0.0142  -0.0008 0.0020  102 LYS A CA  
97  C C   . LYS A 16 ? 0.0630 0.0658 0.0847 0.0157  0.0011  0.0005  102 LYS A C   
98  O O   . LYS A 16 ? 0.0776 0.0820 0.0960 0.0142  0.0029  -0.0010 102 LYS A O   
99  C CB  . LYS A 16 ? 0.0884 0.0917 0.1098 0.0122  -0.0051 0.0058  102 LYS A CB  
100 C CG  . LYS A 16 ? 0.1013 0.1065 0.1180 0.0058  -0.0082 0.0080  102 LYS A CG  
101 C CD  . LYS A 16 ? 0.1678 0.1810 0.1889 0.0047  -0.0150 0.0144  102 LYS A CD  
102 C CE  . LYS A 16 ? 0.2484 0.2643 0.2612 -0.0058 -0.0191 0.0170  102 LYS A CE  
103 N NZ  . LYS A 16 ? 0.4242 0.4235 0.4192 -0.0123 -0.0164 0.0138  102 LYS A NZ  
104 N N   . ALA A 17 ? 0.0640 0.0663 0.0888 0.0175  0.0016  0.0007  103 ALA A N   
105 C CA  . ALA A 17 ? 0.0663 0.0675 0.0875 0.0150  0.0033  -0.0007 103 ALA A CA  
106 C C   . ALA A 17 ? 0.0582 0.0692 0.0814 0.0148  0.0042  -0.0020 103 ALA A C   
107 O O   . ALA A 17 ? 0.0694 0.0883 0.0916 0.0113  0.0047  -0.0025 103 ALA A O   
108 C CB  . ALA A 17 ? 0.0795 0.0728 0.0984 0.0160  0.0051  -0.0009 103 ALA A CB  
109 N N   . PHE A 18 ? 0.0538 0.0653 0.0796 0.0183  0.0039  -0.0020 104 PHE A N   
110 C CA  . PHE A 18 ? 0.0537 0.0725 0.0808 0.0209  0.0034  -0.0015 104 PHE A CA  
111 C C   . PHE A 18 ? 0.0555 0.0799 0.0840 0.0255  0.0048  -0.0017 104 PHE A C   
112 O O   . PHE A 18 ? 0.0650 0.1024 0.0980 0.0287  0.0049  -0.0007 104 PHE A O   
113 C CB  . PHE A 18 ? 0.0562 0.0678 0.0804 0.0228  0.0027  -0.0011 104 PHE A CB  
114 C CG  . PHE A 18 ? 0.0602 0.0762 0.0830 0.0246  0.0004  0.0010  104 PHE A CG  
115 C CD1 . PHE A 18 ? 0.0645 0.0883 0.0874 0.0190  -0.0010 0.0018  104 PHE A CD1 
116 C CD2 . PHE A 18 ? 0.0837 0.0929 0.1013 0.0304  -0.0008 0.0026  104 PHE A CD2 
117 C CE1 . PHE A 18 ? 0.0661 0.0958 0.0869 0.0189  -0.0050 0.0050  104 PHE A CE1 
118 C CE2 . PHE A 18 ? 0.0881 0.1006 0.1034 0.0328  -0.0047 0.0062  104 PHE A CE2 
119 C CZ  . PHE A 18 ? 0.0847 0.1100 0.1032 0.0264  -0.0072 0.0075  104 PHE A CZ  
120 N N   . SER A 19 ? 0.0610 0.0767 0.0854 0.0255  0.0063  -0.0028 105 SER A N   
121 C CA  . SER A 19 ? 0.0742 0.0908 0.0962 0.0292  0.0099  -0.0042 105 SER A CA  
122 C C   . SER A 19 ? 0.0640 0.0937 0.0895 0.0254  0.0120  -0.0053 105 SER A C   
123 O O   . SER A 19 ? 0.0954 0.1321 0.1219 0.0293  0.0167  -0.0070 105 SER A O   
124 C CB  . SER A 19 ? 0.1012 0.1015 0.1123 0.0268  0.0111  -0.0051 105 SER A CB  
125 O OG  . SER A 19 ? 0.1136 0.1012 0.1174 0.0293  0.0107  -0.0047 105 SER A OG  
126 N N   . ARG A 20 ? 0.0708 0.2583 0.0922 0.0296  -0.0107 -0.0912 106 ARG A N   
127 C CA  . ARG A 20 ? 0.0783 0.2612 0.0970 0.0291  -0.0030 -0.0885 106 ARG A CA  
128 C C   . ARG A 20 ? 0.0753 0.2284 0.1111 0.0326  -0.0048 -0.0929 106 ARG A C   
129 O O   . ARG A 20 ? 0.0812 0.2339 0.1295 0.0273  0.0016  -0.1050 106 ARG A O   
130 C CB  . ARG A 20 ? 0.1089 0.2959 0.1013 0.0367  0.0006  -0.0651 106 ARG A CB  
131 C CG  . ARG A 20 ? 0.1480 0.3711 0.1213 0.0354  0.0008  -0.0589 106 ARG A CG  
132 C CD  . ARG A 20 ? 0.2273 0.4485 0.1770 0.0500  0.0007  -0.0309 106 ARG A CD  
133 N NE  . ARG A 20 ? 0.2384 0.5020 0.1740 0.0516  -0.0050 -0.0266 106 ARG A NE  
134 C CZ  . ARG A 20 ? 0.2309 0.5110 0.1644 0.0632  -0.0136 -0.0166 106 ARG A CZ  
135 N NH1 . ARG A 20 ? 0.2571 0.5838 0.1809 0.0621  -0.0189 -0.0183 106 ARG A NH1 
136 N NH2 . ARG A 20 ? 0.2006 0.4567 0.1424 0.0745  -0.0165 -0.0080 106 ARG A NH2 
137 N N   . THR A 21 ? 0.0695 0.2024 0.1056 0.0405  -0.0134 -0.0847 107 THR A N   
138 C CA  . THR A 21 ? 0.0713 0.1811 0.1218 0.0441  -0.0180 -0.0889 107 THR A CA  
139 C C   . THR A 21 ? 0.0713 0.1640 0.1180 0.0494  -0.0292 -0.0822 107 THR A C   
140 O O   . THR A 21 ? 0.0794 0.1723 0.1094 0.0517  -0.0292 -0.0694 107 THR A O   
141 C CB  . THR A 21 ? 0.0950 0.1950 0.1401 0.0451  -0.0092 -0.0823 107 THR A CB  
142 O OG1 . THR A 21 ? 0.1154 0.1997 0.1750 0.0476  -0.0158 -0.0891 107 THR A OG1 
143 C CG2 . THR A 21 ? 0.1331 0.2266 0.1553 0.0511  -0.0043 -0.0609 107 THR A CG2 
144 N N   . HIS A 22 ? 0.0752 0.1539 0.1363 0.0517  -0.0389 -0.0904 108 HIS A N   
145 C CA  . HIS A 22 ? 0.0805 0.1389 0.1331 0.0555  -0.0493 -0.0829 108 HIS A CA  
146 C C   . HIS A 22 ? 0.0879 0.1362 0.1314 0.0577  -0.0496 -0.0743 108 HIS A C   
147 O O   . HIS A 22 ? 0.1000 0.1335 0.1304 0.0583  -0.0560 -0.0670 108 HIS A O   
148 C CB  . HIS A 22 ? 0.0991 0.1429 0.1657 0.0593  -0.0618 -0.0908 108 HIS A CB  
149 C CG  . HIS A 22 ? 0.0867 0.1318 0.1591 0.0558  -0.0598 -0.0981 108 HIS A CG  
150 N ND1 . HIS A 22 ? 0.1162 0.1437 0.2030 0.0602  -0.0681 -0.1050 108 HIS A ND1 
151 C CD2 . HIS A 22 ? 0.0826 0.1437 0.1477 0.0480  -0.0500 -0.0999 108 HIS A CD2 
152 C CE1 . HIS A 22 ? 0.1276 0.1574 0.2170 0.0536  -0.0607 -0.1122 108 HIS A CE1 
153 N NE2 . HIS A 22 ? 0.0984 0.1515 0.1749 0.0452  -0.0501 -0.1106 108 HIS A NE2 
154 N N   . TYR A 23 ? 0.0826 0.1369 0.1297 0.0568  -0.0395 -0.0754 109 TYR A N   
155 C CA  . TYR A 23 ? 0.0863 0.1308 0.1291 0.0566  -0.0357 -0.0717 109 TYR A CA  
156 C C   . TYR A 23 ? 0.0972 0.1428 0.1289 0.0564  -0.0192 -0.0612 109 TYR A C   
157 O O   . TYR A 23 ? 0.1382 0.1804 0.1746 0.0535  -0.0076 -0.0649 109 TYR A O   
158 C CB  . TYR A 23 ? 0.1078 0.1547 0.1699 0.0552  -0.0386 -0.0867 109 TYR A CB  
159 C CG  . TYR A 23 ? 0.1127 0.1576 0.1859 0.0603  -0.0586 -0.0938 109 TYR A CG  
160 C CD1 . TYR A 23 ? 0.1372 0.1714 0.2000 0.0619  -0.0704 -0.0894 109 TYR A CD1 
161 C CD2 . TYR A 23 ? 0.1223 0.1727 0.2114 0.0638  -0.0653 -0.1020 109 TYR A CD2 
162 C CE1 . TYR A 23 ? 0.1453 0.1725 0.2095 0.0684  -0.0901 -0.0896 109 TYR A CE1 
163 C CE2 . TYR A 23 ? 0.1311 0.1730 0.2284 0.0718  -0.0841 -0.1044 109 TYR A CE2 
164 C CZ  . TYR A 23 ? 0.1427 0.1721 0.2244 0.0744  -0.0963 -0.0958 109 TYR A CZ  
165 O OH  . TYR A 23 ? 0.2014 0.2193 0.2856 0.0838  -0.1152 -0.0939 109 TYR A OH  
166 N N   . PRO A 24 ? 0.0962 0.1450 0.1141 0.0598  -0.0169 -0.0487 110 PRO A N   
167 C CA  . PRO A 24 ? 0.0998 0.1477 0.1081 0.0637  -0.0030 -0.0360 110 PRO A CA  
168 C C   . PRO A 24 ? 0.1223 0.1506 0.1309 0.0637  0.0062  -0.0337 110 PRO A C   
169 O O   . PRO A 24 ? 0.1337 0.1547 0.1427 0.0621  0.0003  -0.0364 110 PRO A O   
170 C CB  . PRO A 24 ? 0.1214 0.1817 0.1195 0.0695  -0.0071 -0.0253 110 PRO A CB  
171 C CG  . PRO A 24 ? 0.1719 0.2287 0.1717 0.0657  -0.0186 -0.0323 110 PRO A CG  
172 C CD  . PRO A 24 ? 0.1082 0.1627 0.1195 0.0605  -0.0263 -0.0460 110 PRO A CD  
173 N N   . ASP A 25 ? 0.1071 0.1174 0.1349 0.0215  0.0044  -0.0115 111 ASP A N   
174 C CA  . ASP A 25 ? 0.1069 0.1140 0.1417 0.0159  0.0004  -0.0075 111 ASP A CA  
175 C C   . ASP A 25 ? 0.0890 0.0884 0.1133 0.0142  -0.0018 -0.0104 111 ASP A C   
176 O O   . ASP A 25 ? 0.0894 0.0884 0.1041 0.0163  0.0004  -0.0130 111 ASP A O   
177 C CB  . ASP A 25 ? 0.1265 0.1424 0.1812 0.0159  0.0043  0.0032  111 ASP A CB  
178 C CG  . ASP A 25 ? 0.1338 0.1584 0.1843 0.0221  0.0141  0.0105  111 ASP A CG  
179 O OD1 . ASP A 25 ? 0.2034 0.2412 0.2709 0.0275  0.0234  0.0254  111 ASP A OD1 
180 O OD2 . ASP A 25 ? 0.1601 0.1814 0.1930 0.0238  0.0139  0.0053  111 ASP A OD2 
181 N N   . VAL A 26 ? 0.0937 0.0867 0.1226 0.0117  -0.0078 -0.0110 112 VAL A N   
182 C CA  . VAL A 26 ? 0.0982 0.0829 0.1139 0.0132  -0.0087 -0.0142 112 VAL A CA  
183 C C   . VAL A 26 ? 0.0841 0.0721 0.1001 0.0132  -0.0021 -0.0093 112 VAL A C   
184 O O   . VAL A 26 ? 0.0913 0.0771 0.0970 0.0151  -0.0001 -0.0098 112 VAL A O   
185 C CB  . VAL A 26 ? 0.1216 0.0957 0.1373 0.0145  -0.0190 -0.0208 112 VAL A CB  
186 C CG1 . VAL A 26 ? 0.1550 0.1270 0.1990 0.0091  -0.0238 -0.0186 112 VAL A CG1 
187 C CG2 . VAL A 26 ? 0.1465 0.1125 0.1420 0.0212  -0.0174 -0.0238 112 VAL A CG2 
188 N N   . PHE A 27 ? 0.0927 0.0891 0.1227 0.0129  0.0025  -0.0013 113 PHE A N   
189 C CA  . PHE A 27 ? 0.1015 0.1051 0.1294 0.0164  0.0097  0.0062  113 PHE A CA  
190 C C   . PHE A 27 ? 0.0937 0.1034 0.1029 0.0216  0.0105  0.0008  113 PHE A C   
191 O O   . PHE A 27 ? 0.0985 0.1092 0.1001 0.0234  0.0102  0.0004  113 PHE A O   
192 C CB  . PHE A 27 ? 0.1167 0.1330 0.1651 0.0198  0.0178  0.0213  113 PHE A CB  
193 C CG  . PHE A 27 ? 0.2477 0.2565 0.3309 0.0130  0.0138  0.0274  113 PHE A CG  
194 N N   . THR A 28 ? 0.0875 0.1012 0.0934 0.0243  0.0096  -0.0042 114 THR A N   
195 C CA  . THR A 28 ? 0.0985 0.1146 0.0930 0.0297  0.0056  -0.0140 114 THR A CA  
196 C C   . THR A 28 ? 0.0817 0.0885 0.0803 0.0239  -0.0005 -0.0189 114 THR A C   
197 O O   . THR A 28 ? 0.0892 0.0975 0.0880 0.0256  -0.0056 -0.0232 114 THR A O   
198 C CB  . THR A 28 ? 0.1085 0.1266 0.1028 0.0343  0.0053  -0.0197 114 THR A CB  
199 O OG1 . THR A 28 ? 0.1376 0.1683 0.1296 0.0433  0.0145  -0.0102 114 THR A OG1 
200 C CG2 . THR A 28 ? 0.1340 0.1504 0.1225 0.0404  -0.0034 -0.0347 114 THR A CG2 
201 N N   . ARG A 29 ? 0.0784 0.0772 0.0828 0.0190  -0.0002 -0.0168 115 ARG A N   
202 C CA  . ARG A 29 ? 0.0715 0.0653 0.0817 0.0177  -0.0013 -0.0150 115 ARG A CA  
203 C C   . ARG A 29 ? 0.0647 0.0581 0.0723 0.0181  0.0006  -0.0102 115 ARG A C   
204 O O   . ARG A 29 ? 0.0689 0.0636 0.0870 0.0184  -0.0004 -0.0074 115 ARG A O   
205 C CB  . ARG A 29 ? 0.0728 0.0621 0.0824 0.0185  0.0003  -0.0113 115 ARG A CB  
206 C CG  . ARG A 29 ? 0.0793 0.0699 0.0956 0.0185  -0.0009 -0.0132 115 ARG A CG  
207 C CD  . ARG A 29 ? 0.0846 0.0742 0.0992 0.0229  0.0006  -0.0070 115 ARG A CD  
208 N NE  . ARG A 29 ? 0.0829 0.0691 0.0809 0.0261  -0.0026 -0.0088 115 ARG A NE  
209 C CZ  . ARG A 29 ? 0.0854 0.0717 0.0824 0.0255  -0.0091 -0.0132 115 ARG A CZ  
210 N NH1 . ARG A 29 ? 0.0989 0.0899 0.1083 0.0213  -0.0094 -0.0133 115 ARG A NH1 
211 N NH2 . ARG A 29 ? 0.1063 0.0873 0.0917 0.0301  -0.0166 -0.0183 115 ARG A NH2 
212 N N   . GLU A 30 ? 0.0691 0.0606 0.0688 0.0183  0.0032  -0.0079 116 GLU A N   
213 C CA  . GLU A 30 ? 0.0790 0.0689 0.0768 0.0199  0.0060  -0.0029 116 GLU A CA  
214 C C   . GLU A 30 ? 0.0775 0.0775 0.0780 0.0210  0.0047  -0.0016 116 GLU A C   
215 O O   . GLU A 30 ? 0.0798 0.0816 0.0854 0.0220  0.0048  0.0028  116 GLU A O   
216 C CB  . GLU A 30 ? 0.0949 0.0778 0.0913 0.0199  0.0072  -0.0022 116 GLU A CB  
217 C CG  . GLU A 30 ? 0.0956 0.0736 0.0911 0.0229  0.0107  0.0021  116 GLU A CG  
218 C CD  . GLU A 30 ? 0.0879 0.0580 0.0736 0.0294  0.0123  0.0014  116 GLU A CD  
219 O OE1 . GLU A 30 ? 0.1109 0.0753 0.0936 0.0348  0.0161  0.0042  116 GLU A OE1 
220 O OE2 . GLU A 30 ? 0.1040 0.0740 0.0838 0.0327  0.0119  0.0001  116 GLU A OE2 
221 N N   . GLU A 31 ? 0.0853 0.0973 0.0749 0.0052  -0.0037 -0.0021 117 GLU A N   
222 C CA  . GLU A 31 ? 0.0938 0.1186 0.0854 0.0122  -0.0048 0.0051  117 GLU A CA  
223 C C   . GLU A 31 ? 0.0829 0.0982 0.0687 0.0208  -0.0107 -0.0055 117 GLU A C   
224 O O   . GLU A 31 ? 0.0889 0.1001 0.0775 0.0221  -0.0100 -0.0012 117 GLU A O   
225 C CB  . GLU A 31 ? 0.1171 0.1918 0.1081 0.0159  -0.0067 0.0116  117 GLU A CB  
226 C CG  . GLU A 31 ? 0.1577 0.2521 0.1635 0.0017  -0.0050 0.0357  117 GLU A CG  
227 C CD  . GLU A 31 ? 0.3389 0.4256 0.3715 -0.0081 -0.0060 0.0625  117 GLU A CD  
228 N N   . LEU A 32 ? 0.0875 0.0972 0.0727 0.0247  -0.0196 -0.0154 118 LEU A N   
229 C CA  . LEU A 32 ? 0.0920 0.0853 0.0866 0.0278  -0.0327 -0.0192 118 LEU A CA  
230 C C   . LEU A 32 ? 0.0887 0.0705 0.0827 0.0168  -0.0288 -0.0054 118 LEU A C   
231 O O   . LEU A 32 ? 0.0994 0.0769 0.0989 0.0164  -0.0341 -0.0019 118 LEU A O   
232 C CB  . LEU A 32 ? 0.1145 0.1008 0.1241 0.0320  -0.0481 -0.0237 118 LEU A CB  
233 C CG  A LEU A 32 ? 0.1295 0.0996 0.1660 0.0393  -0.0705 -0.0329 118 LEU A CG  
234 C CG  B LEU A 32 ? 0.1036 0.1005 0.1284 0.0500  -0.0619 -0.0475 118 LEU A CG  
235 C CD1 A LEU A 32 ? 0.1112 0.0944 0.1525 0.0540  -0.0769 -0.0605 118 LEU A CD1 
236 C CD1 B LEU A 32 ? 0.1060 0.0947 0.1519 0.0534  -0.0756 -0.0444 118 LEU A CD1 
237 C CD2 A LEU A 32 ? 0.1389 0.1001 0.2034 0.0465  -0.0893 -0.0360 118 LEU A CD2 
238 C CD2 B LEU A 32 ? 0.1150 0.1025 0.1615 0.0600  -0.0802 -0.0670 118 LEU A CD2 
239 N N   . ALA A 33 ? 0.0847 0.0731 0.0732 0.0086  -0.0204 -0.0010 119 ALA A N   
240 C CA  . ALA A 33 ? 0.0858 0.0883 0.0741 0.0013  -0.0159 0.0052  119 ALA A CA  
241 C C   . ALA A 33 ? 0.0874 0.0849 0.0771 0.0067  -0.0086 0.0023  119 ALA A C   
242 O O   . ALA A 33 ? 0.0872 0.0959 0.0798 0.0050  -0.0105 0.0102  119 ALA A O   
243 C CB  . ALA A 33 ? 0.0951 0.1201 0.0789 -0.0039 -0.0074 -0.0042 119 ALA A CB  
244 N N   . MET A 34 ? 0.1025 0.0888 0.0957 0.0116  -0.0018 -0.0032 120 MET A N   
245 C CA  . MET A 34 ? 0.1046 0.0878 0.1090 0.0171  0.0024  0.0013  120 MET A CA  
246 C C   . MET A 34 ? 0.0952 0.0844 0.0956 0.0194  -0.0029 0.0107  120 MET A C   
247 O O   . MET A 34 ? 0.0875 0.0835 0.0917 0.0208  -0.0019 0.0160  120 MET A O   
248 C CB  . MET A 34 ? 0.1259 0.1009 0.1474 0.0172  0.0044  0.0068  120 MET A CB  
249 C CG  . MET A 34 ? 0.1776 0.1401 0.2185 0.0161  0.0057  -0.0087 120 MET A CG  
250 S SD  . MET A 34 ? 0.2521 0.2145 0.3174 0.0285  0.0078  -0.0238 120 MET A SD  
251 C CE  . MET A 34 ? 0.4339 0.4115 0.4864 0.0329  0.0097  -0.0038 120 MET A CE  
252 N N   . LYS A 35 ? 0.0803 0.0747 0.0749 0.0211  -0.0103 0.0077  121 LYS A N   
253 C CA  . LYS A 35 ? 0.0876 0.0958 0.0827 0.0251  -0.0181 0.0056  121 LYS A CA  
254 C C   . LYS A 35 ? 0.0864 0.0828 0.0868 0.0197  -0.0294 0.0065  121 LYS A C   
255 O O   . LYS A 35 ? 0.0886 0.0953 0.0924 0.0188  -0.0325 0.0107  121 LYS A O   
256 C CB  . LYS A 35 ? 0.0958 0.1233 0.0896 0.0327  -0.0262 -0.0113 121 LYS A CB  
257 C CG  . LYS A 35 ? 0.1171 0.1699 0.1156 0.0396  -0.0380 -0.0280 121 LYS A CG  
258 C CD  . LYS A 35 ? 0.1549 0.2442 0.1568 0.0537  -0.0477 -0.0585 121 LYS A CD  
259 C CE  . LYS A 35 ? 0.1930 0.3170 0.2047 0.0637  -0.0624 -0.0897 121 LYS A CE  
260 N NZ  . LYS A 35 ? 0.2268 0.4086 0.2446 0.0838  -0.0718 -0.1312 121 LYS A NZ  
261 N N   . ILE A 36 ? 0.0731 0.0693 0.0814 0.0179  -0.0079 -0.0033 122 ILE A N   
262 C CA  . ILE A 36 ? 0.0734 0.0655 0.0801 0.0152  -0.0104 -0.0050 122 ILE A CA  
263 C C   . ILE A 36 ? 0.0745 0.0679 0.0807 0.0103  -0.0087 -0.0039 122 ILE A C   
264 O O   . ILE A 36 ? 0.0945 0.0874 0.0977 0.0038  -0.0110 -0.0034 122 ILE A O   
265 C CB  . ILE A 36 ? 0.0782 0.0614 0.0810 0.0163  -0.0161 -0.0075 122 ILE A CB  
266 C CG1 . ILE A 36 ? 0.0875 0.0636 0.0877 0.0145  -0.0166 -0.0062 122 ILE A CG1 
267 C CG2 . ILE A 36 ? 0.1012 0.0929 0.1057 0.0236  -0.0178 -0.0116 122 ILE A CG2 
268 C CD1 . ILE A 36 ? 0.1174 0.0819 0.1114 0.0186  -0.0253 -0.0104 122 ILE A CD1 
269 N N   . GLY A 37 ? 0.0727 0.0689 0.0801 0.0123  -0.0062 -0.0036 123 GLY A N   
270 C CA  . GLY A 37 ? 0.0783 0.0835 0.0857 0.0103  -0.0049 -0.0051 123 GLY A CA  
271 C C   . GLY A 37 ? 0.0819 0.0851 0.0859 0.0043  -0.0051 -0.0035 123 GLY A C   
272 O O   . GLY A 37 ? 0.1190 0.1358 0.1218 -0.0011 -0.0041 -0.0041 123 GLY A O   
273 N N   . LEU A 38 ? 0.0789 0.0694 0.0810 0.0050  -0.0063 -0.0018 124 LEU A N   
274 C CA  . LEU A 38 ? 0.0852 0.0709 0.0828 0.0006  -0.0074 -0.0001 124 LEU A CA  
275 C C   . LEU A 38 ? 0.0755 0.0585 0.0753 0.0058  -0.0062 -0.0013 124 LEU A C   
276 O O   . LEU A 38 ? 0.0931 0.0737 0.0959 0.0102  -0.0060 -0.0017 124 LEU A O   
277 C CB  . LEU A 38 ? 0.1063 0.0766 0.0977 -0.0022 -0.0132 0.0016  124 LEU A CB  
278 C CG  . LEU A 38 ? 0.1263 0.0925 0.1124 -0.0092 -0.0179 0.0035  124 LEU A CG  
279 C CD1 . LEU A 38 ? 0.1544 0.0994 0.1321 -0.0081 -0.0275 0.0031  124 LEU A CD1 
280 C CD2 . LEU A 38 ? 0.1742 0.1501 0.1552 -0.0217 -0.0172 0.0076  124 LEU A CD2 
281 N N   . THR A 39 ? 0.0781 0.0609 0.0753 0.0039  -0.0062 -0.0011 125 THR A N   
282 C CA  . THR A 39 ? 0.0766 0.0550 0.0753 0.0080  -0.0062 -0.0023 125 THR A CA  
283 C C   . THR A 39 ? 0.0771 0.0469 0.0752 0.0087  -0.0081 -0.0015 125 THR A C   
284 O O   . THR A 39 ? 0.0818 0.0458 0.0760 0.0076  -0.0112 -0.0011 125 THR A O   
285 C CB  . THR A 39 ? 0.0792 0.0620 0.0756 0.0072  -0.0060 -0.0036 125 THR A CB  
286 O OG1 . THR A 39 ? 0.1028 0.0807 0.0929 0.0009  -0.0078 -0.0002 125 THR A OG1 
287 C CG2 . THR A 39 ? 0.1019 0.1020 0.0994 0.0087  -0.0046 -0.0074 125 THR A CG2 
288 N N   . GLU A 40 ? 0.0753 0.0446 0.0760 0.0106  -0.0080 -0.0021 126 GLU A N   
289 C CA  . GLU A 40 ? 0.0754 0.0455 0.0764 0.0114  -0.0094 -0.0030 126 GLU A CA  
290 C C   . GLU A 40 ? 0.0797 0.0447 0.0767 0.0122  -0.0119 -0.0045 126 GLU A C   
291 O O   . GLU A 40 ? 0.0832 0.0476 0.0782 0.0157  -0.0156 -0.0073 126 GLU A O   
292 C CB  . GLU A 40 ? 0.0753 0.0489 0.0788 0.0092  -0.0091 -0.0019 126 GLU A CB  
293 C CG  . GLU A 40 ? 0.0796 0.0633 0.0844 0.0087  -0.0100 -0.0039 126 GLU A CG  
294 C CD  . GLU A 40 ? 0.0765 0.0577 0.0804 0.0102  -0.0113 -0.0066 126 GLU A CD  
295 O OE1 . GLU A 40 ? 0.0810 0.0528 0.0830 0.0102  -0.0113 -0.0059 126 GLU A OE1 
296 O OE2 . GLU A 40 ? 0.0803 0.0727 0.0853 0.0124  -0.0129 -0.0105 126 GLU A OE2 
297 N N   . ALA A 41 ? 0.0819 0.0442 0.0762 0.0104  -0.0113 -0.0035 127 ALA A N   
298 C CA  . ALA A 41 ? 0.0900 0.0463 0.0783 0.0099  -0.0143 -0.0036 127 ALA A CA  
299 C C   . ALA A 41 ? 0.0993 0.0454 0.0792 0.0074  -0.0196 -0.0015 127 ALA A C   
300 O O   . ALA A 41 ? 0.1131 0.0482 0.0858 0.0100  -0.0262 -0.0028 127 ALA A O   
301 C CB  . ALA A 41 ? 0.1003 0.0607 0.0872 0.0077  -0.0123 -0.0031 127 ALA A CB  
302 N N   . ARG A 42 ? 0.0685 0.0554 0.1008 0.0058  -0.0055 -0.0129 128 ARG A N   
303 C CA  . ARG A 42 ? 0.0707 0.0572 0.1047 0.0054  -0.0052 -0.0123 128 ARG A CA  
304 C C   . ARG A 42 ? 0.0682 0.0516 0.0929 0.0072  -0.0096 -0.0096 128 ARG A C   
305 O O   . ARG A 42 ? 0.0769 0.0601 0.0978 0.0066  -0.0088 -0.0082 128 ARG A O   
306 C CB  . ARG A 42 ? 0.0922 0.0792 0.1433 0.0056  -0.0068 -0.0157 128 ARG A CB  
307 C CG  . ARG A 42 ? 0.1866 0.1770 0.2477 0.0035  0.0020  -0.0181 128 ARG A CG  
308 N N   . ILE A 43 ? 0.0708 0.0510 0.0911 0.0098  -0.0141 -0.0086 129 ILE A N   
309 C CA  . ILE A 43 ? 0.0766 0.0526 0.0851 0.0124  -0.0164 -0.0061 129 ILE A CA  
310 C C   . ILE A 43 ? 0.0733 0.0511 0.0757 0.0110  -0.0116 -0.0035 129 ILE A C   
311 O O   . ILE A 43 ? 0.0747 0.0515 0.0721 0.0118  -0.0115 -0.0029 129 ILE A O   
312 C CB  . ILE A 43 ? 0.0967 0.0666 0.0988 0.0159  -0.0201 -0.0043 129 ILE A CB  
313 C CG1 . ILE A 43 ? 0.0980 0.0640 0.1056 0.0184  -0.0286 -0.0079 129 ILE A CG1 
314 C CG2 . ILE A 43 ? 0.1116 0.0765 0.0985 0.0188  -0.0182 -0.0005 129 ILE A CG2 
315 C CD1 . ILE A 43 ? 0.1312 0.0899 0.1339 0.0219  -0.0342 -0.0065 129 ILE A CD1 
316 N N   . GLN A 44 ? 0.0704 0.0504 0.0756 0.0094  -0.0088 -0.0028 130 GLN A N   
317 C CA  . GLN A 44 ? 0.0689 0.0501 0.0729 0.0084  -0.0065 -0.0014 130 GLN A CA  
318 C C   . GLN A 44 ? 0.0679 0.0502 0.0697 0.0069  -0.0064 -0.0023 130 GLN A C   
319 O O   . GLN A 44 ? 0.0682 0.0501 0.0682 0.0073  -0.0066 -0.0011 130 GLN A O   
320 C CB  . GLN A 44 ? 0.0674 0.0502 0.0774 0.0074  -0.0062 -0.0024 130 GLN A CB  
321 C CG  . GLN A 44 ? 0.0692 0.0524 0.0818 0.0069  -0.0062 -0.0023 130 GLN A CG  
322 C CD  . GLN A 44 ? 0.0670 0.0508 0.0883 0.0068  -0.0077 -0.0045 130 GLN A CD  
323 O OE1 . GLN A 44 ? 0.0776 0.0620 0.1004 0.0066  -0.0084 -0.0070 130 GLN A OE1 
324 N NE2 . GLN A 44 ? 0.0913 0.0750 0.1212 0.0068  -0.0089 -0.0042 130 GLN A NE2 
325 N N   . VAL A 45 ? 0.0684 0.0515 0.0712 0.0056  -0.0055 -0.0039 131 VAL A N   
326 C CA  . VAL A 45 ? 0.0709 0.0532 0.0702 0.0044  -0.0044 -0.0030 131 VAL A CA  
327 C C   . VAL A 45 ? 0.0700 0.0517 0.0713 0.0049  -0.0061 -0.0021 131 VAL A C   
328 O O   . VAL A 45 ? 0.0715 0.0518 0.0706 0.0045  -0.0069 -0.0005 131 VAL A O   
329 C CB  . VAL A 45 ? 0.0880 0.0699 0.0868 0.0031  0.0000  -0.0040 131 VAL A CB  
330 C CG1 . VAL A 45 ? 0.1137 0.0931 0.1083 0.0020  0.0027  -0.0012 131 VAL A CG1 
331 C CG2 . VAL A 45 ? 0.1014 0.0828 0.0953 0.0035  0.0004  -0.0063 131 VAL A CG2 
332 N N   . TRP A 46 ? 0.0693 0.0507 0.0752 0.0064  -0.0083 -0.0036 132 TRP A N   
333 C CA  . TRP A 46 ? 0.0705 0.0504 0.0782 0.0080  -0.0119 -0.0044 132 TRP A CA  
334 C C   . TRP A 46 ? 0.0719 0.0506 0.0723 0.0097  -0.0124 -0.0035 132 TRP A C   
335 O O   . TRP A 46 ? 0.0725 0.0506 0.0743 0.0099  -0.0137 -0.0037 132 TRP A O   
336 C CB  . TRP A 46 ? 0.0744 0.0521 0.0859 0.0108  -0.0169 -0.0075 132 TRP A CB  
337 C CG  . TRP A 46 ? 0.0780 0.0529 0.0918 0.0135  -0.0225 -0.0101 132 TRP A CG  
338 C CD1 . TRP A 46 ? 0.0980 0.0732 0.1271 0.0128  -0.0256 -0.0125 132 TRP A CD1 
339 C CD2 . TRP A 46 ? 0.0845 0.0550 0.0870 0.0180  -0.0263 -0.0117 132 TRP A CD2 
340 N NE1 . TRP A 46 ? 0.1114 0.0828 0.1401 0.0166  -0.0328 -0.0161 132 TRP A NE1 
341 C CE2 . TRP A 46 ? 0.0992 0.0675 0.1098 0.0200  -0.0331 -0.0159 132 TRP A CE2 
342 C CE3 . TRP A 46 ? 0.0950 0.0630 0.0830 0.0204  -0.0233 -0.0100 132 TRP A CE3 
343 C CZ2 . TRP A 46 ? 0.1148 0.0779 0.1157 0.0252  -0.0383 -0.0196 132 TRP A CZ2 
344 C CZ3 . TRP A 46 ? 0.1355 0.0982 0.1132 0.0254  -0.0262 -0.0126 132 TRP A CZ3 
345 C CH2 . TRP A 46 ? 0.1229 0.0828 0.1056 0.0283  -0.0345 -0.0181 132 TRP A CH2 
346 N N   . PHE A 47 ? 0.0732 0.0511 0.0684 0.0111  -0.0106 -0.0026 133 PHE A N   
347 C CA  . PHE A 47 ? 0.0755 0.0526 0.0674 0.0127  -0.0086 -0.0016 133 PHE A CA  
348 C C   . PHE A 47 ? 0.0718 0.0510 0.0688 0.0103  -0.0083 -0.0009 133 PHE A C   
349 O O   . PHE A 47 ? 0.0728 0.0516 0.0717 0.0112  -0.0088 -0.0015 133 PHE A O   
350 C CB  . PHE A 47 ? 0.0789 0.0547 0.0679 0.0141  -0.0046 0.0006  133 PHE A CB  
351 C CG  . PHE A 47 ? 0.0887 0.0589 0.0673 0.0181  -0.0054 0.0008  133 PHE A CG  
352 C CD1 . PHE A 47 ? 0.1107 0.0789 0.0882 0.0184  -0.0057 0.0026  133 PHE A CD1 
353 C CD2 . PHE A 47 ? 0.1127 0.0783 0.0820 0.0222  -0.0078 -0.0015 133 PHE A CD2 
354 C CE1 . PHE A 47 ? 0.1223 0.0830 0.0878 0.0227  -0.0085 0.0031  133 PHE A CE1 
355 C CE2 . PHE A 47 ? 0.1417 0.0996 0.0974 0.0270  -0.0106 -0.0018 133 PHE A CE2 
356 C CZ  . PHE A 47 ? 0.1312 0.0865 0.0847 0.0272  -0.0109 0.0011  133 PHE A CZ  
357 N N   . GLN A 48 ? 0.0697 0.0499 0.0684 0.0079  -0.0085 -0.0002 134 GLN A N   
358 C CA  . GLN A 48 ? 0.0708 0.0502 0.0708 0.0067  -0.0109 0.0002  134 GLN A CA  
359 C C   . GLN A 48 ? 0.0728 0.0505 0.0719 0.0061  -0.0129 0.0011  134 GLN A C   
360 O O   . GLN A 48 ? 0.0741 0.0505 0.0762 0.0064  -0.0155 0.0013  134 GLN A O   
361 C CB  . GLN A 48 ? 0.0735 0.0519 0.0698 0.0055  -0.0117 -0.0001 134 GLN A CB  
362 C CG  . GLN A 48 ? 0.0732 0.0529 0.0744 0.0061  -0.0115 -0.0015 134 GLN A CG  
363 C CD  . GLN A 48 ? 0.0756 0.0544 0.0726 0.0058  -0.0125 -0.0034 134 GLN A CD  
364 O OE1 . GLN A 48 ? 0.0929 0.0690 0.0807 0.0055  -0.0119 -0.0035 134 GLN A OE1 
365 N NE2 . GLN A 48 ? 0.0841 0.0640 0.0884 0.0063  -0.0130 -0.0052 134 GLN A NE2 
366 N N   . ASN A 49 ? 0.0732 0.0509 0.0715 0.0053  -0.0116 0.0015  135 ASN A N   
367 C CA  . ASN A 49 ? 0.0760 0.0515 0.0770 0.0042  -0.0126 0.0031  135 ASN A CA  
368 C C   . ASN A 49 ? 0.0742 0.0502 0.0811 0.0061  -0.0157 0.0010  135 ASN A C   
369 O O   . ASN A 49 ? 0.0768 0.0509 0.0875 0.0057  -0.0183 0.0023  135 ASN A O   
370 C CB  . ASN A 49 ? 0.0769 0.0529 0.0816 0.0029  -0.0093 0.0037  135 ASN A CB  
371 C CG  . ASN A 49 ? 0.0821 0.0567 0.0802 0.0015  -0.0044 0.0054  135 ASN A CG  
372 O OD1 . ASN A 49 ? 0.1031 0.0749 0.0909 0.0017  -0.0052 0.0063  135 ASN A OD1 
373 N ND2 . ASN A 49 ? 0.0825 0.0583 0.0871 0.0005  0.0000  0.0050  135 ASN A ND2 
374 N N   . ARG A 50 ? 0.0679 0.0483 0.0775 0.0122  -0.0111 -0.0071 136 ARG A N   
375 C CA  . ARG A 50 ? 0.0707 0.0509 0.0776 0.0124  -0.0124 -0.0055 136 ARG A CA  
376 C C   . ARG A 50 ? 0.0678 0.0478 0.0731 0.0130  -0.0128 -0.0061 136 ARG A C   
377 O O   . ARG A 50 ? 0.0784 0.0577 0.0834 0.0135  -0.0130 -0.0071 136 ARG A O   
378 C CB  . ARG A 50 ? 0.0788 0.0600 0.0876 0.0116  -0.0145 -0.0038 136 ARG A CB  
379 C CG  . ARG A 50 ? 0.1016 0.0851 0.1149 0.0115  -0.0157 -0.0041 136 ARG A CG  
380 C CD  . ARG A 50 ? 0.1258 0.1100 0.1354 0.0097  -0.0140 -0.0050 136 ARG A CD  
381 N NE  . ARG A 50 ? 0.1288 0.1128 0.1335 0.0072  -0.0149 -0.0036 136 ARG A NE  
382 C CZ  . ARG A 50 ? 0.1014 0.0874 0.1045 0.0039  -0.0171 -0.0025 136 ARG A CZ  
383 N NH1 . ARG A 50 ? 0.1199 0.1054 0.1164 -0.0004 -0.0164 -0.0025 136 ARG A NH1 
384 N NH2 . ARG A 50 ? 0.0931 0.0823 0.1013 0.0041  -0.0197 -0.0023 136 ARG A NH2 
385 N N   . ARG A 51 ? 0.0724 0.0533 0.0786 0.0131  -0.0127 -0.0066 137 ARG A N   
386 C CA  . ARG A 51 ? 0.0774 0.0607 0.0851 0.0137  -0.0132 -0.0088 137 ARG A CA  
387 C C   . ARG A 51 ? 0.0760 0.0565 0.0832 0.0157  -0.0164 -0.0085 137 ARG A C   
388 O O   . ARG A 51 ? 0.0909 0.0723 0.1030 0.0180  -0.0189 -0.0106 137 ARG A O   
389 C CB  . ARG A 51 ? 0.0726 0.0579 0.0808 0.0123  -0.0122 -0.0098 137 ARG A CB  
390 C CG  . ARG A 51 ? 0.0755 0.0604 0.0815 0.0087  -0.0107 -0.0096 137 ARG A CG  
391 C CD  . ARG A 51 ? 0.0762 0.0623 0.0815 0.0062  -0.0093 -0.0116 137 ARG A CD  
392 N NE  . ARG A 51 ? 0.0729 0.0558 0.0784 0.0070  -0.0093 -0.0103 137 ARG A NE  
393 C CZ  . ARG A 51 ? 0.0760 0.0528 0.0807 0.0060  -0.0097 -0.0082 137 ARG A CZ  
394 N NH1 . ARG A 51 ? 0.0852 0.0566 0.0863 0.0036  -0.0121 -0.0049 137 ARG A NH1 
395 N NH2 . ARG A 51 ? 0.0886 0.0639 0.0963 0.0065  -0.0084 -0.0095 137 ARG A NH2 
396 N N   . ALA A 52 ? 0.0787 0.0554 0.0803 0.0140  -0.0168 -0.0065 138 ALA A N   
397 C CA  . ALA A 52 ? 0.0900 0.0608 0.0862 0.0133  -0.0212 -0.0046 138 ALA A CA  
398 C C   . ALA A 52 ? 0.0979 0.0630 0.0929 0.0145  -0.0232 -0.0035 138 ALA A C   
399 O O   . ALA A 52 ? 0.1189 0.0780 0.1141 0.0164  -0.0295 -0.0021 138 ALA A O   
400 C CB  . ALA A 52 ? 0.1082 0.0760 0.0953 0.0078  -0.0197 -0.0039 138 ALA A CB  
401 N N   . LYS A 53 ? 0.0947 0.0606 0.0893 0.0133  -0.0192 -0.0040 139 LYS A N   
402 C CA  . LYS A 53 ? 0.1081 0.0688 0.1011 0.0133  -0.0198 -0.0038 139 LYS A CA  
403 C C   . LYS A 53 ? 0.1025 0.0658 0.1055 0.0176  -0.0212 -0.0068 139 LYS A C   
404 O O   . LYS A 53 ? 0.1382 0.0943 0.1430 0.0197  -0.0252 -0.0071 139 LYS A O   
405 C CB  . LYS A 53 ? 0.0959 0.0606 0.0888 0.0109  -0.0149 -0.0049 139 LYS A CB  
406 C CG  . LYS A 53 ? 0.1028 0.0662 0.0895 0.0061  -0.0124 -0.0051 139 LYS A CG  
407 C CD  . LYS A 53 ? 0.1247 0.0786 0.1009 0.0014  -0.0129 -0.0040 139 LYS A CD  
408 C CE  . LYS A 53 ? 0.1561 0.1082 0.1232 -0.0065 -0.0099 -0.0056 139 LYS A CE  
409 N NZ  . LYS A 53 ? 0.1273 0.0749 0.0875 -0.0087 -0.0128 -0.0035 139 LYS A NZ  
410 N N   . TRP A 54 ? 0.0992 0.0712 0.1085 0.0180  -0.0182 -0.0099 140 TRP A N   
411 C CA  . TRP A 54 ? 0.1095 0.0866 0.1285 0.0194  -0.0170 -0.0156 140 TRP A CA  
412 C C   . TRP A 54 ? 0.1049 0.0812 0.1336 0.0241  -0.0226 -0.0182 140 TRP A C   
413 O O   . TRP A 54 ? 0.1423 0.1177 0.1817 0.0271  -0.0244 -0.0230 140 TRP A O   
414 C CB  . TRP A 54 ? 0.1173 0.1024 0.1366 0.0160  -0.0128 -0.0179 140 TRP A CB  
415 C CG  . TRP A 54 ? 0.1013 0.0938 0.1292 0.0141  -0.0093 -0.0260 140 TRP A CG  
416 C CD1 . TRP A 54 ? 0.1480 0.1474 0.1863 0.0152  -0.0093 -0.0322 140 TRP A CD1 
417 C CD2 . TRP A 54 ? 0.0820 0.0775 0.1090 0.0086  -0.0042 -0.0305 140 TRP A CD2 
418 N NE1 . TRP A 54 ? 0.1380 0.1451 0.1835 0.0108  -0.0036 -0.0417 140 TRP A NE1 
419 C CE2 . TRP A 54 ? 0.1038 0.1081 0.1410 0.0059  -0.0002 -0.0406 140 TRP A CE2 
420 C CE3 . TRP A 54 ? 0.1133 0.1059 0.1316 0.0045  -0.0026 -0.0278 140 TRP A CE3 
421 C CZ2 . TRP A 54 ? 0.1176 0.1271 0.1542 -0.0023 0.0067  -0.0482 140 TRP A CZ2 
422 C CZ3 . TRP A 54 ? 0.1123 0.1091 0.1291 -0.0028 0.0025  -0.0334 140 TRP A CZ3 
423 C CH2 . TRP A 54 ? 0.1254 0.1305 0.1502 -0.0071 0.0079  -0.0440 140 TRP A CH2 
424 N N   . ARG A 55 ? 0.1068 0.0835 0.1338 0.0249  -0.0263 -0.0156 141 ARG A N   
425 C CA  . ARG A 55 ? 0.1307 0.1077 0.1676 0.0293  -0.0337 -0.0175 141 ARG A CA  
426 C C   . ARG A 55 ? 0.1473 0.1108 0.1817 0.0320  -0.0425 -0.0130 141 ARG A C   
427 O O   . ARG A 55 ? 0.1725 0.1344 0.2208 0.0374  -0.0507 -0.0158 141 ARG A O   
428 C CB  . ARG A 55 ? 0.1444 0.1243 0.1770 0.0277  -0.0357 -0.0151 141 ARG A CB  
429 C CG  . ARG A 55 ? 0.1136 0.1044 0.1488 0.0251  -0.0288 -0.0195 141 ARG A CG  
430 C CD  . ARG A 55 ? 0.1514 0.1453 0.1849 0.0240  -0.0316 -0.0185 141 ARG A CD  
431 N NE  . ARG A 55 ? 0.1449 0.1440 0.1749 0.0197  -0.0243 -0.0202 141 ARG A NE  
432 C CZ  . ARG A 55 ? 0.1318 0.1271 0.1513 0.0162  -0.0208 -0.0163 141 ARG A CZ  
433 N NH1 . ARG A 55 ? 0.1453 0.1337 0.1567 0.0155  -0.0229 -0.0117 141 ARG A NH1 
434 N NH2 . ARG A 55 ? 0.1157 0.1135 0.1336 0.0130  -0.0156 -0.0180 141 ARG A NH2 
# 
loop_
_pdbx_poly_seq_scheme.asym_id 
_pdbx_poly_seq_scheme.entity_id 
_pdbx_poly_seq_scheme.seq_id 
_pdbx_poly_seq_scheme.mon_id 
_pdbx_poly_seq_scheme.ndb_seq_num 
_pdbx_poly_seq_scheme.pdb_seq_num 
_pdbx_poly_seq_scheme.auth_seq_num 
_pdbx_poly_seq_scheme.pdb_mon_id 
_pdbx_poly_seq_scheme.auth_mon_id 
_pdbx_poly_seq_scheme.pdb_strand_id 
_pdbx_poly_seq_scheme.pdb_ins_code 
_pdbx_poly_seq_scheme.hetero 
A 1 1  GLY 1  87  ?   ?   ?   A . n 
A 1 2  SER 2  88  ?   ?   ?   A . n 
A 1 3  HIS 3  89  ?   ?   ?   A . n 
A 1 4  MET 4  90  ?   ?   ?   A . n 
A 1 5  THR 5  91  91  THR THR A . n 
A 1 6  PHE 6  92  92  PHE PHE A . n 
A 1 7  THR 7  93  93  THR THR A . n 
A 1 8  SER 8  94  94  SER SER A . n 
A 1 9  PHE 9  95  95  PHE PHE A . n 
A 1 10 GLN 10 96  96  GLN GLN A . n 
A 1 11 LEU 11 97  97  LEU LEU A . n 
A 1 12 GLU 12 98  98  GLU GLU A . n 
A 1 13 GLU 13 99  99  GLU GLU A . n 
A 1 14 LEU 14 100 100 LEU LEU A . n 
A 1 15 GLU 15 101 101 GLU GLU A . n 
A 1 16 LYS 16 102 102 LYS LYS A . n 
A 1 17 ALA 17 103 103 ALA ALA A . n 
A 1 18 PHE 18 104 104 PHE PHE A . n 
A 1 19 SER 19 105 105 SER SER A . n 
A 1 20 ARG 20 106 106 ARG ARG A . n 
A 1 21 THR 21 107 107 THR THR A . n 
A 1 22 HIS 22 108 108 HIS HIS A . n 
A 1 23 TYR 23 109 109 TYR TYR A . n 
A 1 24 PRO 24 110 110 PRO PRO A . n 
A 1 25 ASP 25 111 111 ASP ASP A . n 
A 1 26 VAL 26 112 112 VAL VAL A . n 
A 1 27 PHE 27 113 113 PHE PHE A . n 
A 1 28 THR 28 114 114 THR THR A . n 
A 1 29 ARG 29 115 115 ARG ARG A . n 
A 1 30 GLU 30 116 116 GLU GLU A . n 
A 1 31 GLU 31 117 117 GLU GLU A . n 
A 1 32 LEU 32 118 118 LEU LEU A . n 
A 1 33 ALA 33 119 119 ALA ALA A . n 
A 1 34 MET 34 120 120 MET MET A . n 
A 1 35 LYS 35 121 121 LYS LYS A . n 
A 1 36 ILE 36 122 122 ILE ILE A . n 
A 1 37 GLY 37 123 123 GLY GLY A . n 
A 1 38 LEU 38 124 124 LEU LEU A . n 
A 1 39 THR 39 125 125 THR THR A . n 
A 1 40 GLU 40 126 126 GLU GLU A . n 
A 1 41 ALA 41 127 127 ALA ALA A . n 
A 1 42 ARG 42 128 128 ARG ARG A . n 
A 1 43 ILE 43 129 129 ILE ILE A . n 
A 1 44 GLN 44 130 130 GLN GLN A . n 
A 1 45 VAL 45 131 131 VAL VAL A . n 
A 1 46 TRP 46 132 132 TRP TRP A . n 
A 1 47 PHE 47 133 133 PHE PHE A . n 
A 1 48 GLN 48 134 134 GLN GLN A . n 
A 1 49 ASN 49 135 135 ASN ASN A . n 
A 1 50 ARG 50 136 136 ARG ARG A . n 
A 1 51 ARG 51 137 137 ARG ARG A . n 
A 1 52 ALA 52 138 138 ALA ALA A . n 
A 1 53 LYS 53 139 139 LYS LYS A . n 
A 1 54 TRP 54 140 140 TRP TRP A . n 
A 1 55 ARG 55 141 141 ARG ARG A . n 
A 1 56 LYS 56 142 ?   ?   ?   A . n 
A 1 57 GLN 57 143 ?   ?   ?   A . n 
A 1 58 GLU 58 144 ?   ?   ?   A . n 
A 1 59 LYS 59 145 ?   ?   ?   A . n 
A 1 60 VAL 60 146 ?   ?   ?   A . n 
# 
loop_
_pdbx_nonpoly_scheme.asym_id 
_pdbx_nonpoly_scheme.entity_id 
_pdbx_nonpoly_scheme.mon_id 
_pdbx_nonpoly_scheme.ndb_seq_num 
_pdbx_nonpoly_scheme.pdb_seq_num 
_pdbx_nonpoly_scheme.auth_seq_num 
_pdbx_nonpoly_scheme.pdb_mon_id 
_pdbx_nonpoly_scheme.auth_mon_id 
_pdbx_nonpoly_scheme.pdb_strand_id 
_pdbx_nonpoly_scheme.pdb_ins_code 
B 2 CD  1  1   1  CD  CD  A . 
C 3 CL  1  147 1  CL  CL  A . 
D 4 HOH 1  2   2  HOH HOH A . 
D 4 HOH 2  3   3  HOH HOH A . 
D 4 HOH 3  4   4  HOH HOH A . 
D 4 HOH 4  5   5  HOH HOH A . 
D 4 HOH 5  6   6  HOH HOH A . 
D 4 HOH 6  7   7  HOH HOH A . 
D 4 HOH 7  8   8  HOH HOH A . 
D 4 HOH 8  9   9  HOH HOH A . 
D 4 HOH 9  10  10 HOH HOH A . 
D 4 HOH 10 11  11 HOH HOH A . 
D 4 HOH 11 12  12 HOH HOH A . 
D 4 HOH 12 13  13 HOH HOH A . 
D 4 HOH 13 14  14 HOH HOH A . 
D 4 HOH 14 15  15 HOH HOH A . 
D 4 HOH 15 16  16 HOH HOH A . 
D 4 HOH 16 17  17 HOH HOH A . 
D 4 HOH 17 18  18 HOH HOH A . 
D 4 HOH 18 19  19 HOH HOH A . 
D 4 HOH 19 20  20 HOH HOH A . 
D 4 HOH 20 21  21 HOH HOH A . 
D 4 HOH 21 22  22 HOH HOH A . 
D 4 HOH 22 23  23 HOH HOH A . 
D 4 HOH 23 24  24 HOH HOH A . 
D 4 HOH 24 25  25 HOH HOH A . 
D 4 HOH 25 26  26 HOH HOH A . 
D 4 HOH 26 27  27 HOH HOH A . 
D 4 HOH 27 28  28 HOH HOH A . 
D 4 HOH 28 29  29 HOH HOH A . 
D 4 HOH 29 30  30 HOH HOH A . 
D 4 HOH 30 31  31 HOH HOH A . 
D 4 HOH 31 32  32 HOH HOH A . 
D 4 HOH 32 33  33 HOH HOH A . 
D 4 HOH 33 34  34 HOH HOH A . 
D 4 HOH 34 35  35 HOH HOH A . 
D 4 HOH 35 36  36 HOH HOH A . 
D 4 HOH 36 37  37 HOH HOH A . 
D 4 HOH 37 38  38 HOH HOH A . 
D 4 HOH 38 39  39 HOH HOH A . 
D 4 HOH 39 40  40 HOH HOH A . 
D 4 HOH 40 41  41 HOH HOH A . 
D 4 HOH 41 42  42 HOH HOH A . 
D 4 HOH 42 43  43 HOH HOH A . 
D 4 HOH 43 44  44 HOH HOH A . 
D 4 HOH 44 45  45 HOH HOH A . 
D 4 HOH 45 46  46 HOH HOH A . 
D 4 HOH 46 47  47 HOH HOH A . 
D 4 HOH 47 48  48 HOH HOH A . 
D 4 HOH 48 49  49 HOH HOH A . 
D 4 HOH 49 50  50 HOH HOH A . 
D 4 HOH 50 51  51 HOH HOH A . 
D 4 HOH 51 52  52 HOH HOH A . 
D 4 HOH 52 53  53 HOH HOH A . 
D 4 HOH 53 54  54 HOH HOH A . 
D 4 HOH 54 55  55 HOH HOH A . 
D 4 HOH 55 56  56 HOH HOH A . 
D 4 HOH 56 57  57 HOH HOH A . 
D 4 HOH 57 58  58 HOH HOH A . 
D 4 HOH 58 59  59 HOH HOH A . 
D 4 HOH 59 60  60 HOH HOH A . 
D 4 HOH 60 61  61 HOH HOH A . 
D 4 HOH 61 62  62 HOH HOH A . 
D 4 HOH 62 63  63 HOH HOH A . 
D 4 HOH 63 64  64 HOH HOH A . 
D 4 HOH 64 65  65 HOH HOH A . 
D 4 HOH 65 66  66 HOH HOH A . 
D 4 HOH 66 67  67 HOH HOH A . 
D 4 HOH 67 68  68 HOH HOH A . 
D 4 HOH 68 69  69 HOH HOH A . 
D 4 HOH 69 70  70 HOH HOH A . 
D 4 HOH 70 71  71 HOH HOH A . 
D 4 HOH 71 72  72 HOH HOH A . 
D 4 HOH 72 73  73 HOH HOH A . 
D 4 HOH 73 74  74 HOH HOH A . 
D 4 HOH 74 75  75 HOH HOH A . 
D 4 HOH 75 76  76 HOH HOH A . 
D 4 HOH 76 77  77 HOH HOH A . 
D 4 HOH 77 78  78 HOH HOH A . 
D 4 HOH 78 79  79 HOH HOH A . 
D 4 HOH 79 80  80 HOH HOH A . 
D 4 HOH 80 81  81 HOH HOH A . 
D 4 HOH 81 82  82 HOH HOH A . 
D 4 HOH 82 83  83 HOH HOH A . 
D 4 HOH 83 84  84 HOH HOH A . 
D 4 HOH 84 85  85 HOH HOH A . 
D 4 HOH 85 86  86 HOH HOH A . 
D 4 HOH 86 148 1  HOH HOH A . 
D 4 HOH 87 149 87 HOH HOH A . 
D 4 HOH 88 150 88 HOH HOH A . 
D 4 HOH 89 151 89 HOH HOH A . 
D 4 HOH 90 152 90 HOH HOH A . 
D 4 HOH 91 153 91 HOH HOH A . 
D 4 HOH 92 154 92 HOH HOH A . 
D 4 HOH 93 155 93 HOH HOH A . 
D 4 HOH 94 156 94 HOH HOH A . 
D 4 HOH 95 157 95 HOH HOH A . 
D 4 HOH 96 158 96 HOH HOH A . 
D 4 HOH 97 159 97 HOH HOH A . 
D 4 HOH 98 160 98 HOH HOH A . 
D 4 HOH 99 161 99 HOH HOH A . 
# 
_pdbx_struct_assembly.id                   1 
_pdbx_struct_assembly.details              author_and_software_defined_assembly 
_pdbx_struct_assembly.method_details       PISA 
_pdbx_struct_assembly.oligomeric_details   monomeric 
_pdbx_struct_assembly.oligomeric_count     1 
# 
_pdbx_struct_assembly_gen.assembly_id       1 
_pdbx_struct_assembly_gen.oper_expression   1 
_pdbx_struct_assembly_gen.asym_id_list      A,B,C,D 
# 
_pdbx_struct_oper_list.id                   1 
_pdbx_struct_oper_list.type                 'identity operation' 
_pdbx_struct_oper_list.name                 1_555 
_pdbx_struct_oper_list.symmetry_operation   x,y,z 
_pdbx_struct_oper_list.matrix[1][1]         1.0000000000 
_pdbx_struct_oper_list.matrix[1][2]         0.0000000000 
_pdbx_struct_oper_list.matrix[1][3]         0.0000000000 
_pdbx_struct_oper_list.vector[1]            0.0000000000 
_pdbx_struct_oper_list.matrix[2][1]         0.0000000000 
_pdbx_struct_oper_list.matrix[2][2]         1.0000000000 
_pdbx_struct_oper_list.matrix[2][3]         0.0000000000 
_pdbx_struct_oper_list.vector[2]            0.0000000000 
_pdbx_struct_oper_list.matrix[3][1]         0.0000000000 
_pdbx_struct_oper_list.matrix[3][2]         0.0000000000 
_pdbx_struct_oper_list.matrix[3][3]         1.0000000000 
_pdbx_struct_oper_list.vector[3]            0.0000000000 
# 
_pdbx_struct_special_symmetry.id              1 
_pdbx_struct_special_symmetry.PDB_model_num   1 
_pdbx_struct_special_symmetry.auth_asym_id    A 
_pdbx_struct_special_symmetry.auth_comp_id    HOH 
_pdbx_struct_special_symmetry.auth_seq_id     3 
_pdbx_struct_special_symmetry.PDB_ins_code    ? 
_pdbx_struct_special_symmetry.label_asym_id   D 
_pdbx_struct_special_symmetry.label_comp_id   HOH 
_pdbx_struct_special_symmetry.label_seq_id    . 
# 
loop_
_pdbx_struct_conn_angle.id 
_pdbx_struct_conn_angle.ptnr1_label_atom_id 
_pdbx_struct_conn_angle.ptnr1_label_alt_id 
_pdbx_struct_conn_angle.ptnr1_label_asym_id 
_pdbx_struct_conn_angle.ptnr1_label_comp_id 
_pdbx_struct_conn_angle.ptnr1_label_seq_id 
_pdbx_struct_conn_angle.ptnr1_auth_atom_id 
_pdbx_struct_conn_angle.ptnr1_auth_asym_id 
_pdbx_struct_conn_angle.ptnr1_auth_comp_id 
_pdbx_struct_conn_angle.ptnr1_auth_seq_id 
_pdbx_struct_conn_angle.ptnr1_PDB_ins_code 
_pdbx_struct_conn_angle.ptnr1_symmetry 
_pdbx_struct_conn_angle.ptnr2_label_atom_id 
_pdbx_struct_conn_angle.ptnr2_label_alt_id 
_pdbx_struct_conn_angle.ptnr2_label_asym_id 
_pdbx_struct_conn_angle.ptnr2_label_comp_id 
_pdbx_struct_conn_angle.ptnr2_label_seq_id 
_pdbx_struct_conn_angle.ptnr2_auth_atom_id 
_pdbx_struct_conn_angle.ptnr2_auth_asym_id 
_pdbx_struct_conn_angle.ptnr2_auth_comp_id 
_pdbx_struct_conn_angle.ptnr2_auth_seq_id 
_pdbx_struct_conn_angle.ptnr2_PDB_ins_code 
_pdbx_struct_conn_angle.ptnr2_symmetry 
_pdbx_struct_conn_angle.ptnr3_label_atom_id 
_pdbx_struct_conn_angle.ptnr3_label_alt_id 
_pdbx_struct_conn_angle.ptnr3_label_asym_id 
_pdbx_struct_conn_angle.ptnr3_label_comp_id 
_pdbx_struct_conn_angle.ptnr3_label_seq_id 
_pdbx_struct_conn_angle.ptnr3_auth_atom_id 
_pdbx_struct_conn_angle.ptnr3_auth_asym_id 
_pdbx_struct_conn_angle.ptnr3_auth_comp_id 
_pdbx_struct_conn_angle.ptnr3_auth_seq_id 
_pdbx_struct_conn_angle.ptnr3_PDB_ins_code 
_pdbx_struct_conn_angle.ptnr3_symmetry 
_pdbx_struct_conn_angle.value 
_pdbx_struct_conn_angle.value_esd 
1 OE1 ? A GLU 40 ? A GLU 126 ? 1_555 CD ? B CD . ? A CD 1 ? 1_555 OE2 ? A GLU 40 ? A GLU 126 ? 1_555 54.6  ? 
2 OE1 ? A GLU 40 ? A GLU 126 ? 1_555 CD ? B CD . ? A CD 1 ? 1_555 OE1 ? A GLN 44 ? A GLN 130 ? 1_555 111.1 ? 
3 OE2 ? A GLU 40 ? A GLU 126 ? 1_555 CD ? B CD . ? A CD 1 ? 1_555 OE1 ? A GLN 44 ? A GLN 130 ? 1_555 85.4  ? 
# 
loop_
_pdbx_audit_revision_history.ordinal 
_pdbx_audit_revision_history.data_content_type 
_pdbx_audit_revision_history.major_revision 
_pdbx_audit_revision_history.minor_revision 
_pdbx_audit_revision_history.revision_date 
1 'Structure model' 1 0 2010-03-09 
2 'Structure model' 1 1 2011-07-13 
3 'Structure model' 1 2 2023-11-01 
# 
_pdbx_audit_revision_details.ordinal             1 
_pdbx_audit_revision_details.revision_ordinal    1 
_pdbx_audit_revision_details.data_content_type   'Structure model' 
_pdbx_audit_revision_details.provider            repository 
_pdbx_audit_revision_details.type                'Initial release' 
_pdbx_audit_revision_details.description         ? 
_pdbx_audit_revision_details.details             ? 
# 
loop_
_pdbx_audit_revision_group.ordinal 
_pdbx_audit_revision_group.revision_ordinal 
_pdbx_audit_revision_group.data_content_type 
_pdbx_audit_revision_group.group 
1 2 'Structure model' 'Version format compliance' 
2 3 'Structure model' 'Data collection'           
3 3 'Structure model' 'Database references'       
4 3 'Structure model' 'Derived calculations'      
5 3 'Structure model' 'Refinement description'    
# 
loop_
_pdbx_audit_revision_category.ordinal 
_pdbx_audit_revision_category.revision_ordinal 
_pdbx_audit_revision_category.data_content_type 
_pdbx_audit_revision_category.category 
1 3 'Structure model' chem_comp_atom                
2 3 'Structure model' chem_comp_bond                
3 3 'Structure model' database_2                    
4 3 'Structure model' pdbx_initial_refinement_model 
5 3 'Structure model' pdbx_struct_conn_angle        
6 3 'Structure model' struct_conn                   
7 3 'Structure model' struct_ref_seq_dif            
8 3 'Structure model' struct_site                   
# 
loop_
_pdbx_audit_revision_item.ordinal 
_pdbx_audit_revision_item.revision_ordinal 
_pdbx_audit_revision_item.data_content_type 
_pdbx_audit_revision_item.item 
1  3 'Structure model' '_database_2.pdbx_DOI'                        
2  3 'Structure model' '_database_2.pdbx_database_accession'         
3  3 'Structure model' '_pdbx_struct_conn_angle.ptnr1_auth_comp_id'  
4  3 'Structure model' '_pdbx_struct_conn_angle.ptnr1_auth_seq_id'   
5  3 'Structure model' '_pdbx_struct_conn_angle.ptnr1_label_atom_id' 
6  3 'Structure model' '_pdbx_struct_conn_angle.ptnr1_label_comp_id' 
7  3 'Structure model' '_pdbx_struct_conn_angle.ptnr1_label_seq_id'  
8  3 'Structure model' '_pdbx_struct_conn_angle.ptnr3_auth_comp_id'  
9  3 'Structure model' '_pdbx_struct_conn_angle.ptnr3_auth_seq_id'   
10 3 'Structure model' '_pdbx_struct_conn_angle.ptnr3_label_atom_id' 
11 3 'Structure model' '_pdbx_struct_conn_angle.ptnr3_label_comp_id' 
12 3 'Structure model' '_pdbx_struct_conn_angle.ptnr3_label_seq_id'  
13 3 'Structure model' '_pdbx_struct_conn_angle.value'               
14 3 'Structure model' '_struct_conn.pdbx_dist_value'                
15 3 'Structure model' '_struct_conn.ptnr1_auth_comp_id'             
16 3 'Structure model' '_struct_conn.ptnr1_auth_seq_id'              
17 3 'Structure model' '_struct_conn.ptnr1_label_asym_id'            
18 3 'Structure model' '_struct_conn.ptnr1_label_atom_id'            
19 3 'Structure model' '_struct_conn.ptnr1_label_comp_id'            
20 3 'Structure model' '_struct_conn.ptnr1_label_seq_id'             
21 3 'Structure model' '_struct_conn.ptnr2_auth_comp_id'             
22 3 'Structure model' '_struct_conn.ptnr2_auth_seq_id'              
23 3 'Structure model' '_struct_conn.ptnr2_label_asym_id'            
24 3 'Structure model' '_struct_conn.ptnr2_label_atom_id'            
25 3 'Structure model' '_struct_conn.ptnr2_label_comp_id'            
26 3 'Structure model' '_struct_conn.ptnr2_label_seq_id'             
27 3 'Structure model' '_struct_ref_seq_dif.details'                 
28 3 'Structure model' '_struct_site.pdbx_auth_asym_id'              
29 3 'Structure model' '_struct_site.pdbx_auth_comp_id'              
30 3 'Structure model' '_struct_site.pdbx_auth_seq_id'               
# 
loop_
_pdbx_refine_tls.pdbx_refine_id 
_pdbx_refine_tls.id 
_pdbx_refine_tls.details 
_pdbx_refine_tls.method 
_pdbx_refine_tls.origin_x 
_pdbx_refine_tls.origin_y 
_pdbx_refine_tls.origin_z 
_pdbx_refine_tls.T[1][1] 
_pdbx_refine_tls.T[2][2] 
_pdbx_refine_tls.T[3][3] 
_pdbx_refine_tls.T[1][2] 
_pdbx_refine_tls.T[1][3] 
_pdbx_refine_tls.T[2][3] 
_pdbx_refine_tls.L[1][1] 
_pdbx_refine_tls.L[2][2] 
_pdbx_refine_tls.L[3][3] 
_pdbx_refine_tls.L[1][2] 
_pdbx_refine_tls.L[1][3] 
_pdbx_refine_tls.L[2][3] 
_pdbx_refine_tls.S[1][1] 
_pdbx_refine_tls.S[1][2] 
_pdbx_refine_tls.S[1][3] 
_pdbx_refine_tls.S[2][1] 
_pdbx_refine_tls.S[2][2] 
_pdbx_refine_tls.S[2][3] 
_pdbx_refine_tls.S[3][1] 
_pdbx_refine_tls.S[3][2] 
_pdbx_refine_tls.S[3][3] 
'X-RAY DIFFRACTION' 1 ? refined -10.3009 -3.5119 -0.8812 0.0211 0.0097 0.2027 0.0010 0.0193  -0.0150 5.6800  9.6385 11.7583 -1.1597 2.0639  2.0389  -0.0022 0.0621  -0.9750 0.4187  -0.0898 0.6571  0.0006  -0.1467 0.0921  
'X-RAY DIFFRACTION' 2 ? refined -4.9966  -2.8001 -4.3749 0.0245 0.0523 0.0579 0.0151 -0.0136 -0.0275 0.1757  2.1869 0.2043  0.6018  -0.0100 0.0731  -0.0051 -0.0058 0.0021  -0.0466 0.0135  -0.0205 -0.0113 0.0056  -0.0084 
'X-RAY DIFFRACTION' 3 ? refined 2.3782   -4.5557 -5.4393 0.0320 0.0357 0.0541 0.0208 0.0036  -0.0017 0.7861  1.7999 4.0927  1.1814  -0.3901 -0.3403 -0.0267 0.0162  0.0024  -0.0482 0.0288  -0.0015 0.1020  0.0753  -0.0020 
'X-RAY DIFFRACTION' 4 ? refined 8.3060   -1.2741 -2.7339 0.0397 0.1218 0.0780 0.0530 -0.0282 -0.0722 3.5750  2.4501 3.1747  1.0504  -1.5334 1.8686  0.0660  0.4066  -0.1275 0.0007  0.2144  -0.3535 -0.0616 -0.0834 -0.2803 
'X-RAY DIFFRACTION' 5 ? refined 3.8779   8.2347  -0.5252 0.0376 0.0312 0.0438 0.0158 0.0014  -0.0108 5.3293  3.8602 1.1490  -3.1624 0.4299  -1.4848 0.0339  0.1587  0.0926  0.0259  -0.0323 -0.1520 -0.0486 0.0460  -0.0014 
'X-RAY DIFFRACTION' 6 ? refined -3.7671  7.1612  -3.9875 0.0449 0.0399 0.0335 0.0214 -0.0172 -0.0058 13.8725 0.2901 4.7140  0.3583  3.9253  -0.8925 0.2851  0.3354  -0.1221 0.0084  -0.0230 0.0553  0.0770  0.1586  -0.2622 
'X-RAY DIFFRACTION' 7 ? refined -5.0448  5.3201  2.5741  0.0522 0.0230 0.0502 0.0079 -0.0092 -0.0009 1.8543  0.3463 3.7176  0.0915  2.0590  0.7469  0.0871  -0.0165 -0.0294 0.0624  -0.0244 -0.0026 0.1257  -0.0972 -0.0627 
'X-RAY DIFFRACTION' 8 ? refined 1.1475   -0.8808 5.1748  0.0445 0.0249 0.0444 0.0084 -0.0092 -0.0026 1.5549  2.9732 0.1488  -0.6615 0.3159  0.3369  0.0562  0.0068  -0.0139 -0.0524 -0.0631 0.0902  0.0102  -0.0029 0.0069  
'X-RAY DIFFRACTION' 9 ? refined 7.1486   -8.8980 4.2852  0.0452 0.0253 0.0544 0.0160 -0.0152 -0.0098 1.5235  1.9226 1.3478  1.5161  0.3127  1.0384  0.0043  0.0269  -0.0898 0.0489  0.0615  -0.1147 0.0667  0.0659  -0.0658 
# 
loop_
_pdbx_refine_tls_group.pdbx_refine_id 
_pdbx_refine_tls_group.id 
_pdbx_refine_tls_group.refine_tls_id 
_pdbx_refine_tls_group.beg_auth_asym_id 
_pdbx_refine_tls_group.beg_auth_seq_id 
_pdbx_refine_tls_group.beg_label_asym_id 
_pdbx_refine_tls_group.beg_label_seq_id 
_pdbx_refine_tls_group.end_auth_asym_id 
_pdbx_refine_tls_group.end_auth_seq_id 
_pdbx_refine_tls_group.end_label_asym_id 
_pdbx_refine_tls_group.end_label_seq_id 
_pdbx_refine_tls_group.selection 
_pdbx_refine_tls_group.selection_details 
'X-RAY DIFFRACTION' 1 1 A 91  ? ? A 95  ? ? ? ? 
'X-RAY DIFFRACTION' 2 2 A 96  ? ? A 100 ? ? ? ? 
'X-RAY DIFFRACTION' 3 3 A 101 ? ? A 105 ? ? ? ? 
'X-RAY DIFFRACTION' 4 4 A 106 ? ? A 110 ? ? ? ? 
'X-RAY DIFFRACTION' 5 5 A 111 ? ? A 116 ? ? ? ? 
'X-RAY DIFFRACTION' 6 6 A 117 ? ? A 121 ? ? ? ? 
'X-RAY DIFFRACTION' 7 7 A 122 ? ? A 127 ? ? ? ? 
'X-RAY DIFFRACTION' 8 8 A 128 ? ? A 135 ? ? ? ? 
'X-RAY DIFFRACTION' 9 9 A 136 ? ? A 141 ? ? ? ? 
# 
loop_
_software.name 
_software.version 
_software.date 
_software.type 
_software.contact_author 
_software.contact_author_email 
_software.classification 
_software.location 
_software.language 
_software.citation_id 
_software.pdbx_ordinal 
XSCALE      .               ?               package 'Wolfgang Kabsch'    ?                     'data scaling'    
http://www.mpimf-heidelberg.mpg.de/~kabsch/xds/html_doc/xscale_program.html ?          ? 1 
REFMAC      refmac_5.2.0019 24/04/2001      program 'Garib N. Murshudov' garib@ysbl.york.ac.uk refinement        
http://www.ccp4.ac.uk/dist/html/refmac5.html                                Fortran_77 ? 2 
PDB_EXTRACT 3.006           'June 11, 2008' package PDB                  help@deposit.rcsb.org 'data extraction' 
http://sw-tools.pdb.org/apps/PDB_EXTRACT/                                   C++        ? 3 
# 
loop_
_pdbx_validate_close_contact.id 
_pdbx_validate_close_contact.PDB_model_num 
_pdbx_validate_close_contact.auth_atom_id_1 
_pdbx_validate_close_contact.auth_asym_id_1 
_pdbx_validate_close_contact.auth_comp_id_1 
_pdbx_validate_close_contact.auth_seq_id_1 
_pdbx_validate_close_contact.PDB_ins_code_1 
_pdbx_validate_close_contact.label_alt_id_1 
_pdbx_validate_close_contact.auth_atom_id_2 
_pdbx_validate_close_contact.auth_asym_id_2 
_pdbx_validate_close_contact.auth_comp_id_2 
_pdbx_validate_close_contact.auth_seq_id_2 
_pdbx_validate_close_contact.PDB_ins_code_2 
_pdbx_validate_close_contact.label_alt_id_2 
_pdbx_validate_close_contact.dist 
1 1 OD1 A ASP 111 ? ? O A HOH 84 ? ? 2.06 
2 1 O   A HOH 34  ? ? O A HOH 82 ? ? 2.13 
3 1 O   A HOH 14  ? ? O A HOH 78 ? ? 2.19 
# 
loop_
_pdbx_validate_symm_contact.id 
_pdbx_validate_symm_contact.PDB_model_num 
_pdbx_validate_symm_contact.auth_atom_id_1 
_pdbx_validate_symm_contact.auth_asym_id_1 
_pdbx_validate_symm_contact.auth_comp_id_1 
_pdbx_validate_symm_contact.auth_seq_id_1 
_pdbx_validate_symm_contact.PDB_ins_code_1 
_pdbx_validate_symm_contact.label_alt_id_1 
_pdbx_validate_symm_contact.site_symmetry_1 
_pdbx_validate_symm_contact.auth_atom_id_2 
_pdbx_validate_symm_contact.auth_asym_id_2 
_pdbx_validate_symm_contact.auth_comp_id_2 
_pdbx_validate_symm_contact.auth_seq_id_2 
_pdbx_validate_symm_contact.PDB_ins_code_2 
_pdbx_validate_symm_contact.label_alt_id_2 
_pdbx_validate_symm_contact.site_symmetry_2 
_pdbx_validate_symm_contact.dist 
1 1 O A HOH 65 ? ? 1_555 O A HOH 78 ? ? 3_665 2.13 
2 1 O A HOH 66 ? ? 1_555 O A HOH 81 ? ? 6_765 2.17 
# 
loop_
_pdbx_validate_rmsd_angle.id 
_pdbx_validate_rmsd_angle.PDB_model_num 
_pdbx_validate_rmsd_angle.auth_atom_id_1 
_pdbx_validate_rmsd_angle.auth_asym_id_1 
_pdbx_validate_rmsd_angle.auth_comp_id_1 
_pdbx_validate_rmsd_angle.auth_seq_id_1 
_pdbx_validate_rmsd_angle.PDB_ins_code_1 
_pdbx_validate_rmsd_angle.label_alt_id_1 
_pdbx_validate_rmsd_angle.auth_atom_id_2 
_pdbx_validate_rmsd_angle.auth_asym_id_2 
_pdbx_validate_rmsd_angle.auth_comp_id_2 
_pdbx_validate_rmsd_angle.auth_seq_id_2 
_pdbx_validate_rmsd_angle.PDB_ins_code_2 
_pdbx_validate_rmsd_angle.label_alt_id_2 
_pdbx_validate_rmsd_angle.auth_atom_id_3 
_pdbx_validate_rmsd_angle.auth_asym_id_3 
_pdbx_validate_rmsd_angle.auth_comp_id_3 
_pdbx_validate_rmsd_angle.auth_seq_id_3 
_pdbx_validate_rmsd_angle.PDB_ins_code_3 
_pdbx_validate_rmsd_angle.label_alt_id_3 
_pdbx_validate_rmsd_angle.angle_value 
_pdbx_validate_rmsd_angle.angle_target_value 
_pdbx_validate_rmsd_angle.angle_deviation 
_pdbx_validate_rmsd_angle.angle_standard_deviation 
_pdbx_validate_rmsd_angle.linker_flag 
1 1 NE A ARG 106 ? ? CZ A ARG 106 ? ? NH1 A ARG 106 ? ? 116.16 120.30 -4.14 0.50 N 
2 1 NE A ARG 106 ? ? CZ A ARG 106 ? ? NH2 A ARG 106 ? ? 124.67 120.30 4.37  0.50 N 
3 1 CG A MET 120 ? ? SD A MET 120 ? ? CE  A MET 120 ? ? 110.16 100.20 9.96  1.60 N 
4 1 NE A ARG 136 ? ? CZ A ARG 136 ? ? NH1 A ARG 136 ? ? 117.15 120.30 -3.15 0.50 N 
5 1 NE A ARG 136 ? ? CZ A ARG 136 ? ? NH2 A ARG 136 ? ? 123.83 120.30 3.53  0.50 N 
# 
loop_
_pdbx_unobs_or_zero_occ_atoms.id 
_pdbx_unobs_or_zero_occ_atoms.PDB_model_num 
_pdbx_unobs_or_zero_occ_atoms.polymer_flag 
_pdbx_unobs_or_zero_occ_atoms.occupancy_flag 
_pdbx_unobs_or_zero_occ_atoms.auth_asym_id 
_pdbx_unobs_or_zero_occ_atoms.auth_comp_id 
_pdbx_unobs_or_zero_occ_atoms.auth_seq_id 
_pdbx_unobs_or_zero_occ_atoms.PDB_ins_code 
_pdbx_unobs_or_zero_occ_atoms.auth_atom_id 
_pdbx_unobs_or_zero_occ_atoms.label_alt_id 
_pdbx_unobs_or_zero_occ_atoms.label_asym_id 
_pdbx_unobs_or_zero_occ_atoms.label_comp_id 
_pdbx_unobs_or_zero_occ_atoms.label_seq_id 
_pdbx_unobs_or_zero_occ_atoms.label_atom_id 
1  1 Y 1 A PHE 113 ? CD1 ? A PHE 27 CD1 
2  1 Y 1 A PHE 113 ? CD2 ? A PHE 27 CD2 
3  1 Y 1 A PHE 113 ? CE1 ? A PHE 27 CE1 
4  1 Y 1 A PHE 113 ? CE2 ? A PHE 27 CE2 
5  1 Y 1 A PHE 113 ? CZ  ? A PHE 27 CZ  
6  1 Y 1 A GLU 117 ? OE1 ? A GLU 31 OE1 
7  1 Y 1 A GLU 117 ? OE2 ? A GLU 31 OE2 
8  1 Y 1 A ARG 128 ? CD  ? A ARG 42 CD  
9  1 Y 1 A ARG 128 ? NE  ? A ARG 42 NE  
10 1 Y 1 A ARG 128 ? CZ  ? A ARG 42 CZ  
11 1 Y 1 A ARG 128 ? NH1 ? A ARG 42 NH1 
12 1 Y 1 A ARG 128 ? NH2 ? A ARG 42 NH2 
# 
loop_
_pdbx_unobs_or_zero_occ_residues.id 
_pdbx_unobs_or_zero_occ_residues.PDB_model_num 
_pdbx_unobs_or_zero_occ_residues.polymer_flag 
_pdbx_unobs_or_zero_occ_residues.occupancy_flag 
_pdbx_unobs_or_zero_occ_residues.auth_asym_id 
_pdbx_unobs_or_zero_occ_residues.auth_comp_id 
_pdbx_unobs_or_zero_occ_residues.auth_seq_id 
_pdbx_unobs_or_zero_occ_residues.PDB_ins_code 
_pdbx_unobs_or_zero_occ_residues.label_asym_id 
_pdbx_unobs_or_zero_occ_residues.label_comp_id 
_pdbx_unobs_or_zero_occ_residues.label_seq_id 
1 1 Y 1 A GLY 87  ? A GLY 1  
2 1 Y 1 A SER 88  ? A SER 2  
3 1 Y 1 A HIS 89  ? A HIS 3  
4 1 Y 1 A MET 90  ? A MET 4  
5 1 Y 1 A LYS 142 ? A LYS 56 
6 1 Y 1 A GLN 143 ? A GLN 57 
7 1 Y 1 A GLU 144 ? A GLU 58 
8 1 Y 1 A LYS 145 ? A LYS 59 
9 1 Y 1 A VAL 146 ? A VAL 60 
# 
loop_
_chem_comp_atom.comp_id 
_chem_comp_atom.atom_id 
_chem_comp_atom.type_symbol 
_chem_comp_atom.pdbx_aromatic_flag 
_chem_comp_atom.pdbx_stereo_config 
_chem_comp_atom.pdbx_ordinal 
ALA N    N  N N 1   
ALA CA   C  N S 2   
ALA C    C  N N 3   
ALA O    O  N N 4   
ALA CB   C  N N 5   
ALA OXT  O  N N 6   
ALA H    H  N N 7   
ALA H2   H  N N 8   
ALA HA   H  N N 9   
ALA HB1  H  N N 10  
ALA HB2  H  N N 11  
ALA HB3  H  N N 12  
ALA HXT  H  N N 13  
ARG N    N  N N 14  
ARG CA   C  N S 15  
ARG C    C  N N 16  
ARG O    O  N N 17  
ARG CB   C  N N 18  
ARG CG   C  N N 19  
ARG CD   C  N N 20  
ARG NE   N  N N 21  
ARG CZ   C  N N 22  
ARG NH1  N  N N 23  
ARG NH2  N  N N 24  
ARG OXT  O  N N 25  
ARG H    H  N N 26  
ARG H2   H  N N 27  
ARG HA   H  N N 28  
ARG HB2  H  N N 29  
ARG HB3  H  N N 30  
ARG HG2  H  N N 31  
ARG HG3  H  N N 32  
ARG HD2  H  N N 33  
ARG HD3  H  N N 34  
ARG HE   H  N N 35  
ARG HH11 H  N N 36  
ARG HH12 H  N N 37  
ARG HH21 H  N N 38  
ARG HH22 H  N N 39  
ARG HXT  H  N N 40  
ASN N    N  N N 41  
ASN CA   C  N S 42  
ASN C    C  N N 43  
ASN O    O  N N 44  
ASN CB   C  N N 45  
ASN CG   C  N N 46  
ASN OD1  O  N N 47  
ASN ND2  N  N N 48  
ASN OXT  O  N N 49  
ASN H    H  N N 50  
ASN H2   H  N N 51  
ASN HA   H  N N 52  
ASN HB2  H  N N 53  
ASN HB3  H  N N 54  
ASN HD21 H  N N 55  
ASN HD22 H  N N 56  
ASN HXT  H  N N 57  
ASP N    N  N N 58  
ASP CA   C  N S 59  
ASP C    C  N N 60  
ASP O    O  N N 61  
ASP CB   C  N N 62  
ASP CG   C  N N 63  
ASP OD1  O  N N 64  
ASP OD2  O  N N 65  
ASP OXT  O  N N 66  
ASP H    H  N N 67  
ASP H2   H  N N 68  
ASP HA   H  N N 69  
ASP HB2  H  N N 70  
ASP HB3  H  N N 71  
ASP HD2  H  N N 72  
ASP HXT  H  N N 73  
CD  CD   CD N N 74  
CL  CL   CL N N 75  
GLN N    N  N N 76  
GLN CA   C  N S 77  
GLN C    C  N N 78  
GLN O    O  N N 79  
GLN CB   C  N N 80  
GLN CG   C  N N 81  
GLN CD   C  N N 82  
GLN OE1  O  N N 83  
GLN NE2  N  N N 84  
GLN OXT  O  N N 85  
GLN H    H  N N 86  
GLN H2   H  N N 87  
GLN HA   H  N N 88  
GLN HB2  H  N N 89  
GLN HB3  H  N N 90  
GLN HG2  H  N N 91  
GLN HG3  H  N N 92  
GLN HE21 H  N N 93  
GLN HE22 H  N N 94  
GLN HXT  H  N N 95  
GLU N    N  N N 96  
GLU CA   C  N S 97  
GLU C    C  N N 98  
GLU O    O  N N 99  
GLU CB   C  N N 100 
GLU CG   C  N N 101 
GLU CD   C  N N 102 
GLU OE1  O  N N 103 
GLU OE2  O  N N 104 
GLU OXT  O  N N 105 
GLU H    H  N N 106 
GLU H2   H  N N 107 
GLU HA   H  N N 108 
GLU HB2  H  N N 109 
GLU HB3  H  N N 110 
GLU HG2  H  N N 111 
GLU HG3  H  N N 112 
GLU HE2  H  N N 113 
GLU HXT  H  N N 114 
GLY N    N  N N 115 
GLY CA   C  N N 116 
GLY C    C  N N 117 
GLY O    O  N N 118 
GLY OXT  O  N N 119 
GLY H    H  N N 120 
GLY H2   H  N N 121 
GLY HA2  H  N N 122 
GLY HA3  H  N N 123 
GLY HXT  H  N N 124 
HIS N    N  N N 125 
HIS CA   C  N S 126 
HIS C    C  N N 127 
HIS O    O  N N 128 
HIS CB   C  N N 129 
HIS CG   C  Y N 130 
HIS ND1  N  Y N 131 
HIS CD2  C  Y N 132 
HIS CE1  C  Y N 133 
HIS NE2  N  Y N 134 
HIS OXT  O  N N 135 
HIS H    H  N N 136 
HIS H2   H  N N 137 
HIS HA   H  N N 138 
HIS HB2  H  N N 139 
HIS HB3  H  N N 140 
HIS HD1  H  N N 141 
HIS HD2  H  N N 142 
HIS HE1  H  N N 143 
HIS HE2  H  N N 144 
HIS HXT  H  N N 145 
HOH O    O  N N 146 
HOH H1   H  N N 147 
HOH H2   H  N N 148 
ILE N    N  N N 149 
ILE CA   C  N S 150 
ILE C    C  N N 151 
ILE O    O  N N 152 
ILE CB   C  N S 153 
ILE CG1  C  N N 154 
ILE CG2  C  N N 155 
ILE CD1  C  N N 156 
ILE OXT  O  N N 157 
ILE H    H  N N 158 
ILE H2   H  N N 159 
ILE HA   H  N N 160 
ILE HB   H  N N 161 
ILE HG12 H  N N 162 
ILE HG13 H  N N 163 
ILE HG21 H  N N 164 
ILE HG22 H  N N 165 
ILE HG23 H  N N 166 
ILE HD11 H  N N 167 
ILE HD12 H  N N 168 
ILE HD13 H  N N 169 
ILE HXT  H  N N 170 
LEU N    N  N N 171 
LEU CA   C  N S 172 
LEU C    C  N N 173 
LEU O    O  N N 174 
LEU CB   C  N N 175 
LEU CG   C  N N 176 
LEU CD1  C  N N 177 
LEU CD2  C  N N 178 
LEU OXT  O  N N 179 
LEU H    H  N N 180 
LEU H2   H  N N 181 
LEU HA   H  N N 182 
LEU HB2  H  N N 183 
LEU HB3  H  N N 184 
LEU HG   H  N N 185 
LEU HD11 H  N N 186 
LEU HD12 H  N N 187 
LEU HD13 H  N N 188 
LEU HD21 H  N N 189 
LEU HD22 H  N N 190 
LEU HD23 H  N N 191 
LEU HXT  H  N N 192 
LYS N    N  N N 193 
LYS CA   C  N S 194 
LYS C    C  N N 195 
LYS O    O  N N 196 
LYS CB   C  N N 197 
LYS CG   C  N N 198 
LYS CD   C  N N 199 
LYS CE   C  N N 200 
LYS NZ   N  N N 201 
LYS OXT  O  N N 202 
LYS H    H  N N 203 
LYS H2   H  N N 204 
LYS HA   H  N N 205 
LYS HB2  H  N N 206 
LYS HB3  H  N N 207 
LYS HG2  H  N N 208 
LYS HG3  H  N N 209 
LYS HD2  H  N N 210 
LYS HD3  H  N N 211 
LYS HE2  H  N N 212 
LYS HE3  H  N N 213 
LYS HZ1  H  N N 214 
LYS HZ2  H  N N 215 
LYS HZ3  H  N N 216 
LYS HXT  H  N N 217 
MET N    N  N N 218 
MET CA   C  N S 219 
MET C    C  N N 220 
MET O    O  N N 221 
MET CB   C  N N 222 
MET CG   C  N N 223 
MET SD   S  N N 224 
MET CE   C  N N 225 
MET OXT  O  N N 226 
MET H    H  N N 227 
MET H2   H  N N 228 
MET HA   H  N N 229 
MET HB2  H  N N 230 
MET HB3  H  N N 231 
MET HG2  H  N N 232 
MET HG3  H  N N 233 
MET HE1  H  N N 234 
MET HE2  H  N N 235 
MET HE3  H  N N 236 
MET HXT  H  N N 237 
PHE N    N  N N 238 
PHE CA   C  N S 239 
PHE C    C  N N 240 
PHE O    O  N N 241 
PHE CB   C  N N 242 
PHE CG   C  Y N 243 
PHE CD1  C  Y N 244 
PHE CD2  C  Y N 245 
PHE CE1  C  Y N 246 
PHE CE2  C  Y N 247 
PHE CZ   C  Y N 248 
PHE OXT  O  N N 249 
PHE H    H  N N 250 
PHE H2   H  N N 251 
PHE HA   H  N N 252 
PHE HB2  H  N N 253 
PHE HB3  H  N N 254 
PHE HD1  H  N N 255 
PHE HD2  H  N N 256 
PHE HE1  H  N N 257 
PHE HE2  H  N N 258 
PHE HZ   H  N N 259 
PHE HXT  H  N N 260 
PRO N    N  N N 261 
PRO CA   C  N S 262 
PRO C    C  N N 263 
PRO O    O  N N 264 
PRO CB   C  N N 265 
PRO CG   C  N N 266 
PRO CD   C  N N 267 
PRO OXT  O  N N 268 
PRO H    H  N N 269 
PRO HA   H  N N 270 
PRO HB2  H  N N 271 
PRO HB3  H  N N 272 
PRO HG2  H  N N 273 
PRO HG3  H  N N 274 
PRO HD2  H  N N 275 
PRO HD3  H  N N 276 
PRO HXT  H  N N 277 
SER N    N  N N 278 
SER CA   C  N S 279 
SER C    C  N N 280 
SER O    O  N N 281 
SER CB   C  N N 282 
SER OG   O  N N 283 
SER OXT  O  N N 284 
SER H    H  N N 285 
SER H2   H  N N 286 
SER HA   H  N N 287 
SER HB2  H  N N 288 
SER HB3  H  N N 289 
SER HG   H  N N 290 
SER HXT  H  N N 291 
THR N    N  N N 292 
THR CA   C  N S 293 
THR C    C  N N 294 
THR O    O  N N 295 
THR CB   C  N R 296 
THR OG1  O  N N 297 
THR CG2  C  N N 298 
THR OXT  O  N N 299 
THR H    H  N N 300 
THR H2   H  N N 301 
THR HA   H  N N 302 
THR HB   H  N N 303 
THR HG1  H  N N 304 
THR HG21 H  N N 305 
THR HG22 H  N N 306 
THR HG23 H  N N 307 
THR HXT  H  N N 308 
TRP N    N  N N 309 
TRP CA   C  N S 310 
TRP C    C  N N 311 
TRP O    O  N N 312 
TRP CB   C  N N 313 
TRP CG   C  Y N 314 
TRP CD1  C  Y N 315 
TRP CD2  C  Y N 316 
TRP NE1  N  Y N 317 
TRP CE2  C  Y N 318 
TRP CE3  C  Y N 319 
TRP CZ2  C  Y N 320 
TRP CZ3  C  Y N 321 
TRP CH2  C  Y N 322 
TRP OXT  O  N N 323 
TRP H    H  N N 324 
TRP H2   H  N N 325 
TRP HA   H  N N 326 
TRP HB2  H  N N 327 
TRP HB3  H  N N 328 
TRP HD1  H  N N 329 
TRP HE1  H  N N 330 
TRP HE3  H  N N 331 
TRP HZ2  H  N N 332 
TRP HZ3  H  N N 333 
TRP HH2  H  N N 334 
TRP HXT  H  N N 335 
TYR N    N  N N 336 
TYR CA   C  N S 337 
TYR C    C  N N 338 
TYR O    O  N N 339 
TYR CB   C  N N 340 
TYR CG   C  Y N 341 
TYR CD1  C  Y N 342 
TYR CD2  C  Y N 343 
TYR CE1  C  Y N 344 
TYR CE2  C  Y N 345 
TYR CZ   C  Y N 346 
TYR OH   O  N N 347 
TYR OXT  O  N N 348 
TYR H    H  N N 349 
TYR H2   H  N N 350 
TYR HA   H  N N 351 
TYR HB2  H  N N 352 
TYR HB3  H  N N 353 
TYR HD1  H  N N 354 
TYR HD2  H  N N 355 
TYR HE1  H  N N 356 
TYR HE2  H  N N 357 
TYR HH   H  N N 358 
TYR HXT  H  N N 359 
VAL N    N  N N 360 
VAL CA   C  N S 361 
VAL C    C  N N 362 
VAL O    O  N N 363 
VAL CB   C  N N 364 
VAL CG1  C  N N 365 
VAL CG2  C  N N 366 
VAL OXT  O  N N 367 
VAL H    H  N N 368 
VAL H2   H  N N 369 
VAL HA   H  N N 370 
VAL HB   H  N N 371 
VAL HG11 H  N N 372 
VAL HG12 H  N N 373 
VAL HG13 H  N N 374 
VAL HG21 H  N N 375 
VAL HG22 H  N N 376 
VAL HG23 H  N N 377 
VAL HXT  H  N N 378 
# 
loop_
_chem_comp_bond.comp_id 
_chem_comp_bond.atom_id_1 
_chem_comp_bond.atom_id_2 
_chem_comp_bond.value_order 
_chem_comp_bond.pdbx_aromatic_flag 
_chem_comp_bond.pdbx_stereo_config 
_chem_comp_bond.pdbx_ordinal 
ALA N   CA   sing N N 1   
ALA N   H    sing N N 2   
ALA N   H2   sing N N 3   
ALA CA  C    sing N N 4   
ALA CA  CB   sing N N 5   
ALA CA  HA   sing N N 6   
ALA C   O    doub N N 7   
ALA C   OXT  sing N N 8   
ALA CB  HB1  sing N N 9   
ALA CB  HB2  sing N N 10  
ALA CB  HB3  sing N N 11  
ALA OXT HXT  sing N N 12  
ARG N   CA   sing N N 13  
ARG N   H    sing N N 14  
ARG N   H2   sing N N 15  
ARG CA  C    sing N N 16  
ARG CA  CB   sing N N 17  
ARG CA  HA   sing N N 18  
ARG C   O    doub N N 19  
ARG C   OXT  sing N N 20  
ARG CB  CG   sing N N 21  
ARG CB  HB2  sing N N 22  
ARG CB  HB3  sing N N 23  
ARG CG  CD   sing N N 24  
ARG CG  HG2  sing N N 25  
ARG CG  HG3  sing N N 26  
ARG CD  NE   sing N N 27  
ARG CD  HD2  sing N N 28  
ARG CD  HD3  sing N N 29  
ARG NE  CZ   sing N N 30  
ARG NE  HE   sing N N 31  
ARG CZ  NH1  sing N N 32  
ARG CZ  NH2  doub N N 33  
ARG NH1 HH11 sing N N 34  
ARG NH1 HH12 sing N N 35  
ARG NH2 HH21 sing N N 36  
ARG NH2 HH22 sing N N 37  
ARG OXT HXT  sing N N 38  
ASN N   CA   sing N N 39  
ASN N   H    sing N N 40  
ASN N   H2   sing N N 41  
ASN CA  C    sing N N 42  
ASN CA  CB   sing N N 43  
ASN CA  HA   sing N N 44  
ASN C   O    doub N N 45  
ASN C   OXT  sing N N 46  
ASN CB  CG   sing N N 47  
ASN CB  HB2  sing N N 48  
ASN CB  HB3  sing N N 49  
ASN CG  OD1  doub N N 50  
ASN CG  ND2  sing N N 51  
ASN ND2 HD21 sing N N 52  
ASN ND2 HD22 sing N N 53  
ASN OXT HXT  sing N N 54  
ASP N   CA   sing N N 55  
ASP N   H    sing N N 56  
ASP N   H2   sing N N 57  
ASP CA  C    sing N N 58  
ASP CA  CB   sing N N 59  
ASP CA  HA   sing N N 60  
ASP C   O    doub N N 61  
ASP C   OXT  sing N N 62  
ASP CB  CG   sing N N 63  
ASP CB  HB2  sing N N 64  
ASP CB  HB3  sing N N 65  
ASP CG  OD1  doub N N 66  
ASP CG  OD2  sing N N 67  
ASP OD2 HD2  sing N N 68  
ASP OXT HXT  sing N N 69  
GLN N   CA   sing N N 70  
GLN N   H    sing N N 71  
GLN N   H2   sing N N 72  
GLN CA  C    sing N N 73  
GLN CA  CB   sing N N 74  
GLN CA  HA   sing N N 75  
GLN C   O    doub N N 76  
GLN C   OXT  sing N N 77  
GLN CB  CG   sing N N 78  
GLN CB  HB2  sing N N 79  
GLN CB  HB3  sing N N 80  
GLN CG  CD   sing N N 81  
GLN CG  HG2  sing N N 82  
GLN CG  HG3  sing N N 83  
GLN CD  OE1  doub N N 84  
GLN CD  NE2  sing N N 85  
GLN NE2 HE21 sing N N 86  
GLN NE2 HE22 sing N N 87  
GLN OXT HXT  sing N N 88  
GLU N   CA   sing N N 89  
GLU N   H    sing N N 90  
GLU N   H2   sing N N 91  
GLU CA  C    sing N N 92  
GLU CA  CB   sing N N 93  
GLU CA  HA   sing N N 94  
GLU C   O    doub N N 95  
GLU C   OXT  sing N N 96  
GLU CB  CG   sing N N 97  
GLU CB  HB2  sing N N 98  
GLU CB  HB3  sing N N 99  
GLU CG  CD   sing N N 100 
GLU CG  HG2  sing N N 101 
GLU CG  HG3  sing N N 102 
GLU CD  OE1  doub N N 103 
GLU CD  OE2  sing N N 104 
GLU OE2 HE2  sing N N 105 
GLU OXT HXT  sing N N 106 
GLY N   CA   sing N N 107 
GLY N   H    sing N N 108 
GLY N   H2   sing N N 109 
GLY CA  C    sing N N 110 
GLY CA  HA2  sing N N 111 
GLY CA  HA3  sing N N 112 
GLY C   O    doub N N 113 
GLY C   OXT  sing N N 114 
GLY OXT HXT  sing N N 115 
HIS N   CA   sing N N 116 
HIS N   H    sing N N 117 
HIS N   H2   sing N N 118 
HIS CA  C    sing N N 119 
HIS CA  CB   sing N N 120 
HIS CA  HA   sing N N 121 
HIS C   O    doub N N 122 
HIS C   OXT  sing N N 123 
HIS CB  CG   sing N N 124 
HIS CB  HB2  sing N N 125 
HIS CB  HB3  sing N N 126 
HIS CG  ND1  sing Y N 127 
HIS CG  CD2  doub Y N 128 
HIS ND1 CE1  doub Y N 129 
HIS ND1 HD1  sing N N 130 
HIS CD2 NE2  sing Y N 131 
HIS CD2 HD2  sing N N 132 
HIS CE1 NE2  sing Y N 133 
HIS CE1 HE1  sing N N 134 
HIS NE2 HE2  sing N N 135 
HIS OXT HXT  sing N N 136 
HOH O   H1   sing N N 137 
HOH O   H2   sing N N 138 
ILE N   CA   sing N N 139 
ILE N   H    sing N N 140 
ILE N   H2   sing N N 141 
ILE CA  C    sing N N 142 
ILE CA  CB   sing N N 143 
ILE CA  HA   sing N N 144 
ILE C   O    doub N N 145 
ILE C   OXT  sing N N 146 
ILE CB  CG1  sing N N 147 
ILE CB  CG2  sing N N 148 
ILE CB  HB   sing N N 149 
ILE CG1 CD1  sing N N 150 
ILE CG1 HG12 sing N N 151 
ILE CG1 HG13 sing N N 152 
ILE CG2 HG21 sing N N 153 
ILE CG2 HG22 sing N N 154 
ILE CG2 HG23 sing N N 155 
ILE CD1 HD11 sing N N 156 
ILE CD1 HD12 sing N N 157 
ILE CD1 HD13 sing N N 158 
ILE OXT HXT  sing N N 159 
LEU N   CA   sing N N 160 
LEU N   H    sing N N 161 
LEU N   H2   sing N N 162 
LEU CA  C    sing N N 163 
LEU CA  CB   sing N N 164 
LEU CA  HA   sing N N 165 
LEU C   O    doub N N 166 
LEU C   OXT  sing N N 167 
LEU CB  CG   sing N N 168 
LEU CB  HB2  sing N N 169 
LEU CB  HB3  sing N N 170 
LEU CG  CD1  sing N N 171 
LEU CG  CD2  sing N N 172 
LEU CG  HG   sing N N 173 
LEU CD1 HD11 sing N N 174 
LEU CD1 HD12 sing N N 175 
LEU CD1 HD13 sing N N 176 
LEU CD2 HD21 sing N N 177 
LEU CD2 HD22 sing N N 178 
LEU CD2 HD23 sing N N 179 
LEU OXT HXT  sing N N 180 
LYS N   CA   sing N N 181 
LYS N   H    sing N N 182 
LYS N   H2   sing N N 183 
LYS CA  C    sing N N 184 
LYS CA  CB   sing N N 185 
LYS CA  HA   sing N N 186 
LYS C   O    doub N N 187 
LYS C   OXT  sing N N 188 
LYS CB  CG   sing N N 189 
LYS CB  HB2  sing N N 190 
LYS CB  HB3  sing N N 191 
LYS CG  CD   sing N N 192 
LYS CG  HG2  sing N N 193 
LYS CG  HG3  sing N N 194 
LYS CD  CE   sing N N 195 
LYS CD  HD2  sing N N 196 
LYS CD  HD3  sing N N 197 
LYS CE  NZ   sing N N 198 
LYS CE  HE2  sing N N 199 
LYS CE  HE3  sing N N 200 
LYS NZ  HZ1  sing N N 201 
LYS NZ  HZ2  sing N N 202 
LYS NZ  HZ3  sing N N 203 
LYS OXT HXT  sing N N 204 
MET N   CA   sing N N 205 
MET N   H    sing N N 206 
MET N   H2   sing N N 207 
MET CA  C    sing N N 208 
MET CA  CB   sing N N 209 
MET CA  HA   sing N N 210 
MET C   O    doub N N 211 
MET C   OXT  sing N N 212 
MET CB  CG   sing N N 213 
MET CB  HB2  sing N N 214 
MET CB  HB3  sing N N 215 
MET CG  SD   sing N N 216 
MET CG  HG2  sing N N 217 
MET CG  HG3  sing N N 218 
MET SD  CE   sing N N 219 
MET CE  HE1  sing N N 220 
MET CE  HE2  sing N N 221 
MET CE  HE3  sing N N 222 
MET OXT HXT  sing N N 223 
PHE N   CA   sing N N 224 
PHE N   H    sing N N 225 
PHE N   H2   sing N N 226 
PHE CA  C    sing N N 227 
PHE CA  CB   sing N N 228 
PHE CA  HA   sing N N 229 
PHE C   O    doub N N 230 
PHE C   OXT  sing N N 231 
PHE CB  CG   sing N N 232 
PHE CB  HB2  sing N N 233 
PHE CB  HB3  sing N N 234 
PHE CG  CD1  doub Y N 235 
PHE CG  CD2  sing Y N 236 
PHE CD1 CE1  sing Y N 237 
PHE CD1 HD1  sing N N 238 
PHE CD2 CE2  doub Y N 239 
PHE CD2 HD2  sing N N 240 
PHE CE1 CZ   doub Y N 241 
PHE CE1 HE1  sing N N 242 
PHE CE2 CZ   sing Y N 243 
PHE CE2 HE2  sing N N 244 
PHE CZ  HZ   sing N N 245 
PHE OXT HXT  sing N N 246 
PRO N   CA   sing N N 247 
PRO N   CD   sing N N 248 
PRO N   H    sing N N 249 
PRO CA  C    sing N N 250 
PRO CA  CB   sing N N 251 
PRO CA  HA   sing N N 252 
PRO C   O    doub N N 253 
PRO C   OXT  sing N N 254 
PRO CB  CG   sing N N 255 
PRO CB  HB2  sing N N 256 
PRO CB  HB3  sing N N 257 
PRO CG  CD   sing N N 258 
PRO CG  HG2  sing N N 259 
PRO CG  HG3  sing N N 260 
PRO CD  HD2  sing N N 261 
PRO CD  HD3  sing N N 262 
PRO OXT HXT  sing N N 263 
SER N   CA   sing N N 264 
SER N   H    sing N N 265 
SER N   H2   sing N N 266 
SER CA  C    sing N N 267 
SER CA  CB   sing N N 268 
SER CA  HA   sing N N 269 
SER C   O    doub N N 270 
SER C   OXT  sing N N 271 
SER CB  OG   sing N N 272 
SER CB  HB2  sing N N 273 
SER CB  HB3  sing N N 274 
SER OG  HG   sing N N 275 
SER OXT HXT  sing N N 276 
THR N   CA   sing N N 277 
THR N   H    sing N N 278 
THR N   H2   sing N N 279 
THR CA  C    sing N N 280 
THR CA  CB   sing N N 281 
THR CA  HA   sing N N 282 
THR C   O    doub N N 283 
THR C   OXT  sing N N 284 
THR CB  OG1  sing N N 285 
THR CB  CG2  sing N N 286 
THR CB  HB   sing N N 287 
THR OG1 HG1  sing N N 288 
THR CG2 HG21 sing N N 289 
THR CG2 HG22 sing N N 290 
THR CG2 HG23 sing N N 291 
THR OXT HXT  sing N N 292 
TRP N   CA   sing N N 293 
TRP N   H    sing N N 294 
TRP N   H2   sing N N 295 
TRP CA  C    sing N N 296 
TRP CA  CB   sing N N 297 
TRP CA  HA   sing N N 298 
TRP C   O    doub N N 299 
TRP C   OXT  sing N N 300 
TRP CB  CG   sing N N 301 
TRP CB  HB2  sing N N 302 
TRP CB  HB3  sing N N 303 
TRP CG  CD1  doub Y N 304 
TRP CG  CD2  sing Y N 305 
TRP CD1 NE1  sing Y N 306 
TRP CD1 HD1  sing N N 307 
TRP CD2 CE2  doub Y N 308 
TRP CD2 CE3  sing Y N 309 
TRP NE1 CE2  sing Y N 310 
TRP NE1 HE1  sing N N 311 
TRP CE2 CZ2  sing Y N 312 
TRP CE3 CZ3  doub Y N 313 
TRP CE3 HE3  sing N N 314 
TRP CZ2 CH2  doub Y N 315 
TRP CZ2 HZ2  sing N N 316 
TRP CZ3 CH2  sing Y N 317 
TRP CZ3 HZ3  sing N N 318 
TRP CH2 HH2  sing N N 319 
TRP OXT HXT  sing N N 320 
TYR N   CA   sing N N 321 
TYR N   H    sing N N 322 
TYR N   H2   sing N N 323 
TYR CA  C    sing N N 324 
TYR CA  CB   sing N N 325 
TYR CA  HA   sing N N 326 
TYR C   O    doub N N 327 
TYR C   OXT  sing N N 328 
TYR CB  CG   sing N N 329 
TYR CB  HB2  sing N N 330 
TYR CB  HB3  sing N N 331 
TYR CG  CD1  doub Y N 332 
TYR CG  CD2  sing Y N 333 
TYR CD1 CE1  sing Y N 334 
TYR CD1 HD1  sing N N 335 
TYR CD2 CE2  doub Y N 336 
TYR CD2 HD2  sing N N 337 
TYR CE1 CZ   doub Y N 338 
TYR CE1 HE1  sing N N 339 
TYR CE2 CZ   sing Y N 340 
TYR CE2 HE2  sing N N 341 
TYR CZ  OH   sing N N 342 
TYR OH  HH   sing N N 343 
TYR OXT HXT  sing N N 344 
VAL N   CA   sing N N 345 
VAL N   H    sing N N 346 
VAL N   H2   sing N N 347 
VAL CA  C    sing N N 348 
VAL CA  CB   sing N N 349 
VAL CA  HA   sing N N 350 
VAL C   O    doub N N 351 
VAL C   OXT  sing N N 352 
VAL CB  CG1  sing N N 353 
VAL CB  CG2  sing N N 354 
VAL CB  HB   sing N N 355 
VAL CG1 HG11 sing N N 356 
VAL CG1 HG12 sing N N 357 
VAL CG1 HG13 sing N N 358 
VAL CG2 HG21 sing N N 359 
VAL CG2 HG22 sing N N 360 
VAL CG2 HG23 sing N N 361 
VAL OXT HXT  sing N N 362 
# 
loop_
_pdbx_entity_nonpoly.entity_id 
_pdbx_entity_nonpoly.name 
_pdbx_entity_nonpoly.comp_id 
2 'CADMIUM ION'  CD  
3 'CHLORIDE ION' CL  
4 water          HOH 
# 
_pdbx_initial_refinement_model.id               1 
_pdbx_initial_refinement_model.entity_id_list   ? 
_pdbx_initial_refinement_model.type             'experimental model' 
_pdbx_initial_refinement_model.source_name      PDB 
_pdbx_initial_refinement_model.accession_code   1FJL 
_pdbx_initial_refinement_model.details          'PDB ENTRY 1FJL' 
# 
